data_1ZXY
#
_entry.id   1ZXY
#
_cell.length_a   92.694
_cell.length_b   65.806
_cell.length_c   116.722
_cell.angle_alpha   90.00
_cell.angle_beta   107.80
_cell.angle_gamma   90.00
#
_symmetry.space_group_name_H-M   'P 1 2 1'
#
loop_
_entity.id
_entity.type
_entity.pdbx_description
1 polymer 'Anthranilate phosphoribosyltransferase'
2 non-polymer 'MAGNESIUM ION'
3 non-polymer 1-O-pyrophosphono-5-O-phosphono-alpha-D-ribofuranose
4 water water
#
_entity_poly.entity_id   1
_entity_poly.type   'polypeptide(L)'
_entity_poly.pdbx_seq_one_letter_code
;MNINEILKKLINKSDLEINEAEELAKAIIRGEVPEILVSAILVALRMKGESKNEIVGFARAMRELAIKIDVPNAIDTAGT
GGDGLGTVNVSTASAILLSLVNPVAKHGNRAVSGKSGSADVLEALGYNIIVPPERAKELVNKTNFVFLFAQYYHPAMKNV
ANVRKTLGIRTIFNILGPLTNPANAKYQLMGVFSKDHLDLLSKSAYELDFNKIILVYGEPGIDEVSPIGNTFMKIVSKRG
IEEVKLNVTDFGISPIPIEKLIVNSAEDSAIKIVRAFLGKDEHVAEFIKINTAVALFALDRVGDFREGYEYADHLIEKSL
DKLNEIISMNGDVTKLKTIVVKSSG
;
_entity_poly.pdbx_strand_id   A,B,C,D
#
loop_
_chem_comp.id
_chem_comp.type
_chem_comp.name
_chem_comp.formula
MG non-polymer 'MAGNESIUM ION' 'Mg 2'
PRP D-saccharide 1-O-pyrophosphono-5-O-phosphono-alpha-D-ribofuranose 'C5 H13 O14 P3'
#
# COMPACT_ATOMS: atom_id res chain seq x y z
N MET A 1 -14.25 -5.25 18.88
CA MET A 1 -13.35 -5.72 19.97
C MET A 1 -13.58 -7.20 20.22
N ASN A 2 -12.65 -8.03 19.73
CA ASN A 2 -12.75 -9.48 19.90
C ASN A 2 -11.91 -9.90 21.10
N ILE A 3 -12.59 -10.41 22.12
CA ILE A 3 -11.91 -10.86 23.33
C ILE A 3 -10.80 -11.85 22.99
N ASN A 4 -11.13 -12.80 22.10
CA ASN A 4 -10.19 -13.84 21.73
C ASN A 4 -8.96 -13.35 21.00
N GLU A 5 -9.14 -12.49 20.02
CA GLU A 5 -8.00 -11.96 19.28
C GLU A 5 -7.07 -11.25 20.26
N ILE A 6 -7.66 -10.47 21.15
CA ILE A 6 -6.91 -9.74 22.15
C ILE A 6 -6.10 -10.71 23.00
N LEU A 7 -6.78 -11.68 23.60
CA LEU A 7 -6.09 -12.65 24.44
C LEU A 7 -4.93 -13.32 23.71
N LYS A 8 -5.19 -13.85 22.52
CA LYS A 8 -4.15 -14.51 21.75
C LYS A 8 -3.01 -13.57 21.45
N LYS A 9 -3.32 -12.28 21.35
CA LYS A 9 -2.31 -11.27 21.07
C LYS A 9 -1.39 -11.08 22.28
N LEU A 10 -1.98 -11.07 23.47
CA LEU A 10 -1.22 -10.90 24.69
C LEU A 10 -0.39 -12.14 24.95
N ILE A 11 -0.98 -13.31 24.73
CA ILE A 11 -0.27 -14.58 24.95
C ILE A 11 1.01 -14.61 24.13
N ASN A 12 0.96 -14.01 22.95
CA ASN A 12 2.14 -13.96 22.09
C ASN A 12 3.07 -12.81 22.49
N LYS A 13 2.75 -12.18 23.61
CA LYS A 13 3.56 -11.08 24.15
C LYS A 13 3.64 -9.85 23.24
N SER A 14 2.53 -9.52 22.61
CA SER A 14 2.46 -8.35 21.74
C SER A 14 1.68 -7.30 22.50
N ASP A 15 2.19 -6.08 22.50
CA ASP A 15 1.52 -5.00 23.21
C ASP A 15 0.30 -4.59 22.40
N LEU A 16 -0.73 -4.13 23.10
CA LEU A 16 -1.96 -3.69 22.43
C LEU A 16 -1.79 -2.25 21.99
N GLU A 17 -2.76 -1.75 21.23
CA GLU A 17 -2.73 -0.36 20.81
C GLU A 17 -3.57 0.30 21.89
N ILE A 18 -3.40 1.59 22.11
CA ILE A 18 -4.19 2.29 23.13
C ILE A 18 -5.69 2.01 23.01
N ASN A 19 -6.22 2.07 21.79
CA ASN A 19 -7.64 1.84 21.57
C ASN A 19 -8.09 0.41 21.85
N GLU A 20 -7.26 -0.56 21.51
CA GLU A 20 -7.61 -1.95 21.78
C GLU A 20 -7.72 -2.09 23.28
N ALA A 21 -6.70 -1.59 23.97
CA ALA A 21 -6.64 -1.63 25.41
C ALA A 21 -7.82 -0.94 26.06
N GLU A 22 -8.20 0.23 25.55
CA GLU A 22 -9.32 0.97 26.11
C GLU A 22 -10.67 0.29 25.88
N GLU A 23 -10.83 -0.32 24.72
CA GLU A 23 -12.08 -1.02 24.47
C GLU A 23 -12.07 -2.25 25.38
N LEU A 24 -10.92 -2.92 25.43
CA LEU A 24 -10.76 -4.09 26.27
C LEU A 24 -11.12 -3.76 27.73
N ALA A 25 -10.49 -2.71 28.24
CA ALA A 25 -10.74 -2.25 29.59
C ALA A 25 -12.22 -1.98 29.74
N LYS A 26 -12.79 -1.21 28.83
CA LYS A 26 -14.22 -0.89 28.89
C LYS A 26 -15.12 -2.12 29.00
N ALA A 27 -14.77 -3.18 28.31
CA ALA A 27 -15.59 -4.38 28.38
C ALA A 27 -15.49 -5.02 29.76
N ILE A 28 -14.26 -5.16 30.24
CA ILE A 28 -14.03 -5.77 31.54
C ILE A 28 -14.70 -5.02 32.68
N ILE A 29 -14.47 -3.72 32.74
CA ILE A 29 -15.04 -2.90 33.80
C ILE A 29 -16.55 -2.82 33.69
N ARG A 30 -17.09 -3.12 32.52
CA ARG A 30 -18.55 -3.08 32.36
C ARG A 30 -19.20 -4.36 32.84
N GLY A 31 -18.46 -5.46 32.85
CA GLY A 31 -19.02 -6.72 33.31
C GLY A 31 -19.45 -7.58 32.15
N GLU A 32 -19.02 -7.20 30.95
CA GLU A 32 -19.36 -7.94 29.76
C GLU A 32 -18.30 -8.96 29.30
N VAL A 33 -17.44 -9.39 30.22
CA VAL A 33 -16.43 -10.39 29.87
C VAL A 33 -16.37 -11.45 30.96
N PRO A 34 -16.58 -12.72 30.59
CA PRO A 34 -16.55 -13.86 31.52
C PRO A 34 -15.29 -13.85 32.39
N GLU A 35 -15.46 -14.10 33.69
CA GLU A 35 -14.34 -14.12 34.64
C GLU A 35 -13.15 -14.93 34.14
N ILE A 36 -13.40 -16.11 33.57
CA ILE A 36 -12.29 -16.90 33.08
C ILE A 36 -11.42 -16.07 32.15
N LEU A 37 -12.05 -15.27 31.30
CA LEU A 37 -11.30 -14.44 30.37
C LEU A 37 -10.69 -13.20 31.03
N VAL A 38 -11.35 -12.66 32.05
CA VAL A 38 -10.76 -11.49 32.71
C VAL A 38 -9.50 -11.96 33.43
N SER A 39 -9.61 -13.12 34.09
CA SER A 39 -8.46 -13.69 34.79
C SER A 39 -7.36 -13.93 33.77
N ALA A 40 -7.68 -14.61 32.68
CA ALA A 40 -6.69 -14.90 31.65
C ALA A 40 -5.97 -13.65 31.20
N ILE A 41 -6.77 -12.62 30.91
CA ILE A 41 -6.25 -11.35 30.43
C ILE A 41 -5.36 -10.64 31.45
N LEU A 42 -5.83 -10.50 32.68
CA LEU A 42 -5.04 -9.85 33.69
C LEU A 42 -3.73 -10.60 33.92
N VAL A 43 -3.78 -11.93 33.80
CA VAL A 43 -2.58 -12.74 33.98
C VAL A 43 -1.64 -12.64 32.78
N ALA A 44 -2.22 -12.51 31.59
CA ALA A 44 -1.40 -12.40 30.38
C ALA A 44 -0.64 -11.09 30.41
N LEU A 45 -1.40 -10.02 30.68
CA LEU A 45 -0.90 -8.66 30.77
C LEU A 45 0.27 -8.59 31.73
N ARG A 46 0.13 -9.23 32.89
CA ARG A 46 1.21 -9.18 33.87
C ARG A 46 2.48 -9.91 33.44
N MET A 47 2.33 -11.11 32.90
CA MET A 47 3.49 -11.87 32.47
C MET A 47 4.13 -11.29 31.23
N LYS A 48 3.38 -10.50 30.48
CA LYS A 48 3.98 -9.89 29.30
C LYS A 48 4.71 -8.65 29.81
N GLY A 49 4.11 -8.03 30.82
CA GLY A 49 4.65 -6.80 31.37
C GLY A 49 3.84 -5.75 30.64
N GLU A 50 2.97 -5.04 31.36
CA GLU A 50 2.13 -4.04 30.73
C GLU A 50 2.92 -2.93 30.06
N SER A 51 2.43 -2.45 28.92
CA SER A 51 3.10 -1.38 28.20
C SER A 51 2.35 -0.06 28.35
N LYS A 52 2.96 1.00 27.84
CA LYS A 52 2.40 2.35 27.92
C LYS A 52 0.96 2.43 27.39
N ASN A 53 0.77 2.06 26.13
CA ASN A 53 -0.57 2.11 25.52
C ASN A 53 -1.59 1.42 26.40
N GLU A 54 -1.22 0.25 26.93
CA GLU A 54 -2.09 -0.53 27.79
C GLU A 54 -2.52 0.25 29.00
N ILE A 55 -1.56 0.88 29.69
CA ILE A 55 -1.87 1.71 30.87
C ILE A 55 -2.81 2.82 30.39
N VAL A 56 -2.34 3.58 29.41
CA VAL A 56 -3.12 4.68 28.85
C VAL A 56 -4.51 4.20 28.50
N GLY A 57 -4.57 3.06 27.84
CA GLY A 57 -5.86 2.51 27.45
C GLY A 57 -6.79 2.28 28.61
N PHE A 58 -6.32 1.54 29.62
CA PHE A 58 -7.12 1.25 30.80
C PHE A 58 -7.50 2.51 31.58
N ALA A 59 -6.53 3.42 31.75
CA ALA A 59 -6.79 4.66 32.49
C ALA A 59 -7.96 5.38 31.86
N ARG A 60 -7.88 5.60 30.55
CA ARG A 60 -8.96 6.29 29.85
C ARG A 60 -10.29 5.57 30.03
N ALA A 61 -10.26 4.25 30.03
CA ALA A 61 -11.49 3.51 30.22
C ALA A 61 -12.06 3.81 31.60
N MET A 62 -11.23 3.66 32.64
CA MET A 62 -11.67 3.92 34.01
C MET A 62 -12.17 5.34 34.25
N ARG A 63 -11.50 6.33 33.69
CA ARG A 63 -11.94 7.70 33.86
C ARG A 63 -13.36 7.77 33.33
N GLU A 64 -13.54 7.30 32.10
CA GLU A 64 -14.84 7.30 31.46
C GLU A 64 -15.96 6.72 32.31
N LEU A 65 -15.74 5.53 32.87
CA LEU A 65 -16.76 4.87 33.68
C LEU A 65 -16.90 5.37 35.10
N ALA A 66 -15.96 6.21 35.52
CA ALA A 66 -15.97 6.70 36.88
C ALA A 66 -16.90 7.89 37.11
N ILE A 67 -17.40 8.00 38.34
CA ILE A 67 -18.26 9.11 38.72
C ILE A 67 -17.31 10.30 38.79
N LYS A 68 -17.66 11.37 38.09
CA LYS A 68 -16.80 12.53 38.04
C LYS A 68 -17.38 13.83 38.59
N ILE A 69 -16.49 14.81 38.70
CA ILE A 69 -16.80 16.17 39.13
C ILE A 69 -15.72 16.96 38.39
N ASP A 70 -15.92 18.25 38.22
CA ASP A 70 -14.96 19.03 37.45
C ASP A 70 -14.17 20.07 38.24
N VAL A 71 -12.91 19.76 38.53
CA VAL A 71 -12.02 20.65 39.26
C VAL A 71 -10.60 20.43 38.73
N PRO A 72 -10.41 20.62 37.41
CA PRO A 72 -9.12 20.45 36.75
C PRO A 72 -7.96 21.23 37.36
N ASN A 73 -8.27 22.39 37.91
CA ASN A 73 -7.29 23.27 38.54
C ASN A 73 -6.76 22.68 39.85
N ALA A 74 -7.38 21.61 40.33
CA ALA A 74 -6.98 20.98 41.59
C ALA A 74 -5.71 20.16 41.50
N ILE A 75 -5.20 19.79 42.67
CA ILE A 75 -4.00 18.96 42.74
C ILE A 75 -4.30 17.76 43.64
N ASP A 76 -3.70 16.62 43.31
CA ASP A 76 -3.86 15.38 44.06
C ASP A 76 -2.46 14.87 44.41
N THR A 77 -2.34 14.13 45.50
CA THR A 77 -1.03 13.58 45.91
C THR A 77 -1.07 12.07 46.14
N ALA A 78 -1.99 11.40 45.47
CA ALA A 78 -2.12 9.96 45.64
C ALA A 78 -0.99 9.16 44.99
N GLY A 79 -0.57 8.10 45.64
CA GLY A 79 0.47 7.26 45.07
C GLY A 79 -0.15 5.89 44.79
N THR A 80 0.54 5.06 44.02
CA THR A 80 0.03 3.72 43.70
C THR A 80 -0.07 2.83 44.94
N GLY A 81 0.83 3.02 45.89
CA GLY A 81 0.80 2.19 47.08
C GLY A 81 1.54 0.90 46.79
N GLY A 82 1.37 -0.10 47.67
CA GLY A 82 2.04 -1.37 47.47
C GLY A 82 3.39 -1.58 48.15
N ASP A 83 4.00 -0.55 48.74
CA ASP A 83 5.29 -0.73 49.40
C ASP A 83 5.17 -1.48 50.71
N GLY A 84 3.98 -1.44 51.30
CA GLY A 84 3.69 -2.15 52.54
C GLY A 84 4.55 -2.00 53.79
N LEU A 85 5.29 -0.89 53.92
CA LEU A 85 6.15 -0.68 55.08
C LEU A 85 5.39 0.05 56.19
N GLY A 86 4.11 0.28 55.98
CA GLY A 86 3.28 0.96 56.96
C GLY A 86 3.70 2.37 57.38
N THR A 87 4.29 3.15 56.47
CA THR A 87 4.70 4.50 56.84
C THR A 87 3.46 5.35 57.12
N VAL A 88 3.69 6.48 57.77
CA VAL A 88 2.62 7.41 58.10
C VAL A 88 1.97 7.90 56.80
N ASN A 89 0.70 8.27 56.88
CA ASN A 89 -0.04 8.74 55.71
C ASN A 89 0.37 10.12 55.18
N VAL A 90 1.62 10.22 54.71
CA VAL A 90 2.21 11.44 54.19
C VAL A 90 1.42 12.30 53.22
N SER A 91 1.25 11.80 51.99
CA SER A 91 0.55 12.58 50.99
C SER A 91 -0.80 13.07 51.45
N THR A 92 -1.48 12.34 52.34
CA THR A 92 -2.75 12.83 52.84
C THR A 92 -2.48 14.11 53.65
N ALA A 93 -1.53 14.01 54.57
CA ALA A 93 -1.14 15.13 55.42
C ALA A 93 -0.71 16.25 54.52
N SER A 94 0.12 15.89 53.55
CA SER A 94 0.65 16.82 52.59
C SER A 94 -0.48 17.48 51.81
N ALA A 95 -1.60 16.77 51.65
CA ALA A 95 -2.76 17.31 50.92
C ALA A 95 -3.43 18.41 51.73
N ILE A 96 -3.28 18.34 53.05
CA ILE A 96 -3.85 19.35 53.92
C ILE A 96 -3.06 20.67 53.77
N LEU A 97 -1.73 20.58 53.65
CA LEU A 97 -0.96 21.83 53.51
C LEU A 97 -1.25 22.48 52.17
N LEU A 98 -1.36 21.67 51.11
CA LEU A 98 -1.61 22.20 49.78
C LEU A 98 -2.94 22.94 49.64
N SER A 99 -3.97 22.46 50.31
CA SER A 99 -5.29 23.07 50.22
C SER A 99 -5.31 24.52 50.72
N LEU A 100 -4.26 24.91 51.42
CA LEU A 100 -4.14 26.25 51.97
C LEU A 100 -3.89 27.27 50.84
N VAL A 101 -3.31 26.80 49.74
CA VAL A 101 -2.98 27.68 48.62
C VAL A 101 -3.34 27.14 47.24
N ASN A 102 -4.24 26.17 47.19
CA ASN A 102 -4.68 25.60 45.92
C ASN A 102 -5.71 24.50 46.17
N PRO A 103 -6.77 24.43 45.36
CA PRO A 103 -7.79 23.41 45.55
C PRO A 103 -7.20 21.99 45.52
N VAL A 104 -7.59 21.18 46.49
CA VAL A 104 -7.06 19.84 46.56
C VAL A 104 -8.13 18.75 46.48
N ALA A 105 -7.96 17.85 45.52
CA ALA A 105 -8.87 16.73 45.33
C ALA A 105 -8.12 15.43 45.65
N LYS A 106 -8.10 15.06 46.92
CA LYS A 106 -7.39 13.87 47.35
C LYS A 106 -8.10 12.56 47.06
N HIS A 107 -7.53 11.77 46.15
CA HIS A 107 -8.11 10.49 45.78
C HIS A 107 -7.45 9.36 46.58
N GLY A 108 -8.26 8.44 47.09
CA GLY A 108 -7.69 7.34 47.86
C GLY A 108 -8.67 6.29 48.35
N ASN A 109 -8.10 5.23 48.91
CA ASN A 109 -8.86 4.11 49.45
C ASN A 109 -8.41 3.82 50.89
N ARG A 110 -9.04 2.83 51.50
CA ARG A 110 -8.65 2.43 52.85
C ARG A 110 -7.42 1.53 52.69
N ALA A 111 -6.82 1.16 53.81
CA ALA A 111 -5.63 0.34 53.82
C ALA A 111 -5.75 -1.06 53.24
N VAL A 112 -4.74 -1.43 52.45
CA VAL A 112 -4.66 -2.76 51.85
C VAL A 112 -3.57 -3.50 52.63
N SER A 113 -2.51 -2.76 52.98
CA SER A 113 -1.39 -3.32 53.75
C SER A 113 -1.27 -2.58 55.09
N GLY A 114 -1.63 -3.25 56.18
CA GLY A 114 -1.56 -2.64 57.50
C GLY A 114 -2.89 -2.01 57.83
N LYS A 115 -2.90 -0.68 57.96
CA LYS A 115 -4.14 0.03 58.24
C LYS A 115 -3.89 1.53 58.23
N SER A 116 -2.85 1.92 57.51
CA SER A 116 -2.48 3.32 57.39
C SER A 116 -2.99 3.76 56.03
N GLY A 117 -4.26 3.54 55.78
CA GLY A 117 -4.82 3.95 54.49
C GLY A 117 -5.25 5.40 54.50
N SER A 118 -5.08 6.07 53.37
CA SER A 118 -5.48 7.46 53.25
C SER A 118 -6.90 7.69 53.78
N ALA A 119 -7.83 6.80 53.42
CA ALA A 119 -9.20 6.96 53.88
C ALA A 119 -9.36 6.66 55.37
N ASP A 120 -8.43 5.89 55.92
CA ASP A 120 -8.51 5.54 57.34
C ASP A 120 -8.08 6.68 58.27
N VAL A 121 -7.01 7.39 57.94
CA VAL A 121 -6.59 8.50 58.80
C VAL A 121 -7.67 9.56 58.79
N LEU A 122 -8.13 9.92 57.59
CA LEU A 122 -9.16 10.93 57.46
C LEU A 122 -10.34 10.58 58.36
N GLU A 123 -10.64 9.30 58.44
CA GLU A 123 -11.75 8.85 59.27
C GLU A 123 -11.33 9.01 60.72
N ALA A 124 -10.18 8.45 61.08
CA ALA A 124 -9.69 8.54 62.45
C ALA A 124 -9.67 10.01 62.91
N LEU A 125 -9.44 10.91 61.97
CA LEU A 125 -9.37 12.34 62.25
C LEU A 125 -10.72 13.04 62.46
N GLY A 126 -11.82 12.41 62.05
CA GLY A 126 -13.12 13.04 62.22
C GLY A 126 -13.82 13.39 60.91
N TYR A 127 -13.09 13.26 59.81
CA TYR A 127 -13.61 13.54 58.48
C TYR A 127 -14.53 12.43 58.00
N ASN A 128 -15.61 12.79 57.31
CA ASN A 128 -16.54 11.81 56.76
C ASN A 128 -16.08 11.47 55.35
N ILE A 129 -15.28 10.43 55.24
CA ILE A 129 -14.69 10.02 53.97
C ILE A 129 -15.65 9.65 52.83
N ILE A 130 -16.92 9.41 53.13
CA ILE A 130 -17.86 9.09 52.06
C ILE A 130 -18.62 10.33 51.65
N VAL A 131 -18.15 10.95 50.58
CA VAL A 131 -18.73 12.20 50.07
C VAL A 131 -19.42 12.05 48.71
N PRO A 132 -20.73 12.38 48.63
CA PRO A 132 -21.44 12.28 47.35
C PRO A 132 -20.84 13.34 46.44
N PRO A 133 -20.81 13.08 45.12
CA PRO A 133 -20.25 14.02 44.13
C PRO A 133 -20.81 15.44 44.13
N GLU A 134 -22.12 15.59 44.26
CA GLU A 134 -22.68 16.93 44.26
C GLU A 134 -22.14 17.73 45.44
N ARG A 135 -21.97 17.06 46.57
CA ARG A 135 -21.44 17.71 47.76
C ARG A 135 -19.94 17.95 47.60
N ALA A 136 -19.25 16.97 47.05
CA ALA A 136 -17.81 17.06 46.84
C ALA A 136 -17.40 18.38 46.23
N LYS A 137 -18.12 18.82 45.20
CA LYS A 137 -17.77 20.08 44.56
C LYS A 137 -17.99 21.25 45.50
N GLU A 138 -19.12 21.25 46.21
CA GLU A 138 -19.40 22.33 47.15
C GLU A 138 -18.26 22.48 48.16
N LEU A 139 -17.81 21.36 48.73
CA LEU A 139 -16.75 21.36 49.73
C LEU A 139 -15.44 21.97 49.24
N VAL A 140 -14.98 21.56 48.06
CA VAL A 140 -13.74 22.07 47.50
C VAL A 140 -13.81 23.58 47.28
N ASN A 141 -15.03 24.09 47.14
CA ASN A 141 -15.22 25.52 46.94
C ASN A 141 -15.15 26.26 48.26
N LYS A 142 -15.77 25.68 49.28
CA LYS A 142 -15.82 26.28 50.59
C LYS A 142 -14.58 26.07 51.45
N THR A 143 -13.92 24.92 51.28
CA THR A 143 -12.75 24.61 52.07
C THR A 143 -11.51 24.35 51.24
N ASN A 144 -11.70 24.27 49.93
CA ASN A 144 -10.59 24.02 49.01
C ASN A 144 -10.04 22.60 49.15
N PHE A 145 -10.86 21.70 49.69
CA PHE A 145 -10.39 20.33 49.89
C PHE A 145 -11.49 19.30 49.98
N VAL A 146 -11.37 18.23 49.19
CA VAL A 146 -12.33 17.14 49.29
C VAL A 146 -11.57 15.83 49.12
N PHE A 147 -12.05 14.80 49.80
CA PHE A 147 -11.43 13.47 49.66
C PHE A 147 -12.37 12.63 48.80
N LEU A 148 -11.85 12.12 47.68
CA LEU A 148 -12.65 11.29 46.78
C LEU A 148 -12.38 9.81 47.04
N PHE A 149 -13.27 9.19 47.80
CA PHE A 149 -13.16 7.78 48.15
C PHE A 149 -13.33 6.88 46.93
N ALA A 150 -12.22 6.34 46.42
CA ALA A 150 -12.21 5.49 45.23
C ALA A 150 -13.30 4.40 45.07
N GLN A 151 -13.47 3.53 46.07
CA GLN A 151 -14.47 2.47 45.95
C GLN A 151 -15.76 3.05 45.41
N TYR A 152 -16.16 4.18 46.00
CA TYR A 152 -17.40 4.85 45.65
C TYR A 152 -17.37 5.71 44.39
N TYR A 153 -16.21 6.24 44.00
CA TYR A 153 -16.16 7.05 42.79
C TYR A 153 -15.87 6.21 41.55
N HIS A 154 -15.60 4.92 41.77
CA HIS A 154 -15.32 3.97 40.69
C HIS A 154 -16.16 2.72 40.96
N PRO A 155 -17.48 2.90 41.11
CA PRO A 155 -18.42 1.82 41.38
C PRO A 155 -18.30 0.64 40.42
N ALA A 156 -18.00 0.95 39.16
CA ALA A 156 -17.88 -0.04 38.10
C ALA A 156 -16.86 -1.13 38.36
N MET A 157 -15.80 -0.82 39.10
CA MET A 157 -14.78 -1.82 39.39
C MET A 157 -15.36 -3.02 40.11
N LYS A 158 -16.60 -2.90 40.56
CA LYS A 158 -17.22 -4.01 41.25
C LYS A 158 -17.23 -5.23 40.33
N ASN A 159 -17.24 -4.99 39.02
CA ASN A 159 -17.26 -6.08 38.04
C ASN A 159 -15.91 -6.75 37.85
N VAL A 160 -14.99 -6.45 38.75
CA VAL A 160 -13.66 -7.02 38.68
C VAL A 160 -13.21 -7.45 40.07
N ALA A 161 -14.05 -7.20 41.06
CA ALA A 161 -13.73 -7.54 42.43
C ALA A 161 -13.47 -9.03 42.67
N ASN A 162 -14.27 -9.89 42.07
CA ASN A 162 -14.10 -11.33 42.28
C ASN A 162 -12.84 -11.88 41.64
N VAL A 163 -12.52 -11.44 40.43
CA VAL A 163 -11.33 -11.94 39.79
C VAL A 163 -10.10 -11.50 40.57
N ARG A 164 -10.06 -10.23 40.92
CA ARG A 164 -8.94 -9.67 41.67
C ARG A 164 -8.74 -10.39 43.01
N LYS A 165 -9.83 -10.60 43.74
CA LYS A 165 -9.70 -11.25 45.02
C LYS A 165 -9.22 -12.69 44.84
N THR A 166 -9.92 -13.43 43.98
CA THR A 166 -9.58 -14.82 43.71
C THR A 166 -8.14 -14.97 43.22
N LEU A 167 -7.70 -14.06 42.36
CA LEU A 167 -6.34 -14.10 41.83
C LEU A 167 -5.31 -13.77 42.90
N GLY A 168 -5.69 -12.92 43.85
CA GLY A 168 -4.80 -12.56 44.93
C GLY A 168 -3.37 -12.20 44.55
N ILE A 169 -3.17 -11.65 43.36
CA ILE A 169 -1.84 -11.24 42.92
C ILE A 169 -1.98 -9.85 42.35
N ARG A 170 -0.86 -9.14 42.22
CA ARG A 170 -0.91 -7.80 41.67
C ARG A 170 -1.20 -7.83 40.16
N THR A 171 -2.02 -6.89 39.71
CA THR A 171 -2.38 -6.80 38.31
C THR A 171 -2.28 -5.36 37.86
N ILE A 172 -2.63 -5.12 36.61
CA ILE A 172 -2.57 -3.78 36.07
C ILE A 172 -3.40 -2.83 36.92
N PHE A 173 -4.46 -3.35 37.53
CA PHE A 173 -5.33 -2.53 38.38
C PHE A 173 -4.68 -2.10 39.71
N ASN A 174 -3.48 -2.57 39.99
CA ASN A 174 -2.82 -2.19 41.23
C ASN A 174 -2.03 -0.90 41.12
N ILE A 175 -1.81 -0.41 39.90
CA ILE A 175 -1.05 0.81 39.68
C ILE A 175 -1.82 1.85 38.87
N LEU A 176 -3.12 1.64 38.66
CA LEU A 176 -3.93 2.54 37.86
C LEU A 176 -4.74 3.60 38.61
N GLY A 177 -5.14 3.31 39.84
CA GLY A 177 -5.91 4.25 40.61
C GLY A 177 -5.46 5.70 40.65
N PRO A 178 -4.15 5.97 40.83
CA PRO A 178 -3.70 7.37 40.88
C PRO A 178 -3.84 8.17 39.58
N LEU A 179 -3.94 7.47 38.45
CA LEU A 179 -4.08 8.12 37.16
C LEU A 179 -5.55 8.35 36.85
N THR A 180 -6.41 7.96 37.79
CA THR A 180 -7.84 8.09 37.59
C THR A 180 -8.55 9.03 38.57
N ASN A 181 -7.91 10.16 38.91
CA ASN A 181 -8.53 11.13 39.82
C ASN A 181 -9.93 11.53 39.32
N PRO A 182 -10.98 11.23 40.10
CA PRO A 182 -12.40 11.50 39.84
C PRO A 182 -12.79 12.94 39.57
N ALA A 183 -11.89 13.88 39.83
CA ALA A 183 -12.15 15.29 39.61
C ALA A 183 -11.31 15.79 38.48
N ASN A 184 -10.53 14.89 37.90
CA ASN A 184 -9.69 15.24 36.75
C ASN A 184 -8.62 16.31 37.05
N ALA A 185 -8.00 16.24 38.23
CA ALA A 185 -6.97 17.20 38.61
C ALA A 185 -5.82 17.19 37.60
N LYS A 186 -5.41 18.37 37.17
CA LYS A 186 -4.33 18.47 36.19
C LYS A 186 -2.92 18.54 36.77
N TYR A 187 -2.83 18.74 38.09
CA TYR A 187 -1.54 18.81 38.75
C TYR A 187 -1.52 17.70 39.79
N GLN A 188 -0.39 17.03 39.93
CA GLN A 188 -0.33 15.95 40.90
C GLN A 188 1.05 15.42 41.20
N LEU A 189 1.16 14.80 42.35
CA LEU A 189 2.38 14.16 42.85
C LEU A 189 2.01 12.70 43.04
N MET A 190 2.55 11.82 42.22
CA MET A 190 2.21 10.41 42.38
C MET A 190 3.43 9.52 42.52
N GLY A 191 3.49 8.84 43.65
CA GLY A 191 4.58 7.95 43.90
C GLY A 191 4.22 6.58 43.41
N VAL A 192 5.21 5.90 42.83
CA VAL A 192 5.05 4.55 42.32
C VAL A 192 5.85 3.67 43.28
N PHE A 193 5.74 2.36 43.18
CA PHE A 193 6.48 1.52 44.13
C PHE A 193 7.73 0.82 43.59
N SER A 194 8.11 1.09 42.34
CA SER A 194 9.32 0.47 41.78
C SER A 194 9.93 1.33 40.68
N LYS A 195 11.26 1.36 40.63
CA LYS A 195 11.94 2.14 39.61
C LYS A 195 11.38 1.87 38.21
N ASP A 196 11.00 0.62 37.95
CA ASP A 196 10.46 0.23 36.65
C ASP A 196 9.12 0.90 36.34
N HIS A 197 8.23 0.92 37.33
CA HIS A 197 6.93 1.54 37.13
C HIS A 197 7.09 3.04 36.97
N LEU A 198 8.23 3.55 37.41
CA LEU A 198 8.53 4.98 37.34
C LEU A 198 8.71 5.35 35.87
N ASP A 199 9.31 4.42 35.14
CA ASP A 199 9.55 4.64 33.73
C ASP A 199 8.28 4.44 32.92
N LEU A 200 7.54 3.37 33.22
CA LEU A 200 6.30 3.05 32.51
C LEU A 200 5.18 4.04 32.75
N LEU A 201 4.86 4.27 34.02
CA LEU A 201 3.79 5.18 34.37
C LEU A 201 4.06 6.63 33.98
N SER A 202 5.31 7.06 33.95
CA SER A 202 5.56 8.44 33.56
C SER A 202 5.36 8.54 32.05
N LYS A 203 5.73 7.50 31.31
CA LYS A 203 5.52 7.52 29.86
C LYS A 203 4.02 7.47 29.59
N SER A 204 3.29 6.68 30.38
CA SER A 204 1.85 6.57 30.23
C SER A 204 1.27 7.97 30.50
N ALA A 205 1.56 8.47 31.71
CA ALA A 205 1.12 9.79 32.16
C ALA A 205 1.21 10.84 31.07
N TYR A 206 2.37 10.90 30.43
CA TYR A 206 2.61 11.86 29.36
C TYR A 206 1.47 11.93 28.33
N GLU A 207 0.61 10.92 28.33
CA GLU A 207 -0.49 10.88 27.39
C GLU A 207 -1.85 10.89 28.06
N LEU A 208 -1.89 10.96 29.39
CA LEU A 208 -3.18 11.00 30.07
C LEU A 208 -3.66 12.43 30.25
N ASP A 209 -2.92 13.36 29.63
CA ASP A 209 -3.25 14.79 29.60
C ASP A 209 -3.25 15.61 30.88
N PHE A 210 -2.11 15.71 31.57
CA PHE A 210 -2.03 16.51 32.78
C PHE A 210 -1.34 17.83 32.41
N ASN A 211 -1.36 18.80 33.31
CA ASN A 211 -0.64 20.03 33.04
C ASN A 211 0.74 19.71 33.59
N LYS A 212 0.76 19.12 34.76
CA LYS A 212 2.02 18.74 35.37
C LYS A 212 1.83 17.67 36.44
N ILE A 213 2.47 16.52 36.22
CA ILE A 213 2.39 15.42 37.16
C ILE A 213 3.82 14.98 37.45
N ILE A 214 4.13 14.79 38.72
CA ILE A 214 5.46 14.39 39.14
C ILE A 214 5.44 13.00 39.72
N LEU A 215 6.15 12.08 39.06
CA LEU A 215 6.19 10.71 39.55
C LEU A 215 7.46 10.51 40.33
N VAL A 216 7.34 9.87 41.49
CA VAL A 216 8.50 9.64 42.34
C VAL A 216 8.59 8.23 42.88
N TYR A 217 9.82 7.85 43.22
CA TYR A 217 10.11 6.55 43.81
C TYR A 217 11.29 6.79 44.73
N GLY A 218 11.05 6.73 46.04
CA GLY A 218 12.13 6.99 46.98
C GLY A 218 12.63 5.79 47.77
N GLU A 219 13.93 5.80 48.08
CA GLU A 219 14.54 4.74 48.87
C GLU A 219 13.87 4.83 50.24
N PRO A 220 13.77 3.71 50.97
CA PRO A 220 14.23 2.35 50.65
C PRO A 220 13.26 1.55 49.77
N GLY A 221 12.26 2.22 49.21
CA GLY A 221 11.30 1.52 48.37
C GLY A 221 9.87 1.86 48.73
N ILE A 222 9.57 3.14 48.79
CA ILE A 222 8.23 3.59 49.11
C ILE A 222 7.84 4.57 47.99
N ASP A 223 6.57 4.88 47.85
CA ASP A 223 6.16 5.77 46.79
C ASP A 223 5.98 7.20 47.33
N GLU A 224 7.12 7.76 47.70
CA GLU A 224 7.21 9.11 48.24
C GLU A 224 8.57 9.66 47.97
N VAL A 225 8.72 10.94 48.29
CA VAL A 225 10.02 11.56 48.17
C VAL A 225 10.70 10.80 49.28
N SER A 226 11.92 10.34 49.06
CA SER A 226 12.65 9.57 50.07
C SER A 226 13.07 10.40 51.27
N PRO A 227 12.72 9.93 52.48
CA PRO A 227 13.05 10.61 53.74
C PRO A 227 14.40 10.14 54.31
N ILE A 228 15.04 9.18 53.64
CA ILE A 228 16.33 8.69 54.10
C ILE A 228 17.44 8.91 53.08
N GLY A 229 17.09 9.14 51.82
CA GLY A 229 18.12 9.34 50.81
C GLY A 229 17.66 9.79 49.44
N ASN A 230 17.92 8.97 48.43
CA ASN A 230 17.57 9.31 47.06
C ASN A 230 16.11 9.14 46.66
N THR A 231 15.68 10.02 45.76
CA THR A 231 14.33 9.99 45.21
C THR A 231 14.46 10.12 43.70
N PHE A 232 13.95 9.14 42.97
CA PHE A 232 13.99 9.17 41.51
C PHE A 232 12.68 9.75 41.06
N MET A 233 12.77 10.76 40.21
CA MET A 233 11.63 11.52 39.76
C MET A 233 11.46 11.60 38.24
N LYS A 234 10.26 11.97 37.82
CA LYS A 234 9.92 12.15 36.42
C LYS A 234 8.90 13.30 36.39
N ILE A 235 9.32 14.46 35.89
CA ILE A 235 8.44 15.60 35.80
C ILE A 235 7.82 15.60 34.43
N VAL A 236 6.53 15.30 34.37
CA VAL A 236 5.81 15.20 33.11
C VAL A 236 4.94 16.42 32.81
N SER A 237 5.06 16.94 31.58
CA SER A 237 4.27 18.09 31.14
C SER A 237 4.16 18.06 29.63
N LYS A 238 3.35 18.95 29.06
CA LYS A 238 3.17 18.99 27.62
C LYS A 238 4.51 19.13 26.94
N ARG A 239 5.53 19.54 27.69
CA ARG A 239 6.86 19.70 27.15
C ARG A 239 7.68 18.43 27.06
N GLY A 240 7.33 17.46 27.88
CA GLY A 240 8.05 16.21 27.85
C GLY A 240 8.26 15.65 29.24
N ILE A 241 9.11 14.63 29.32
CA ILE A 241 9.40 13.98 30.57
C ILE A 241 10.83 14.29 31.01
N GLU A 242 10.97 15.04 32.10
CA GLU A 242 12.29 15.41 32.61
C GLU A 242 12.75 14.45 33.70
N GLU A 243 13.98 13.95 33.60
CA GLU A 243 14.50 13.05 34.61
C GLU A 243 15.15 13.92 35.70
N VAL A 244 14.96 13.53 36.96
CA VAL A 244 15.53 14.28 38.06
C VAL A 244 15.80 13.36 39.25
N LYS A 245 17.05 13.32 39.70
CA LYS A 245 17.41 12.52 40.86
C LYS A 245 17.58 13.48 42.02
N LEU A 246 17.10 13.08 43.20
CA LEU A 246 17.16 13.97 44.34
C LEU A 246 17.53 13.26 45.64
N ASN A 247 18.30 13.92 46.49
CA ASN A 247 18.67 13.35 47.78
C ASN A 247 17.96 14.15 48.83
N VAL A 248 17.60 13.50 49.93
CA VAL A 248 16.90 14.18 51.00
C VAL A 248 17.67 15.38 51.54
N THR A 249 19.00 15.35 51.46
CA THR A 249 19.81 16.47 51.95
C THR A 249 19.66 17.71 51.09
N ASP A 250 19.11 17.53 49.89
CA ASP A 250 18.92 18.67 49.00
C ASP A 250 17.87 19.61 49.59
N PHE A 251 16.96 19.06 50.39
CA PHE A 251 15.93 19.87 51.01
C PHE A 251 16.55 20.62 52.19
N GLY A 252 17.83 20.38 52.45
CA GLY A 252 18.50 21.05 53.55
C GLY A 252 18.26 20.42 54.91
N ILE A 253 18.10 19.11 54.92
CA ILE A 253 17.86 18.38 56.16
C ILE A 253 18.71 17.12 56.25
N SER A 254 18.85 16.59 57.46
CA SER A 254 19.60 15.36 57.68
C SER A 254 18.63 14.19 57.45
N PRO A 255 19.14 13.06 56.97
CA PRO A 255 18.27 11.89 56.73
C PRO A 255 17.45 11.49 57.97
N ILE A 256 16.17 11.27 57.77
CA ILE A 256 15.26 10.88 58.85
C ILE A 256 15.20 9.36 59.04
N PRO A 257 15.44 8.88 60.26
CA PRO A 257 15.39 7.43 60.56
C PRO A 257 13.96 6.97 60.27
N ILE A 258 13.82 6.06 59.32
CA ILE A 258 12.49 5.59 58.91
C ILE A 258 11.59 4.94 59.96
N GLU A 259 12.17 4.41 61.03
CA GLU A 259 11.36 3.77 62.08
C GLU A 259 10.52 4.87 62.71
N LYS A 260 11.00 6.09 62.57
CA LYS A 260 10.32 7.25 63.13
C LYS A 260 9.06 7.56 62.33
N LEU A 261 9.05 7.15 61.06
CA LEU A 261 7.94 7.43 60.17
C LEU A 261 6.99 6.29 59.89
N ILE A 262 7.00 5.25 60.72
CA ILE A 262 6.15 4.10 60.50
C ILE A 262 5.08 3.96 61.58
N VAL A 263 3.85 3.68 61.14
CA VAL A 263 2.73 3.57 62.08
C VAL A 263 2.25 2.15 62.25
N ASN A 264 1.34 1.95 63.20
CA ASN A 264 0.79 0.62 63.45
C ASN A 264 -0.75 0.60 63.58
N SER A 265 -1.38 1.71 63.20
CA SER A 265 -2.82 1.84 63.24
C SER A 265 -3.21 3.20 62.65
N ALA A 266 -4.48 3.35 62.30
CA ALA A 266 -4.96 4.59 61.72
C ALA A 266 -4.86 5.72 62.73
N GLU A 267 -5.30 5.45 63.96
CA GLU A 267 -5.24 6.48 64.99
C GLU A 267 -3.80 6.88 65.26
N ASP A 268 -2.92 5.90 65.37
CA ASP A 268 -1.52 6.19 65.60
C ASP A 268 -0.97 7.11 64.51
N SER A 269 -1.44 6.91 63.28
CA SER A 269 -1.03 7.72 62.13
C SER A 269 -1.57 9.15 62.29
N ALA A 270 -2.85 9.25 62.66
CA ALA A 270 -3.49 10.55 62.85
C ALA A 270 -2.73 11.37 63.91
N ILE A 271 -2.37 10.72 65.02
CA ILE A 271 -1.64 11.37 66.10
C ILE A 271 -0.26 11.82 65.63
N LYS A 272 0.37 11.04 64.75
CA LYS A 272 1.69 11.42 64.26
C LYS A 272 1.59 12.73 63.51
N ILE A 273 0.55 12.84 62.68
CA ILE A 273 0.31 14.00 61.85
C ILE A 273 -0.06 15.26 62.62
N VAL A 274 -0.96 15.12 63.59
CA VAL A 274 -1.37 16.27 64.39
C VAL A 274 -0.18 16.74 65.21
N ARG A 275 0.56 15.80 65.79
CA ARG A 275 1.74 16.16 66.56
C ARG A 275 2.70 16.89 65.63
N ALA A 276 2.70 16.50 64.36
CA ALA A 276 3.56 17.12 63.36
C ALA A 276 3.09 18.55 63.11
N PHE A 277 1.78 18.70 63.00
CA PHE A 277 1.17 20.00 62.76
C PHE A 277 1.46 20.89 63.97
N LEU A 278 1.32 20.29 65.15
CA LEU A 278 1.54 20.98 66.42
C LEU A 278 3.01 21.25 66.73
N GLY A 279 3.92 20.84 65.86
CA GLY A 279 5.33 21.05 66.12
C GLY A 279 5.89 20.08 67.16
N LYS A 280 5.11 19.06 67.53
CA LYS A 280 5.55 18.07 68.51
C LYS A 280 6.10 16.79 67.91
N ASP A 281 6.57 16.84 66.67
CA ASP A 281 7.15 15.65 66.02
C ASP A 281 7.87 16.08 64.77
N GLU A 282 8.98 16.77 64.96
CA GLU A 282 9.74 17.27 63.85
C GLU A 282 9.99 16.27 62.73
N HIS A 283 10.21 15.01 63.06
CA HIS A 283 10.47 14.00 62.04
C HIS A 283 9.36 13.82 61.01
N VAL A 284 8.14 13.61 61.48
CA VAL A 284 7.01 13.43 60.58
C VAL A 284 6.80 14.71 59.76
N ALA A 285 7.03 15.85 60.39
CA ALA A 285 6.89 17.13 59.72
C ALA A 285 7.86 17.28 58.55
N GLU A 286 9.13 16.93 58.78
CA GLU A 286 10.13 17.02 57.72
C GLU A 286 9.73 16.10 56.57
N PHE A 287 9.08 14.98 56.91
CA PHE A 287 8.64 14.02 55.89
C PHE A 287 7.48 14.59 55.11
N ILE A 288 6.54 15.19 55.82
CA ILE A 288 5.39 15.82 55.19
C ILE A 288 5.85 17.01 54.32
N LYS A 289 6.86 17.73 54.78
CA LYS A 289 7.35 18.90 54.04
C LYS A 289 8.20 18.60 52.82
N ILE A 290 8.96 17.51 52.82
CA ILE A 290 9.75 17.24 51.64
C ILE A 290 8.81 16.79 50.50
N ASN A 291 7.69 16.18 50.86
CA ASN A 291 6.72 15.72 49.88
C ASN A 291 5.93 16.88 49.34
N THR A 292 5.62 17.81 50.24
CA THR A 292 4.85 18.98 49.84
C THR A 292 5.67 19.91 48.96
N ALA A 293 6.97 19.95 49.21
CA ALA A 293 7.86 20.80 48.43
C ALA A 293 7.82 20.36 46.98
N VAL A 294 7.74 19.05 46.76
CA VAL A 294 7.71 18.53 45.40
C VAL A 294 6.36 18.83 44.76
N ALA A 295 5.30 18.79 45.56
CA ALA A 295 3.98 19.09 45.05
C ALA A 295 3.93 20.59 44.68
N LEU A 296 4.42 21.43 45.58
CA LEU A 296 4.44 22.88 45.38
C LEU A 296 5.17 23.19 44.07
N PHE A 297 6.22 22.44 43.77
CA PHE A 297 6.96 22.64 42.54
C PHE A 297 6.04 22.29 41.36
N ALA A 298 5.32 21.18 41.49
CA ALA A 298 4.40 20.75 40.45
C ALA A 298 3.44 21.89 40.12
N LEU A 299 3.00 22.61 41.15
CA LEU A 299 2.09 23.74 40.95
C LEU A 299 2.81 24.98 40.45
N ASP A 300 4.13 24.93 40.38
CA ASP A 300 4.93 26.07 39.93
C ASP A 300 4.81 27.23 40.91
N ARG A 301 4.79 26.92 42.20
CA ARG A 301 4.66 27.95 43.22
C ARG A 301 6.03 28.34 43.77
N VAL A 302 7.04 27.52 43.50
CA VAL A 302 8.39 27.77 43.97
C VAL A 302 9.39 27.53 42.84
N GLY A 303 10.59 28.08 42.99
CA GLY A 303 11.61 27.90 41.97
C GLY A 303 12.43 26.64 42.07
N ASP A 304 12.48 26.05 43.27
CA ASP A 304 13.24 24.82 43.49
C ASP A 304 12.68 24.07 44.69
N PHE A 305 13.28 22.94 45.03
CA PHE A 305 12.78 22.13 46.14
C PHE A 305 13.08 22.73 47.49
N ARG A 306 14.24 23.38 47.63
CA ARG A 306 14.58 24.01 48.90
C ARG A 306 13.50 25.05 49.18
N GLU A 307 13.26 25.91 48.19
CA GLU A 307 12.23 26.94 48.34
C GLU A 307 10.93 26.23 48.70
N GLY A 308 10.71 25.07 48.09
CA GLY A 308 9.51 24.31 48.36
C GLY A 308 9.47 23.83 49.80
N TYR A 309 10.60 23.39 50.33
CA TYR A 309 10.68 22.92 51.71
C TYR A 309 10.46 24.06 52.71
N GLU A 310 11.04 25.23 52.45
CA GLU A 310 10.88 26.39 53.33
C GLU A 310 9.42 26.85 53.31
N TYR A 311 8.84 26.91 52.10
CA TYR A 311 7.46 27.33 51.93
C TYR A 311 6.53 26.39 52.67
N ALA A 312 6.81 25.09 52.58
CA ALA A 312 5.99 24.08 53.24
C ALA A 312 6.04 24.27 54.74
N ASP A 313 7.11 24.92 55.21
CA ASP A 313 7.26 25.17 56.64
C ASP A 313 6.15 26.13 57.06
N HIS A 314 5.92 27.17 56.26
CA HIS A 314 4.86 28.12 56.57
C HIS A 314 3.45 27.49 56.46
N LEU A 315 3.30 26.45 55.65
CA LEU A 315 1.98 25.83 55.50
C LEU A 315 1.61 24.94 56.68
N ILE A 316 2.55 24.11 57.10
CA ILE A 316 2.31 23.20 58.21
C ILE A 316 1.86 23.93 59.48
N GLU A 317 2.32 25.17 59.68
CA GLU A 317 1.94 25.91 60.88
C GLU A 317 0.47 26.35 60.88
N LYS A 318 -0.17 26.26 59.73
CA LYS A 318 -1.56 26.68 59.62
C LYS A 318 -2.47 25.51 59.33
N SER A 319 -1.87 24.34 59.18
CA SER A 319 -2.62 23.14 58.85
C SER A 319 -3.57 22.59 59.91
N LEU A 320 -3.17 22.61 61.17
CA LEU A 320 -4.07 22.11 62.20
C LEU A 320 -5.40 22.88 62.09
N ASP A 321 -5.34 24.21 62.13
CA ASP A 321 -6.55 25.03 62.01
C ASP A 321 -7.26 24.67 60.72
N LYS A 322 -6.51 24.66 59.61
CA LYS A 322 -7.07 24.32 58.29
C LYS A 322 -7.79 22.98 58.36
N LEU A 323 -7.14 22.01 58.98
CA LEU A 323 -7.71 20.69 59.14
C LEU A 323 -9.04 20.80 59.89
N ASN A 324 -9.06 21.65 60.92
CA ASN A 324 -10.25 21.86 61.73
C ASN A 324 -11.43 22.44 60.96
N GLU A 325 -11.18 23.39 60.06
CA GLU A 325 -12.29 23.97 59.30
C GLU A 325 -12.78 22.97 58.27
N ILE A 326 -11.87 22.18 57.72
CA ILE A 326 -12.24 21.18 56.72
C ILE A 326 -13.11 20.10 57.36
N ILE A 327 -12.68 19.60 58.51
CA ILE A 327 -13.42 18.55 59.20
C ILE A 327 -14.74 19.06 59.79
N SER A 328 -14.80 20.35 60.07
CA SER A 328 -16.01 20.93 60.63
C SER A 328 -17.08 21.03 59.57
N MET A 329 -16.67 21.23 58.33
CA MET A 329 -17.61 21.35 57.23
C MET A 329 -18.00 19.99 56.67
N ASN A 330 -17.33 18.93 57.12
CA ASN A 330 -17.64 17.59 56.64
C ASN A 330 -17.15 16.50 57.57
N GLY A 331 -17.70 16.47 58.77
CA GLY A 331 -17.29 15.46 59.73
C GLY A 331 -17.57 15.87 61.17
N ASP A 332 -16.75 15.39 62.09
CA ASP A 332 -16.94 15.68 63.51
C ASP A 332 -15.68 16.19 64.22
N VAL A 333 -15.63 17.51 64.46
CA VAL A 333 -14.48 18.12 65.12
C VAL A 333 -14.20 17.57 66.51
N THR A 334 -15.22 17.00 67.17
CA THR A 334 -14.97 16.46 68.49
C THR A 334 -13.99 15.30 68.35
N LYS A 335 -13.97 14.65 67.19
CA LYS A 335 -13.03 13.55 67.00
C LYS A 335 -11.65 14.12 66.77
N LEU A 336 -11.59 15.30 66.15
CA LEU A 336 -10.31 15.94 65.89
C LEU A 336 -9.73 16.44 67.22
N LYS A 337 -10.57 17.02 68.07
CA LYS A 337 -10.12 17.50 69.38
C LYS A 337 -9.55 16.34 70.19
N THR A 338 -10.27 15.23 70.20
CA THR A 338 -9.85 14.03 70.90
C THR A 338 -8.47 13.61 70.42
N ILE A 339 -8.29 13.57 69.11
CA ILE A 339 -7.01 13.20 68.54
C ILE A 339 -6.00 14.23 68.98
N VAL A 340 -6.39 15.50 68.95
CA VAL A 340 -5.46 16.57 69.33
C VAL A 340 -4.98 16.34 70.75
N VAL A 341 -5.94 16.22 71.65
CA VAL A 341 -5.63 15.99 73.06
C VAL A 341 -4.65 14.80 73.10
N LYS A 342 -5.11 13.69 72.56
CA LYS A 342 -4.34 12.46 72.48
C LYS A 342 -2.92 12.65 71.89
N SER A 343 -2.57 13.88 71.53
CA SER A 343 -1.24 14.15 70.98
C SER A 343 -0.51 15.32 71.64
N SER A 344 -1.15 15.98 72.60
CA SER A 344 -0.56 17.13 73.26
C SER A 344 0.40 16.83 74.40
N MET B 1 -9.04 24.43 -42.99
CA MET B 1 -8.00 23.69 -42.21
C MET B 1 -8.40 22.25 -41.95
N ASN B 2 -7.66 21.31 -42.52
CA ASN B 2 -7.96 19.91 -42.27
C ASN B 2 -6.95 19.46 -41.24
N ILE B 3 -7.42 19.20 -40.03
CA ILE B 3 -6.54 18.81 -38.96
C ILE B 3 -5.64 17.64 -39.32
N ASN B 4 -6.18 16.68 -40.06
CA ASN B 4 -5.37 15.53 -40.43
C ASN B 4 -4.27 15.86 -41.42
N GLU B 5 -4.49 16.85 -42.27
CA GLU B 5 -3.45 17.24 -43.22
C GLU B 5 -2.35 17.89 -42.40
N ILE B 6 -2.77 18.78 -41.51
CA ILE B 6 -1.88 19.52 -40.63
C ILE B 6 -1.08 18.61 -39.72
N LEU B 7 -1.77 17.71 -39.02
CA LEU B 7 -1.07 16.78 -38.14
C LEU B 7 -0.03 16.04 -38.96
N LYS B 8 -0.44 15.52 -40.12
CA LYS B 8 0.47 14.78 -41.00
C LYS B 8 1.64 15.67 -41.42
N LYS B 9 1.36 16.96 -41.56
CA LYS B 9 2.39 17.91 -41.96
C LYS B 9 3.40 18.07 -40.85
N LEU B 10 2.91 18.17 -39.61
CA LEU B 10 3.78 18.31 -38.46
C LEU B 10 4.57 17.02 -38.28
N ILE B 11 3.88 15.88 -38.36
CA ILE B 11 4.51 14.58 -38.21
C ILE B 11 5.70 14.44 -39.15
N ASN B 12 5.59 15.04 -40.34
CA ASN B 12 6.69 14.97 -41.30
C ASN B 12 7.69 16.09 -41.10
N LYS B 13 7.54 16.76 -39.97
CA LYS B 13 8.41 17.84 -39.58
C LYS B 13 8.50 19.04 -40.51
N SER B 14 7.36 19.47 -41.02
CA SER B 14 7.29 20.65 -41.89
C SER B 14 6.65 21.77 -41.08
N ASP B 15 7.15 22.99 -41.21
CA ASP B 15 6.57 24.11 -40.47
C ASP B 15 5.28 24.55 -41.13
N LEU B 16 4.27 24.90 -40.33
CA LEU B 16 3.02 25.36 -40.92
C LEU B 16 3.21 26.79 -41.38
N GLU B 17 2.22 27.32 -42.09
CA GLU B 17 2.28 28.69 -42.56
C GLU B 17 1.51 29.48 -41.49
N ILE B 18 1.80 30.77 -41.36
CA ILE B 18 1.11 31.55 -40.35
C ILE B 18 -0.38 31.30 -40.29
N ASN B 19 -1.08 31.36 -41.43
CA ASN B 19 -2.52 31.15 -41.41
C ASN B 19 -2.95 29.73 -41.08
N GLU B 20 -2.23 28.74 -41.60
CA GLU B 20 -2.52 27.35 -41.26
C GLU B 20 -2.54 27.31 -39.73
N ALA B 21 -1.43 27.79 -39.14
CA ALA B 21 -1.24 27.83 -37.70
C ALA B 21 -2.37 28.52 -36.95
N GLU B 22 -2.72 29.71 -37.40
CA GLU B 22 -3.79 30.48 -36.77
C GLU B 22 -5.14 29.76 -36.83
N GLU B 23 -5.50 29.24 -38.00
CA GLU B 23 -6.77 28.52 -38.10
C GLU B 23 -6.70 27.28 -37.22
N LEU B 24 -5.52 26.66 -37.15
CA LEU B 24 -5.31 25.49 -36.32
C LEU B 24 -5.54 25.80 -34.84
N ALA B 25 -4.92 26.87 -34.37
CA ALA B 25 -5.06 27.26 -32.97
C ALA B 25 -6.48 27.70 -32.66
N LYS B 26 -7.09 28.45 -33.57
CA LYS B 26 -8.45 28.91 -33.34
C LYS B 26 -9.36 27.70 -33.11
N ALA B 27 -9.24 26.70 -33.97
CA ALA B 27 -10.04 25.48 -33.88
C ALA B 27 -9.84 24.80 -32.53
N ILE B 28 -8.57 24.73 -32.09
CA ILE B 28 -8.24 24.10 -30.82
C ILE B 28 -8.81 24.88 -29.64
N ILE B 29 -8.54 26.19 -29.63
CA ILE B 29 -9.01 27.06 -28.56
C ILE B 29 -10.53 27.07 -28.49
N ARG B 30 -11.15 26.85 -29.64
CA ARG B 30 -12.60 26.83 -29.75
C ARG B 30 -13.21 25.57 -29.15
N GLY B 31 -12.44 24.50 -29.08
CA GLY B 31 -12.96 23.26 -28.51
C GLY B 31 -13.58 22.38 -29.56
N GLU B 32 -13.24 22.63 -30.81
CA GLU B 32 -13.78 21.87 -31.94
C GLU B 32 -12.77 20.86 -32.50
N VAL B 33 -11.86 20.43 -31.65
CA VAL B 33 -10.85 19.46 -32.04
C VAL B 33 -10.78 18.45 -30.91
N PRO B 34 -11.14 17.19 -31.17
CA PRO B 34 -11.08 16.17 -30.12
C PRO B 34 -9.74 16.15 -29.38
N GLU B 35 -9.79 15.89 -28.07
CA GLU B 35 -8.59 15.86 -27.24
C GLU B 35 -7.48 15.00 -27.82
N ILE B 36 -7.84 13.82 -28.31
CA ILE B 36 -6.85 12.93 -28.90
C ILE B 36 -6.03 13.65 -29.97
N LEU B 37 -6.67 14.53 -30.72
CA LEU B 37 -5.98 15.29 -31.77
C LEU B 37 -5.31 16.56 -31.26
N VAL B 38 -5.83 17.14 -30.18
CA VAL B 38 -5.19 18.32 -29.60
C VAL B 38 -3.89 17.85 -28.99
N SER B 39 -3.92 16.68 -28.34
CA SER B 39 -2.73 16.10 -27.73
C SER B 39 -1.64 15.82 -28.75
N ALA B 40 -2.00 15.14 -29.82
CA ALA B 40 -1.07 14.80 -30.88
C ALA B 40 -0.43 16.03 -31.51
N ILE B 41 -1.25 17.04 -31.80
CA ILE B 41 -0.74 18.26 -32.43
C ILE B 41 0.28 18.99 -31.55
N LEU B 42 -0.01 19.14 -30.27
CA LEU B 42 0.93 19.80 -29.38
C LEU B 42 2.22 18.99 -29.33
N VAL B 43 2.12 17.67 -29.13
CA VAL B 43 3.31 16.83 -29.09
C VAL B 43 4.16 16.96 -30.37
N ALA B 44 3.50 16.87 -31.53
CA ALA B 44 4.22 16.98 -32.79
C ALA B 44 4.80 18.38 -32.94
N LEU B 45 4.03 19.38 -32.53
CA LEU B 45 4.50 20.75 -32.62
C LEU B 45 5.81 20.81 -31.83
N ARG B 46 5.78 20.39 -30.57
CA ARG B 46 6.98 20.40 -29.76
C ARG B 46 8.12 19.52 -30.29
N MET B 47 7.84 18.28 -30.67
CA MET B 47 8.91 17.40 -31.14
C MET B 47 9.60 17.87 -32.43
N LYS B 48 8.88 18.59 -33.27
CA LYS B 48 9.48 19.10 -34.50
C LYS B 48 10.27 20.35 -34.11
N GLY B 49 9.70 21.11 -33.18
CA GLY B 49 10.31 22.34 -32.71
C GLY B 49 9.53 23.49 -33.34
N GLU B 50 8.65 24.13 -32.57
CA GLU B 50 7.84 25.22 -33.10
C GLU B 50 8.64 26.30 -33.80
N SER B 51 8.09 26.78 -34.92
CA SER B 51 8.75 27.79 -35.73
C SER B 51 8.14 29.17 -35.52
N LYS B 52 8.77 30.16 -36.15
CA LYS B 52 8.32 31.55 -36.05
C LYS B 52 6.86 31.69 -36.46
N ASN B 53 6.54 31.25 -37.67
CA ASN B 53 5.17 31.35 -38.16
C ASN B 53 4.12 30.70 -37.24
N GLU B 54 4.45 29.54 -36.69
CA GLU B 54 3.52 28.86 -35.81
C GLU B 54 3.19 29.66 -34.56
N ILE B 55 4.18 30.39 -34.07
CA ILE B 55 3.98 31.20 -32.87
C ILE B 55 3.14 32.40 -33.24
N VAL B 56 3.52 33.06 -34.32
CA VAL B 56 2.77 34.21 -34.75
C VAL B 56 1.31 33.79 -34.89
N GLY B 57 1.08 32.79 -35.74
CA GLY B 57 -0.27 32.32 -35.95
C GLY B 57 -1.00 32.00 -34.67
N PHE B 58 -0.36 31.23 -33.79
CA PHE B 58 -1.01 30.89 -32.54
C PHE B 58 -1.35 32.13 -31.73
N ALA B 59 -0.45 33.12 -31.72
CA ALA B 59 -0.65 34.36 -30.97
C ALA B 59 -1.86 35.16 -31.47
N ARG B 60 -1.95 35.34 -32.80
CA ARG B 60 -3.06 36.07 -33.39
C ARG B 60 -4.39 35.37 -33.07
N ALA B 61 -4.33 34.05 -33.00
CA ALA B 61 -5.52 33.27 -32.69
C ALA B 61 -5.94 33.58 -31.26
N MET B 62 -4.97 33.55 -30.36
CA MET B 62 -5.26 33.82 -28.95
C MET B 62 -5.73 35.25 -28.72
N ARG B 63 -5.15 36.20 -29.44
CA ARG B 63 -5.56 37.60 -29.30
C ARG B 63 -7.01 37.76 -29.69
N GLU B 64 -7.32 37.30 -30.89
CA GLU B 64 -8.68 37.40 -31.42
C GLU B 64 -9.75 36.74 -30.58
N LEU B 65 -9.45 35.59 -29.98
CA LEU B 65 -10.45 34.90 -29.17
C LEU B 65 -10.53 35.40 -27.74
N ALA B 66 -9.63 36.30 -27.37
CA ALA B 66 -9.61 36.83 -26.02
C ALA B 66 -10.59 37.97 -25.77
N ILE B 67 -10.93 38.17 -24.50
CA ILE B 67 -11.79 39.28 -24.08
C ILE B 67 -10.83 40.46 -24.18
N LYS B 68 -11.15 41.45 -25.02
CA LYS B 68 -10.26 42.58 -25.18
C LYS B 68 -10.74 43.88 -24.52
N ILE B 69 -9.82 44.83 -24.46
CA ILE B 69 -10.05 46.17 -23.94
C ILE B 69 -8.96 46.96 -24.66
N ASP B 70 -9.21 48.24 -24.90
CA ASP B 70 -8.24 49.03 -25.64
C ASP B 70 -7.39 49.99 -24.81
N VAL B 71 -6.07 49.89 -24.97
CA VAL B 71 -5.11 50.75 -24.28
C VAL B 71 -3.74 50.51 -24.92
N PRO B 72 -3.63 50.63 -26.26
CA PRO B 72 -2.34 50.41 -26.94
C PRO B 72 -1.18 51.29 -26.45
N ASN B 73 -1.52 52.39 -25.78
CA ASN B 73 -0.53 53.32 -25.23
C ASN B 73 0.20 52.72 -24.03
N ALA B 74 -0.46 51.77 -23.36
CA ALA B 74 0.08 51.10 -22.17
C ALA B 74 1.28 50.24 -22.44
N ILE B 75 1.93 49.82 -21.35
CA ILE B 75 3.11 48.96 -21.39
C ILE B 75 2.82 47.75 -20.52
N ASP B 76 3.52 46.66 -20.79
CA ASP B 76 3.36 45.41 -20.03
C ASP B 76 4.76 44.92 -19.66
N THR B 77 4.88 44.08 -18.64
CA THR B 77 6.21 43.56 -18.24
C THR B 77 6.21 42.04 -18.03
N ALA B 78 5.17 41.39 -18.54
CA ALA B 78 5.04 39.94 -18.41
C ALA B 78 6.13 39.16 -19.14
N GLY B 79 6.58 38.08 -18.50
CA GLY B 79 7.61 37.25 -19.09
C GLY B 79 7.04 35.86 -19.33
N THR B 80 7.77 35.03 -20.05
CA THR B 80 7.28 33.69 -20.36
C THR B 80 7.13 32.81 -19.14
N GLY B 81 7.99 33.04 -18.15
CA GLY B 81 7.95 32.22 -16.96
C GLY B 81 8.70 30.95 -17.33
N GLY B 82 8.67 29.95 -16.46
CA GLY B 82 9.36 28.71 -16.78
C GLY B 82 10.76 28.50 -16.25
N ASP B 83 11.38 29.52 -15.63
CA ASP B 83 12.74 29.33 -15.10
C ASP B 83 12.70 28.59 -13.76
N GLY B 84 11.59 28.73 -13.04
CA GLY B 84 11.41 28.04 -11.77
C GLY B 84 12.37 28.17 -10.60
N LEU B 85 13.07 29.30 -10.46
CA LEU B 85 13.97 29.51 -9.34
C LEU B 85 13.21 30.10 -8.17
N GLY B 86 11.97 30.53 -8.45
CA GLY B 86 11.16 31.13 -7.42
C GLY B 86 11.63 32.53 -7.02
N THR B 87 12.13 33.28 -7.99
CA THR B 87 12.58 34.65 -7.74
C THR B 87 11.40 35.51 -7.34
N VAL B 88 11.68 36.71 -6.84
CA VAL B 88 10.62 37.61 -6.44
C VAL B 88 9.87 38.02 -7.72
N ASN B 89 8.63 38.48 -7.55
CA ASN B 89 7.79 38.87 -8.67
C ASN B 89 8.17 40.24 -9.25
N VAL B 90 9.39 40.30 -9.76
CA VAL B 90 10.00 41.49 -10.33
C VAL B 90 9.22 42.37 -11.30
N SER B 91 8.75 41.81 -12.40
CA SER B 91 8.05 42.65 -13.35
C SER B 91 6.74 43.16 -12.79
N THR B 92 6.10 42.39 -11.92
CA THR B 92 4.86 42.84 -11.32
C THR B 92 5.17 44.08 -10.47
N ALA B 93 6.24 43.99 -9.68
CA ALA B 93 6.65 45.13 -8.85
C ALA B 93 7.04 46.26 -9.80
N SER B 94 7.76 45.91 -10.86
CA SER B 94 8.19 46.89 -11.83
C SER B 94 7.01 47.62 -12.46
N ALA B 95 5.93 46.88 -12.72
CA ALA B 95 4.74 47.47 -13.33
C ALA B 95 4.20 48.62 -12.50
N ILE B 96 4.24 48.49 -11.17
CA ILE B 96 3.75 49.54 -10.27
C ILE B 96 4.56 50.83 -10.49
N LEU B 97 5.89 50.71 -10.51
CA LEU B 97 6.72 51.89 -10.72
C LEU B 97 6.36 52.55 -12.04
N LEU B 98 6.31 51.75 -13.09
CA LEU B 98 6.00 52.25 -14.44
C LEU B 98 4.69 53.02 -14.50
N SER B 99 3.70 52.60 -13.70
CA SER B 99 2.42 53.27 -13.72
C SER B 99 2.49 54.75 -13.28
N LEU B 100 3.61 55.17 -12.68
CA LEU B 100 3.73 56.57 -12.26
C LEU B 100 3.87 57.48 -13.47
N VAL B 101 4.45 56.96 -14.55
CA VAL B 101 4.67 57.78 -15.73
C VAL B 101 4.17 57.19 -17.06
N ASN B 102 3.24 56.27 -17.02
CA ASN B 102 2.70 55.65 -18.24
C ASN B 102 1.67 54.58 -17.89
N PRO B 103 0.55 54.53 -18.63
CA PRO B 103 -0.48 53.52 -18.34
C PRO B 103 0.10 52.09 -18.37
N VAL B 104 -0.34 51.26 -17.44
CA VAL B 104 0.19 49.91 -17.36
C VAL B 104 -0.89 48.87 -17.39
N ALA B 105 -0.76 47.95 -18.34
CA ALA B 105 -1.70 46.84 -18.49
C ALA B 105 -0.85 45.58 -18.30
N LYS B 106 -0.79 45.14 -17.05
CA LYS B 106 -0.03 43.95 -16.69
C LYS B 106 -0.82 42.65 -16.88
N HIS B 107 -0.38 41.85 -17.86
CA HIS B 107 -1.01 40.57 -18.13
C HIS B 107 -0.26 39.50 -17.33
N GLY B 108 -0.99 38.72 -16.54
CA GLY B 108 -0.34 37.68 -15.74
C GLY B 108 -1.25 36.56 -15.24
N ASN B 109 -0.64 35.54 -14.64
CA ASN B 109 -1.39 34.40 -14.14
C ASN B 109 -0.88 33.99 -12.76
N ARG B 110 -1.47 32.93 -12.21
CA ARG B 110 -1.06 32.40 -10.92
C ARG B 110 0.19 31.55 -11.12
N ALA B 111 0.86 31.23 -10.02
CA ALA B 111 2.08 30.44 -10.06
C ALA B 111 1.95 29.04 -10.61
N VAL B 112 2.90 28.68 -11.47
CA VAL B 112 2.98 27.36 -12.08
C VAL B 112 4.07 26.59 -11.32
N SER B 113 5.15 27.32 -10.99
CA SER B 113 6.27 26.76 -10.26
C SER B 113 6.44 27.56 -8.96
N GLY B 114 6.13 26.93 -7.83
CA GLY B 114 6.27 27.59 -6.55
C GLY B 114 4.98 28.18 -6.04
N LYS B 115 4.90 29.50 -6.04
CA LYS B 115 3.71 30.23 -5.61
C LYS B 115 4.02 31.71 -5.77
N SER B 116 5.05 31.98 -6.56
CA SER B 116 5.45 33.35 -6.81
C SER B 116 4.89 33.71 -8.17
N GLY B 117 3.58 33.76 -8.27
CA GLY B 117 2.98 34.12 -9.52
C GLY B 117 2.60 35.59 -9.43
N SER B 118 2.57 36.27 -10.58
CA SER B 118 2.19 37.67 -10.61
C SER B 118 0.79 37.85 -10.01
N ALA B 119 -0.14 36.96 -10.36
CA ALA B 119 -1.50 37.06 -9.85
C ALA B 119 -1.59 36.75 -8.36
N ASP B 120 -0.63 36.00 -7.85
CA ASP B 120 -0.62 35.65 -6.44
C ASP B 120 -0.13 36.82 -5.56
N VAL B 121 0.89 37.55 -6.00
CA VAL B 121 1.35 38.66 -5.18
C VAL B 121 0.27 39.72 -5.09
N LEU B 122 -0.26 40.12 -6.24
CA LEU B 122 -1.31 41.14 -6.26
C LEU B 122 -2.38 40.75 -5.25
N GLU B 123 -2.68 39.47 -5.20
CA GLU B 123 -3.70 39.01 -4.28
C GLU B 123 -3.24 39.20 -2.84
N ALA B 124 -1.99 38.85 -2.56
CA ALA B 124 -1.47 39.00 -1.20
C ALA B 124 -1.44 40.47 -0.76
N LEU B 125 -1.19 41.37 -1.70
CA LEU B 125 -1.19 42.80 -1.41
C LEU B 125 -2.63 43.29 -1.27
N GLY B 126 -3.59 42.45 -1.63
CA GLY B 126 -4.99 42.83 -1.50
C GLY B 126 -5.70 43.21 -2.78
N TYR B 127 -4.99 43.19 -3.88
CA TYR B 127 -5.57 43.54 -5.17
C TYR B 127 -6.56 42.48 -5.60
N ASN B 128 -7.68 42.92 -6.17
CA ASN B 128 -8.70 42.02 -6.69
C ASN B 128 -8.21 41.74 -8.12
N ILE B 129 -7.65 40.55 -8.34
CA ILE B 129 -7.11 40.19 -9.65
C ILE B 129 -8.12 39.91 -10.74
N ILE B 130 -9.39 39.79 -10.37
CA ILE B 130 -10.42 39.56 -11.37
C ILE B 130 -11.08 40.90 -11.67
N VAL B 131 -10.64 41.51 -12.76
CA VAL B 131 -11.13 42.80 -13.19
C VAL B 131 -11.85 42.69 -14.54
N PRO B 132 -13.17 42.92 -14.54
CA PRO B 132 -13.96 42.85 -15.77
C PRO B 132 -13.50 43.93 -16.73
N PRO B 133 -13.60 43.67 -18.04
CA PRO B 133 -13.18 44.63 -19.04
C PRO B 133 -13.77 46.04 -18.90
N GLU B 134 -14.98 46.15 -18.35
CA GLU B 134 -15.57 47.47 -18.20
C GLU B 134 -14.90 48.24 -17.09
N ARG B 135 -14.67 47.60 -15.95
CA ARG B 135 -14.03 48.31 -14.87
C ARG B 135 -12.53 48.41 -15.08
N ALA B 136 -11.95 47.46 -15.81
CA ALA B 136 -10.52 47.50 -16.06
C ALA B 136 -10.17 48.81 -16.72
N LYS B 137 -10.90 49.14 -17.78
CA LYS B 137 -10.63 50.36 -18.52
C LYS B 137 -10.82 51.60 -17.65
N GLU B 138 -11.67 51.50 -16.64
CA GLU B 138 -11.95 52.59 -15.71
C GLU B 138 -10.84 52.72 -14.66
N LEU B 139 -10.21 51.59 -14.32
CA LEU B 139 -9.13 51.56 -13.34
C LEU B 139 -7.86 52.14 -13.94
N VAL B 140 -7.63 51.88 -15.22
CA VAL B 140 -6.45 52.38 -15.92
C VAL B 140 -6.56 53.88 -16.14
N ASN B 141 -7.79 54.39 -16.07
CA ASN B 141 -8.02 55.81 -16.27
C ASN B 141 -7.77 56.61 -15.01
N LYS B 142 -8.20 56.11 -13.87
CA LYS B 142 -8.01 56.82 -12.62
C LYS B 142 -6.74 56.51 -11.84
N THR B 143 -6.18 55.30 -11.98
CA THR B 143 -4.93 54.98 -11.29
C THR B 143 -3.81 54.62 -12.25
N ASN B 144 -4.10 54.67 -13.55
CA ASN B 144 -3.09 54.40 -14.57
C ASN B 144 -2.56 52.97 -14.57
N PHE B 145 -3.27 52.06 -13.96
CA PHE B 145 -2.79 50.69 -13.88
C PHE B 145 -3.89 49.65 -13.71
N VAL B 146 -3.73 48.50 -14.36
CA VAL B 146 -4.69 47.40 -14.23
C VAL B 146 -4.05 46.04 -14.49
N PHE B 147 -4.50 45.02 -13.76
CA PHE B 147 -3.97 43.68 -13.95
C PHE B 147 -4.99 42.85 -14.71
N LEU B 148 -4.57 42.34 -15.88
CA LEU B 148 -5.44 41.51 -16.69
C LEU B 148 -5.14 40.03 -16.39
N PHE B 149 -6.03 39.40 -15.63
CA PHE B 149 -5.87 38.00 -15.25
C PHE B 149 -6.09 37.07 -16.44
N ALA B 150 -5.03 36.41 -16.87
CA ALA B 150 -5.07 35.49 -17.99
C ALA B 150 -6.25 34.50 -17.96
N GLN B 151 -6.43 33.81 -16.85
CA GLN B 151 -7.51 32.84 -16.72
C GLN B 151 -8.87 33.47 -17.00
N TYR B 152 -8.99 34.75 -16.73
CA TYR B 152 -10.23 35.49 -16.94
C TYR B 152 -10.35 36.05 -18.36
N TYR B 153 -9.28 36.71 -18.83
CA TYR B 153 -9.29 37.29 -20.17
C TYR B 153 -9.09 36.29 -21.29
N HIS B 154 -8.70 35.07 -20.94
CA HIS B 154 -8.49 34.03 -21.93
C HIS B 154 -9.29 32.79 -21.57
N PRO B 155 -10.62 32.94 -21.44
CA PRO B 155 -11.58 31.89 -21.09
C PRO B 155 -11.51 30.69 -22.03
N ALA B 156 -11.39 30.99 -23.32
CA ALA B 156 -11.30 29.96 -24.33
C ALA B 156 -10.30 28.88 -23.94
N MET B 157 -9.16 29.31 -23.42
CA MET B 157 -8.12 28.37 -23.02
C MET B 157 -8.59 27.23 -22.13
N LYS B 158 -9.76 27.35 -21.52
CA LYS B 158 -10.22 26.25 -20.67
C LYS B 158 -10.43 25.01 -21.53
N ASN B 159 -10.67 25.22 -22.81
CA ASN B 159 -10.89 24.10 -23.70
C ASN B 159 -9.65 23.26 -23.93
N VAL B 160 -8.50 23.74 -23.46
CA VAL B 160 -7.24 23.05 -23.65
C VAL B 160 -6.58 22.74 -22.31
N ALA B 161 -7.25 23.14 -21.24
CA ALA B 161 -6.73 22.93 -19.91
C ALA B 161 -6.40 21.47 -19.64
N ASN B 162 -7.37 20.60 -19.90
CA ASN B 162 -7.20 19.16 -19.64
C ASN B 162 -6.09 18.48 -20.41
N VAL B 163 -5.94 18.78 -21.70
CA VAL B 163 -4.89 18.16 -22.47
C VAL B 163 -3.55 18.58 -21.91
N ARG B 164 -3.40 19.88 -21.64
CA ARG B 164 -2.15 20.38 -21.09
C ARG B 164 -1.79 19.73 -19.76
N LYS B 165 -2.74 19.71 -18.83
CA LYS B 165 -2.49 19.12 -17.52
C LYS B 165 -2.17 17.63 -17.60
N THR B 166 -2.96 16.91 -18.39
CA THR B 166 -2.76 15.49 -18.55
C THR B 166 -1.42 15.21 -19.20
N LEU B 167 -1.08 16.01 -20.20
CA LEU B 167 0.19 15.83 -20.88
C LEU B 167 1.32 16.04 -19.89
N GLY B 168 1.21 17.11 -19.11
CA GLY B 168 2.21 17.43 -18.12
C GLY B 168 3.60 17.65 -18.68
N ILE B 169 3.66 18.30 -19.83
CA ILE B 169 4.95 18.60 -20.47
C ILE B 169 4.86 19.99 -21.06
N ARG B 170 5.99 20.60 -21.37
CA ARG B 170 5.96 21.93 -21.96
C ARG B 170 5.42 21.85 -23.39
N THR B 171 4.65 22.86 -23.78
CA THR B 171 4.11 22.93 -25.14
C THR B 171 4.14 24.39 -25.57
N ILE B 172 3.85 24.61 -26.84
CA ILE B 172 3.84 25.93 -27.43
C ILE B 172 3.08 26.96 -26.58
N PHE B 173 2.05 26.52 -25.86
CA PHE B 173 1.29 27.46 -25.02
C PHE B 173 2.06 27.97 -23.80
N ASN B 174 3.15 27.30 -23.44
CA ASN B 174 3.92 27.75 -22.28
C ASN B 174 4.72 29.03 -22.55
N ILE B 175 4.93 29.36 -23.83
CA ILE B 175 5.68 30.56 -24.17
C ILE B 175 4.89 31.62 -24.93
N LEU B 176 3.58 31.55 -24.93
CA LEU B 176 2.78 32.52 -25.67
C LEU B 176 2.14 33.64 -24.86
N GLY B 177 1.65 33.32 -23.67
CA GLY B 177 1.01 34.31 -22.82
C GLY B 177 1.45 35.75 -22.99
N PRO B 178 2.72 36.07 -22.71
CA PRO B 178 3.23 37.45 -22.85
C PRO B 178 3.10 38.09 -24.23
N LEU B 179 2.69 37.33 -25.23
CA LEU B 179 2.50 37.89 -26.58
C LEU B 179 1.03 38.14 -26.84
N THR B 180 0.22 37.79 -25.84
CA THR B 180 -1.23 37.94 -25.97
C THR B 180 -1.84 38.84 -24.91
N ASN B 181 -1.24 40.01 -24.73
CA ASN B 181 -1.71 41.02 -23.77
C ASN B 181 -3.09 41.45 -24.26
N PRO B 182 -4.12 41.28 -23.43
CA PRO B 182 -5.52 41.63 -23.73
C PRO B 182 -5.82 43.09 -24.06
N ALA B 183 -4.89 43.99 -23.72
CA ALA B 183 -5.09 45.40 -23.98
C ALA B 183 -4.35 45.80 -25.24
N ASN B 184 -3.61 44.86 -25.81
CA ASN B 184 -2.88 45.11 -27.04
C ASN B 184 -1.77 46.16 -26.84
N ALA B 185 -1.23 46.19 -25.63
CA ALA B 185 -0.15 47.12 -25.31
C ALA B 185 0.91 47.03 -26.39
N LYS B 186 1.32 48.19 -26.90
CA LYS B 186 2.32 48.26 -27.95
C LYS B 186 3.76 48.34 -27.44
N TYR B 187 3.91 48.49 -26.13
CA TYR B 187 5.24 48.58 -25.52
C TYR B 187 5.37 47.50 -24.48
N GLN B 188 6.52 46.85 -24.40
CA GLN B 188 6.64 45.80 -23.42
C GLN B 188 8.04 45.34 -23.12
N LEU B 189 8.21 44.82 -21.91
CA LEU B 189 9.46 44.25 -21.45
C LEU B 189 9.01 42.81 -21.33
N MET B 190 9.69 41.92 -22.06
CA MET B 190 9.31 40.52 -22.02
C MET B 190 10.47 39.58 -21.84
N GLY B 191 10.56 38.97 -20.65
CA GLY B 191 11.64 38.05 -20.40
C GLY B 191 11.36 36.66 -20.93
N VAL B 192 12.42 35.97 -21.37
CA VAL B 192 12.30 34.61 -21.85
C VAL B 192 13.23 33.67 -21.07
N PHE B 193 12.78 32.45 -20.92
CA PHE B 193 13.48 31.42 -20.17
C PHE B 193 14.80 30.89 -20.80
N SER B 194 15.00 31.05 -22.10
CA SER B 194 16.24 30.56 -22.71
C SER B 194 16.74 31.40 -23.86
N LYS B 195 18.01 31.22 -24.21
CA LYS B 195 18.62 31.97 -25.31
C LYS B 195 17.96 31.60 -26.62
N ASP B 196 17.59 30.32 -26.75
CA ASP B 196 16.95 29.82 -27.97
C ASP B 196 15.63 30.57 -28.18
N HIS B 197 14.81 30.63 -27.13
CA HIS B 197 13.54 31.31 -27.21
C HIS B 197 13.71 32.82 -27.40
N LEU B 198 14.89 33.32 -27.08
CA LEU B 198 15.18 34.73 -27.22
C LEU B 198 15.11 35.12 -28.70
N ASP B 199 15.64 34.24 -29.56
CA ASP B 199 15.66 34.47 -30.99
C ASP B 199 14.28 34.19 -31.61
N LEU B 200 13.71 33.04 -31.28
CA LEU B 200 12.41 32.64 -31.80
C LEU B 200 11.28 33.61 -31.41
N LEU B 201 11.29 34.07 -30.18
CA LEU B 201 10.24 34.98 -29.75
C LEU B 201 10.47 36.41 -30.20
N SER B 202 11.71 36.81 -30.37
CA SER B 202 11.95 38.18 -30.78
C SER B 202 11.48 38.29 -32.22
N LYS B 203 11.87 37.32 -33.04
CA LYS B 203 11.47 37.31 -34.45
C LYS B 203 9.95 37.24 -34.52
N SER B 204 9.35 36.41 -33.69
CA SER B 204 7.91 36.29 -33.66
C SER B 204 7.28 37.64 -33.34
N ALA B 205 7.84 38.32 -32.34
CA ALA B 205 7.33 39.61 -31.92
C ALA B 205 7.41 40.64 -33.03
N TYR B 206 8.48 40.57 -33.82
CA TYR B 206 8.69 41.52 -34.91
C TYR B 206 7.50 41.60 -35.84
N GLU B 207 6.63 40.60 -35.79
CA GLU B 207 5.47 40.54 -36.67
C GLU B 207 4.16 40.54 -35.91
N LEU B 208 4.22 40.82 -34.61
CA LEU B 208 3.02 40.84 -33.81
C LEU B 208 2.56 42.27 -33.54
N ASP B 209 3.02 43.16 -34.42
CA ASP B 209 2.63 44.56 -34.40
C ASP B 209 2.84 45.29 -33.05
N PHE B 210 4.10 45.47 -32.65
CA PHE B 210 4.41 46.17 -31.40
C PHE B 210 5.11 47.47 -31.76
N ASN B 211 4.98 48.50 -30.93
CA ASN B 211 5.71 49.73 -31.25
C ASN B 211 7.13 49.47 -30.79
N LYS B 212 7.25 48.92 -29.60
CA LYS B 212 8.55 48.56 -29.07
C LYS B 212 8.46 47.49 -27.99
N ILE B 213 9.10 46.37 -28.25
CA ILE B 213 9.12 45.29 -27.28
C ILE B 213 10.57 44.86 -27.06
N ILE B 214 10.98 44.83 -25.80
CA ILE B 214 12.33 44.42 -25.47
C ILE B 214 12.24 43.07 -24.81
N LEU B 215 12.92 42.09 -25.40
CA LEU B 215 12.91 40.74 -24.86
C LEU B 215 14.23 40.50 -24.15
N VAL B 216 14.16 39.95 -22.94
CA VAL B 216 15.37 39.73 -22.19
C VAL B 216 15.52 38.35 -21.56
N TYR B 217 16.74 37.85 -21.60
CA TYR B 217 17.10 36.57 -20.99
C TYR B 217 18.29 36.92 -20.10
N GLY B 218 18.18 36.64 -18.81
CA GLY B 218 19.28 36.97 -17.91
C GLY B 218 19.86 35.78 -17.18
N GLU B 219 21.18 35.81 -17.01
CA GLU B 219 21.88 34.75 -16.32
C GLU B 219 21.38 34.84 -14.90
N PRO B 220 21.40 33.72 -14.15
CA PRO B 220 21.84 32.39 -14.55
C PRO B 220 20.82 31.56 -15.33
N GLY B 221 19.79 32.21 -15.86
CA GLY B 221 18.78 31.47 -16.60
C GLY B 221 17.35 31.82 -16.22
N ILE B 222 17.09 33.11 -16.07
CA ILE B 222 15.76 33.57 -15.72
C ILE B 222 15.33 34.52 -16.81
N ASP B 223 14.03 34.74 -16.90
CA ASP B 223 13.50 35.64 -17.93
C ASP B 223 13.35 37.03 -17.30
N GLU B 224 14.49 37.61 -16.92
CA GLU B 224 14.55 38.91 -16.28
C GLU B 224 15.84 39.57 -16.66
N VAL B 225 15.99 40.83 -16.31
CA VAL B 225 17.27 41.48 -16.55
C VAL B 225 18.16 40.77 -15.53
N SER B 226 19.31 40.26 -15.94
CA SER B 226 20.17 39.53 -15.01
C SER B 226 20.63 40.34 -13.82
N PRO B 227 20.39 39.82 -12.61
CA PRO B 227 20.81 40.54 -11.41
C PRO B 227 22.23 40.15 -10.99
N ILE B 228 22.76 39.08 -11.57
CA ILE B 228 24.09 38.61 -11.21
C ILE B 228 25.15 38.76 -12.28
N GLY B 229 24.73 38.97 -13.51
CA GLY B 229 25.70 39.10 -14.58
C GLY B 229 25.17 39.62 -15.89
N ASN B 230 25.23 38.78 -16.93
CA ASN B 230 24.78 39.18 -18.25
C ASN B 230 23.32 39.00 -18.59
N THR B 231 22.90 39.84 -19.51
CA THR B 231 21.55 39.85 -20.00
C THR B 231 21.66 39.98 -21.49
N PHE B 232 20.94 39.11 -22.20
CA PHE B 232 20.93 39.15 -23.64
C PHE B 232 19.54 39.63 -23.99
N MET B 233 19.46 40.69 -24.78
CA MET B 233 18.16 41.23 -25.14
C MET B 233 18.00 41.52 -26.62
N LYS B 234 16.75 41.61 -27.05
CA LYS B 234 16.42 41.90 -28.43
C LYS B 234 15.50 43.11 -28.40
N ILE B 235 15.91 44.21 -29.03
CA ILE B 235 15.05 45.38 -29.03
C ILE B 235 14.29 45.34 -30.34
N VAL B 236 13.01 44.98 -30.25
CA VAL B 236 12.14 44.85 -31.42
C VAL B 236 11.22 46.03 -31.68
N SER B 237 11.20 46.48 -32.93
CA SER B 237 10.36 47.60 -33.36
C SER B 237 10.22 47.53 -34.87
N LYS B 238 9.39 48.41 -35.42
CA LYS B 238 9.18 48.45 -36.87
C LYS B 238 10.52 48.43 -37.63
N ARG B 239 11.48 49.23 -37.18
CA ARG B 239 12.80 49.27 -37.83
C ARG B 239 13.33 47.87 -38.12
N GLY B 240 13.44 47.07 -37.06
CA GLY B 240 13.95 45.72 -37.16
C GLY B 240 14.20 45.17 -35.77
N ILE B 241 15.24 44.35 -35.63
CA ILE B 241 15.56 43.76 -34.34
C ILE B 241 17.02 44.04 -34.02
N GLU B 242 17.24 44.75 -32.92
CA GLU B 242 18.59 45.09 -32.50
C GLU B 242 19.05 44.18 -31.38
N GLU B 243 20.26 43.65 -31.53
CA GLU B 243 20.83 42.77 -30.51
C GLU B 243 21.68 43.60 -29.55
N VAL B 244 21.45 43.41 -28.26
CA VAL B 244 22.18 44.15 -27.24
C VAL B 244 22.56 43.22 -26.10
N LYS B 245 23.81 43.32 -25.64
CA LYS B 245 24.24 42.51 -24.51
C LYS B 245 24.46 43.48 -23.36
N LEU B 246 24.21 43.03 -22.14
CA LEU B 246 24.36 43.92 -21.01
C LEU B 246 24.89 43.23 -19.79
N ASN B 247 25.53 43.99 -18.93
CA ASN B 247 26.01 43.41 -17.69
C ASN B 247 25.37 44.21 -16.60
N VAL B 248 25.00 43.54 -15.51
CA VAL B 248 24.37 44.21 -14.40
C VAL B 248 25.25 45.41 -14.05
N THR B 249 26.56 45.25 -14.21
CA THR B 249 27.50 46.32 -13.94
C THR B 249 27.18 47.63 -14.70
N ASP B 250 26.62 47.50 -15.89
CA ASP B 250 26.28 48.66 -16.72
C ASP B 250 25.13 49.50 -16.13
N PHE B 251 24.54 49.04 -15.02
CA PHE B 251 23.47 49.79 -14.38
C PHE B 251 24.07 50.57 -13.23
N GLY B 252 25.40 50.51 -13.10
CA GLY B 252 26.06 51.21 -12.03
C GLY B 252 25.98 50.54 -10.67
N ILE B 253 25.78 49.22 -10.63
CA ILE B 253 25.72 48.55 -9.34
C ILE B 253 26.59 47.31 -9.32
N SER B 254 26.61 46.63 -8.18
CA SER B 254 27.38 45.41 -8.04
C SER B 254 26.42 44.25 -8.15
N PRO B 255 26.89 43.12 -8.69
CA PRO B 255 26.03 41.94 -8.82
C PRO B 255 25.26 41.73 -7.54
N ILE B 256 23.99 41.43 -7.66
CA ILE B 256 23.16 41.22 -6.49
C ILE B 256 23.27 39.75 -6.14
N PRO B 257 23.25 39.40 -4.84
CA PRO B 257 23.36 37.98 -4.49
C PRO B 257 21.98 37.37 -4.68
N ILE B 258 21.88 36.43 -5.62
CA ILE B 258 20.59 35.84 -5.93
C ILE B 258 19.82 35.23 -4.77
N GLU B 259 20.51 34.89 -3.69
CA GLU B 259 19.85 34.28 -2.53
C GLU B 259 18.74 35.21 -2.03
N LYS B 260 19.06 36.49 -1.92
CA LYS B 260 18.09 37.46 -1.42
C LYS B 260 16.95 37.81 -2.37
N LEU B 261 16.98 37.25 -3.57
CA LEU B 261 15.94 37.50 -4.56
C LEU B 261 14.97 36.32 -4.74
N ILE B 262 15.17 35.28 -3.94
CA ILE B 262 14.34 34.09 -4.00
C ILE B 262 13.27 34.13 -2.92
N VAL B 263 12.05 33.88 -3.34
CA VAL B 263 10.89 33.89 -2.47
C VAL B 263 10.39 32.47 -2.29
N ASN B 264 9.64 32.22 -1.23
CA ASN B 264 9.10 30.87 -1.01
C ASN B 264 7.61 30.86 -0.67
N SER B 265 6.88 31.86 -1.16
CA SER B 265 5.43 32.00 -0.94
C SER B 265 4.98 33.36 -1.48
N ALA B 266 3.70 33.48 -1.79
CA ALA B 266 3.17 34.74 -2.30
C ALA B 266 3.33 35.89 -1.29
N GLU B 267 3.11 35.60 -0.01
CA GLU B 267 3.24 36.62 1.02
C GLU B 267 4.69 37.06 1.18
N ASP B 268 5.61 36.10 1.18
CA ASP B 268 7.03 36.41 1.30
C ASP B 268 7.43 37.34 0.18
N SER B 269 6.88 37.09 -1.01
CA SER B 269 7.17 37.92 -2.16
C SER B 269 6.69 39.34 -1.88
N ALA B 270 5.42 39.47 -1.52
CA ALA B 270 4.82 40.76 -1.22
C ALA B 270 5.66 41.57 -0.22
N ILE B 271 6.03 40.94 0.88
CA ILE B 271 6.83 41.61 1.90
C ILE B 271 8.16 42.08 1.34
N LYS B 272 8.82 41.26 0.53
CA LYS B 272 10.08 41.70 -0.05
C LYS B 272 9.85 42.94 -0.91
N ILE B 273 8.77 42.90 -1.71
CA ILE B 273 8.47 44.03 -2.56
C ILE B 273 8.19 45.27 -1.72
N VAL B 274 7.30 45.11 -0.73
CA VAL B 274 6.97 46.22 0.14
C VAL B 274 8.21 46.77 0.87
N ARG B 275 9.02 45.89 1.47
CA ARG B 275 10.21 46.37 2.15
C ARG B 275 11.07 47.16 1.17
N ALA B 276 11.20 46.64 -0.04
CA ALA B 276 11.99 47.30 -1.08
C ALA B 276 11.47 48.71 -1.31
N PHE B 277 10.15 48.85 -1.35
CA PHE B 277 9.52 50.16 -1.55
C PHE B 277 9.73 51.06 -0.32
N LEU B 278 9.85 50.44 0.84
CA LEU B 278 10.06 51.19 2.09
C LEU B 278 11.54 51.49 2.31
N GLY B 279 12.37 51.14 1.33
CA GLY B 279 13.80 51.40 1.47
C GLY B 279 14.43 50.41 2.44
N LYS B 280 13.69 49.35 2.77
CA LYS B 280 14.17 48.35 3.71
C LYS B 280 14.65 47.04 3.07
N ASP B 281 15.00 47.08 1.79
CA ASP B 281 15.51 45.90 1.11
C ASP B 281 16.09 46.34 -0.23
N GLU B 282 17.30 46.90 -0.17
CA GLU B 282 17.98 47.40 -1.34
C GLU B 282 18.25 46.39 -2.45
N HIS B 283 18.57 45.16 -2.08
CA HIS B 283 18.87 44.17 -3.10
C HIS B 283 17.67 43.83 -3.97
N VAL B 284 16.49 43.80 -3.37
CA VAL B 284 15.28 43.52 -4.12
C VAL B 284 14.94 44.78 -4.91
N ALA B 285 15.21 45.93 -4.31
CA ALA B 285 14.94 47.21 -4.94
C ALA B 285 15.79 47.41 -6.18
N GLU B 286 17.03 46.91 -6.13
CA GLU B 286 17.95 47.07 -7.25
C GLU B 286 17.50 46.16 -8.37
N PHE B 287 16.95 45.01 -8.00
CA PHE B 287 16.51 44.05 -9.00
C PHE B 287 15.30 44.62 -9.76
N ILE B 288 14.42 45.28 -9.02
CA ILE B 288 13.25 45.90 -9.60
C ILE B 288 13.69 47.08 -10.47
N LYS B 289 14.65 47.85 -9.96
CA LYS B 289 15.14 49.00 -10.70
C LYS B 289 15.97 48.65 -11.94
N ILE B 290 16.64 47.50 -11.97
CA ILE B 290 17.42 47.18 -13.16
C ILE B 290 16.47 46.72 -14.25
N ASN B 291 15.27 46.28 -13.86
CA ASN B 291 14.29 45.84 -14.84
C ASN B 291 13.53 47.07 -15.30
N THR B 292 13.07 47.88 -14.36
CA THR B 292 12.36 49.10 -14.71
C THR B 292 13.19 49.93 -15.69
N ALA B 293 14.50 50.00 -15.46
CA ALA B 293 15.39 50.75 -16.33
C ALA B 293 15.19 50.38 -17.81
N VAL B 294 15.15 49.09 -18.10
CA VAL B 294 14.96 48.61 -19.46
C VAL B 294 13.58 48.96 -19.99
N ALA B 295 12.56 48.75 -19.17
CA ALA B 295 11.20 49.08 -19.55
C ALA B 295 11.11 50.57 -19.91
N LEU B 296 11.77 51.39 -19.09
CA LEU B 296 11.79 52.84 -19.31
C LEU B 296 12.51 53.13 -20.62
N PHE B 297 13.44 52.25 -20.99
CA PHE B 297 14.16 52.46 -22.23
C PHE B 297 13.16 52.20 -23.36
N ALA B 298 12.39 51.14 -23.21
CA ALA B 298 11.39 50.77 -24.21
C ALA B 298 10.43 51.93 -24.46
N LEU B 299 10.10 52.69 -23.42
CA LEU B 299 9.20 53.83 -23.58
C LEU B 299 9.96 55.07 -24.09
N ASP B 300 11.25 54.90 -24.37
CA ASP B 300 12.05 56.02 -24.85
C ASP B 300 12.06 57.17 -23.84
N ARG B 301 11.99 56.85 -22.54
CA ARG B 301 12.01 57.87 -21.51
C ARG B 301 13.43 58.21 -21.05
N VAL B 302 14.40 57.35 -21.35
CA VAL B 302 15.79 57.58 -20.96
C VAL B 302 16.74 57.35 -22.13
N GLY B 303 17.90 58.00 -22.07
CA GLY B 303 18.87 57.87 -23.14
C GLY B 303 19.66 56.57 -23.14
N ASP B 304 19.76 55.94 -21.97
CA ASP B 304 20.46 54.68 -21.86
C ASP B 304 20.09 54.01 -20.55
N PHE B 305 20.64 52.84 -20.28
CA PHE B 305 20.32 52.09 -19.07
C PHE B 305 20.74 52.71 -17.74
N ARG B 306 21.87 53.40 -17.71
CA ARG B 306 22.31 54.05 -16.48
C ARG B 306 21.21 55.04 -16.09
N GLU B 307 20.75 55.79 -17.08
CA GLU B 307 19.72 56.78 -16.84
C GLU B 307 18.43 56.10 -16.36
N GLY B 308 18.12 54.94 -16.92
CA GLY B 308 16.92 54.22 -16.54
C GLY B 308 16.93 53.75 -15.11
N TYR B 309 18.10 53.30 -14.65
CA TYR B 309 18.23 52.84 -13.29
C TYR B 309 18.10 54.04 -12.34
N GLU B 310 18.74 55.15 -12.71
CA GLU B 310 18.69 56.38 -11.92
C GLU B 310 17.26 56.89 -11.85
N TYR B 311 16.56 56.82 -12.97
CA TYR B 311 15.18 57.30 -13.03
C TYR B 311 14.28 56.36 -12.25
N ALA B 312 14.54 55.06 -12.33
CA ALA B 312 13.76 54.04 -11.62
C ALA B 312 13.83 54.27 -10.12
N ASP B 313 14.86 55.00 -9.68
CA ASP B 313 15.05 55.31 -8.27
C ASP B 313 13.98 56.29 -7.79
N HIS B 314 13.74 57.35 -8.56
CA HIS B 314 12.71 58.33 -8.19
C HIS B 314 11.31 57.72 -8.20
N LEU B 315 11.10 56.65 -8.98
CA LEU B 315 9.78 56.03 -9.05
C LEU B 315 9.51 55.09 -7.88
N ILE B 316 10.52 54.33 -7.46
CA ILE B 316 10.34 53.42 -6.34
C ILE B 316 10.00 54.16 -5.06
N GLU B 317 10.45 55.41 -4.94
CA GLU B 317 10.14 56.21 -3.75
C GLU B 317 8.67 56.58 -3.65
N LYS B 318 7.98 56.62 -4.79
CA LYS B 318 6.57 56.97 -4.80
C LYS B 318 5.72 55.75 -5.06
N SER B 319 6.35 54.59 -5.05
CA SER B 319 5.62 53.36 -5.37
C SER B 319 4.75 52.74 -4.28
N LEU B 320 5.17 52.85 -3.01
CA LEU B 320 4.32 52.28 -1.97
C LEU B 320 3.00 53.07 -1.92
N ASP B 321 3.05 54.38 -2.13
CA ASP B 321 1.81 55.17 -2.12
C ASP B 321 0.96 54.73 -3.28
N LYS B 322 1.60 54.74 -4.45
CA LYS B 322 0.96 54.36 -5.69
C LYS B 322 0.27 53.01 -5.55
N LEU B 323 0.98 52.06 -4.96
CA LEU B 323 0.41 50.73 -4.74
C LEU B 323 -0.85 50.88 -3.93
N ASN B 324 -0.76 51.70 -2.89
CA ASN B 324 -1.87 51.93 -1.98
C ASN B 324 -3.13 52.49 -2.65
N GLU B 325 -2.97 53.40 -3.60
CA GLU B 325 -4.16 53.96 -4.23
C GLU B 325 -4.72 52.92 -5.20
N ILE B 326 -3.83 52.27 -5.94
CA ILE B 326 -4.23 51.25 -6.90
C ILE B 326 -5.09 50.20 -6.22
N ILE B 327 -4.65 49.76 -5.04
CA ILE B 327 -5.38 48.76 -4.28
C ILE B 327 -6.59 49.31 -3.54
N SER B 328 -6.54 50.59 -3.18
CA SER B 328 -7.69 51.18 -2.49
C SER B 328 -8.84 51.31 -3.47
N MET B 329 -8.50 51.34 -4.76
CA MET B 329 -9.51 51.47 -5.80
C MET B 329 -9.92 50.16 -6.44
N ASN B 330 -9.42 49.04 -5.92
CA ASN B 330 -9.75 47.72 -6.45
C ASN B 330 -9.12 46.59 -5.64
N GLY B 331 -9.63 46.40 -4.42
CA GLY B 331 -9.10 45.36 -3.55
C GLY B 331 -9.31 45.77 -2.10
N ASP B 332 -8.53 45.18 -1.21
CA ASP B 332 -8.63 45.49 0.21
C ASP B 332 -7.31 46.07 0.70
N VAL B 333 -7.31 47.35 1.11
CA VAL B 333 -6.09 48.00 1.59
C VAL B 333 -5.60 47.39 2.89
N THR B 334 -6.54 46.99 3.75
CA THR B 334 -6.18 46.41 5.04
C THR B 334 -5.22 45.25 4.86
N LYS B 335 -5.35 44.53 3.75
CA LYS B 335 -4.45 43.42 3.49
C LYS B 335 -3.06 44.01 3.27
N LEU B 336 -3.02 45.10 2.52
CA LEU B 336 -1.76 45.80 2.21
C LEU B 336 -1.05 46.26 3.47
N LYS B 337 -1.82 46.84 4.38
CA LYS B 337 -1.26 47.34 5.63
C LYS B 337 -0.66 46.22 6.46
N THR B 338 -1.32 45.07 6.50
CA THR B 338 -0.80 43.94 7.24
C THR B 338 0.56 43.59 6.66
N ILE B 339 0.66 43.67 5.34
CA ILE B 339 1.92 43.39 4.67
C ILE B 339 2.90 44.46 5.13
N VAL B 340 2.46 45.71 5.05
CA VAL B 340 3.28 46.86 5.44
C VAL B 340 3.77 46.70 6.86
N VAL B 341 2.87 46.28 7.75
CA VAL B 341 3.25 46.07 9.13
C VAL B 341 4.26 44.95 9.26
N LYS B 342 4.01 43.84 8.56
CA LYS B 342 4.91 42.68 8.59
C LYS B 342 6.28 42.96 8.02
N SER B 343 6.48 44.13 7.44
CA SER B 343 7.77 44.45 6.86
C SER B 343 8.46 45.69 7.41
N SER B 344 7.95 46.21 8.53
CA SER B 344 8.55 47.39 9.14
C SER B 344 9.22 47.04 10.47
N MET C 1 7.63 1.45 -14.61
CA MET C 1 6.64 1.98 -15.59
C MET C 1 6.65 3.51 -15.61
N ASN C 2 5.54 4.11 -15.18
CA ASN C 2 5.37 5.55 -15.14
C ASN C 2 5.25 6.11 -16.55
N ILE C 3 4.01 6.31 -16.99
CA ILE C 3 3.70 6.82 -18.31
C ILE C 3 4.53 8.04 -18.69
N ASN C 4 4.55 9.02 -17.78
CA ASN C 4 5.26 10.26 -18.01
C ASN C 4 6.76 10.10 -18.21
N GLU C 5 7.40 9.30 -17.37
CA GLU C 5 8.84 9.08 -17.55
C GLU C 5 9.06 8.62 -18.99
N ILE C 6 8.18 7.75 -19.46
CA ILE C 6 8.27 7.22 -20.80
C ILE C 6 7.93 8.25 -21.86
N LEU C 7 6.89 9.04 -21.64
CA LEU C 7 6.53 10.05 -22.61
C LEU C 7 7.70 11.02 -22.74
N LYS C 8 8.28 11.40 -21.60
CA LYS C 8 9.41 12.32 -21.61
C LYS C 8 10.61 11.76 -22.33
N LYS C 9 10.83 10.46 -22.17
CA LYS C 9 11.96 9.80 -22.79
C LYS C 9 11.81 9.89 -24.31
N LEU C 10 10.63 9.55 -24.82
CA LEU C 10 10.36 9.57 -26.26
C LEU C 10 10.37 10.99 -26.82
N ILE C 11 9.79 11.93 -26.08
CA ILE C 11 9.78 13.32 -26.52
C ILE C 11 11.22 13.73 -26.79
N ASN C 12 12.15 13.19 -26.01
CA ASN C 12 13.56 13.53 -26.16
C ASN C 12 14.24 12.59 -27.14
N LYS C 13 13.43 11.89 -27.93
CA LYS C 13 13.89 10.97 -28.95
C LYS C 13 14.88 9.91 -28.48
N SER C 14 14.59 9.27 -27.34
CA SER C 14 15.45 8.20 -26.83
C SER C 14 14.70 6.87 -27.00
N ASP C 15 15.38 5.89 -27.58
CA ASP C 15 14.76 4.58 -27.78
C ASP C 15 14.46 3.89 -26.45
N LEU C 16 13.40 3.10 -26.45
CA LEU C 16 13.01 2.36 -25.26
C LEU C 16 13.68 0.98 -25.28
N GLU C 17 13.86 0.39 -24.11
CA GLU C 17 14.42 -0.94 -24.01
C GLU C 17 13.26 -1.88 -24.28
N ILE C 18 13.56 -3.08 -24.77
CA ILE C 18 12.51 -4.04 -25.08
C ILE C 18 11.43 -4.17 -24.02
N ASN C 19 11.82 -4.48 -22.79
CA ASN C 19 10.85 -4.63 -21.72
C ASN C 19 10.07 -3.35 -21.41
N GLU C 20 10.73 -2.20 -21.57
CA GLU C 20 10.05 -0.92 -21.34
C GLU C 20 8.90 -0.85 -22.34
N ALA C 21 9.23 -1.09 -23.60
CA ALA C 21 8.27 -1.06 -24.70
C ALA C 21 7.19 -2.12 -24.46
N GLU C 22 7.62 -3.33 -24.13
CA GLU C 22 6.65 -4.40 -23.89
C GLU C 22 5.68 -4.00 -22.78
N GLU C 23 6.20 -3.56 -21.63
CA GLU C 23 5.36 -3.14 -20.51
C GLU C 23 4.48 -1.96 -20.90
N LEU C 24 4.99 -1.12 -21.79
CA LEU C 24 4.25 0.04 -22.26
C LEU C 24 3.10 -0.37 -23.16
N ALA C 25 3.35 -1.36 -24.00
CA ALA C 25 2.33 -1.83 -24.92
C ALA C 25 1.23 -2.53 -24.14
N LYS C 26 1.61 -3.31 -23.13
CA LYS C 26 0.62 -4.02 -22.33
C LYS C 26 -0.30 -3.04 -21.64
N ALA C 27 0.28 -1.97 -21.12
CA ALA C 27 -0.49 -0.95 -20.42
C ALA C 27 -1.52 -0.39 -21.38
N ILE C 28 -1.05 0.03 -22.54
CA ILE C 28 -1.95 0.59 -23.53
C ILE C 28 -3.03 -0.41 -23.97
N ILE C 29 -2.60 -1.56 -24.46
CA ILE C 29 -3.53 -2.57 -24.93
C ILE C 29 -4.51 -3.03 -23.87
N ARG C 30 -4.12 -2.96 -22.60
CA ARG C 30 -5.01 -3.36 -21.51
C ARG C 30 -5.94 -2.21 -21.20
N GLY C 31 -5.68 -1.05 -21.81
CA GLY C 31 -6.51 0.12 -21.59
C GLY C 31 -6.32 0.92 -20.31
N GLU C 32 -5.23 0.69 -19.59
CA GLU C 32 -5.00 1.43 -18.34
C GLU C 32 -4.21 2.72 -18.50
N VAL C 33 -4.30 3.32 -19.68
CA VAL C 33 -3.60 4.56 -19.97
C VAL C 33 -4.59 5.53 -20.61
N PRO C 34 -4.65 6.79 -20.11
CA PRO C 34 -5.56 7.80 -20.67
C PRO C 34 -5.32 8.01 -22.16
N GLU C 35 -6.39 8.25 -22.91
CA GLU C 35 -6.31 8.44 -24.35
C GLU C 35 -5.41 9.59 -24.76
N ILE C 36 -5.43 10.67 -23.99
CA ILE C 36 -4.59 11.83 -24.27
C ILE C 36 -3.13 11.43 -24.32
N LEU C 37 -2.72 10.58 -23.37
CA LEU C 37 -1.35 10.11 -23.29
C LEU C 37 -1.03 9.07 -24.36
N VAL C 38 -1.96 8.15 -24.62
CA VAL C 38 -1.72 7.13 -25.64
C VAL C 38 -1.47 7.84 -26.97
N SER C 39 -2.28 8.86 -27.25
CA SER C 39 -2.13 9.62 -28.49
C SER C 39 -0.71 10.18 -28.56
N ALA C 40 -0.30 10.88 -27.51
CA ALA C 40 1.03 11.48 -27.44
C ALA C 40 2.16 10.47 -27.59
N ILE C 41 2.08 9.36 -26.86
CA ILE C 41 3.12 8.35 -26.97
C ILE C 41 3.21 7.79 -28.38
N LEU C 42 2.07 7.49 -29.00
CA LEU C 42 2.08 6.97 -30.36
C LEU C 42 2.62 8.03 -31.32
N VAL C 43 2.24 9.28 -31.08
CA VAL C 43 2.73 10.37 -31.91
C VAL C 43 4.23 10.55 -31.73
N ALA C 44 4.67 10.65 -30.48
CA ALA C 44 6.09 10.84 -30.18
C ALA C 44 6.91 9.68 -30.72
N LEU C 45 6.35 8.48 -30.58
CA LEU C 45 7.00 7.26 -31.03
C LEU C 45 7.25 7.30 -32.54
N ARG C 46 6.24 7.74 -33.28
CA ARG C 46 6.40 7.82 -34.71
C ARG C 46 7.36 8.94 -35.13
N MET C 47 7.30 10.08 -34.46
CA MET C 47 8.18 11.19 -34.81
C MET C 47 9.64 10.89 -34.48
N LYS C 48 9.84 10.04 -33.48
CA LYS C 48 11.19 9.65 -33.11
C LYS C 48 11.69 8.59 -34.09
N GLY C 49 10.75 7.76 -34.54
CA GLY C 49 11.13 6.69 -35.46
C GLY C 49 11.24 5.46 -34.60
N GLU C 50 10.22 4.60 -34.64
CA GLU C 50 10.24 3.39 -33.85
C GLU C 50 11.55 2.62 -34.08
N SER C 51 12.05 1.97 -33.04
CA SER C 51 13.29 1.21 -33.15
C SER C 51 12.99 -0.26 -33.11
N LYS C 52 14.02 -1.07 -33.33
CA LYS C 52 13.86 -2.50 -33.33
C LYS C 52 13.29 -3.01 -32.01
N ASN C 53 13.91 -2.61 -30.92
CA ASN C 53 13.47 -3.07 -29.61
C ASN C 53 12.03 -2.68 -29.33
N GLU C 54 11.66 -1.47 -29.76
CA GLU C 54 10.30 -1.00 -29.53
C GLU C 54 9.30 -1.90 -30.22
N ILE C 55 9.68 -2.36 -31.41
CA ILE C 55 8.79 -3.22 -32.14
C ILE C 55 8.73 -4.58 -31.49
N VAL C 56 9.88 -5.18 -31.26
CA VAL C 56 9.92 -6.48 -30.63
C VAL C 56 9.04 -6.50 -29.37
N GLY C 57 9.20 -5.46 -28.56
CA GLY C 57 8.46 -5.35 -27.32
C GLY C 57 6.96 -5.25 -27.49
N PHE C 58 6.52 -4.42 -28.44
CA PHE C 58 5.10 -4.24 -28.73
C PHE C 58 4.54 -5.52 -29.31
N ALA C 59 5.29 -6.13 -30.21
CA ALA C 59 4.86 -7.37 -30.84
C ALA C 59 4.58 -8.46 -29.79
N ARG C 60 5.50 -8.61 -28.84
CA ARG C 60 5.33 -9.61 -27.80
C ARG C 60 4.12 -9.32 -26.93
N ALA C 61 3.90 -8.04 -26.63
CA ALA C 61 2.76 -7.63 -25.82
C ALA C 61 1.48 -8.08 -26.53
N MET C 62 1.41 -7.81 -27.82
CA MET C 62 0.27 -8.18 -28.64
C MET C 62 0.09 -9.70 -28.68
N ARG C 63 1.17 -10.41 -29.00
CA ARG C 63 1.10 -11.86 -29.08
C ARG C 63 0.62 -12.41 -27.75
N GLU C 64 1.09 -11.82 -26.66
CA GLU C 64 0.72 -12.31 -25.35
C GLU C 64 -0.74 -12.10 -24.99
N LEU C 65 -1.36 -11.03 -25.49
CA LEU C 65 -2.76 -10.76 -25.19
C LEU C 65 -3.68 -11.30 -26.26
N ALA C 66 -3.09 -11.78 -27.36
CA ALA C 66 -3.85 -12.33 -28.46
C ALA C 66 -4.49 -13.66 -28.11
N ILE C 67 -5.53 -14.01 -28.87
CA ILE C 67 -6.25 -15.26 -28.72
C ILE C 67 -5.52 -16.16 -29.71
N LYS C 68 -5.03 -17.30 -29.23
CA LYS C 68 -4.25 -18.18 -30.11
C LYS C 68 -4.88 -19.52 -30.49
N ILE C 69 -4.36 -20.08 -31.58
CA ILE C 69 -4.75 -21.39 -32.08
C ILE C 69 -3.42 -21.99 -32.48
N ASP C 70 -3.29 -23.31 -32.36
CA ASP C 70 -2.01 -23.93 -32.70
C ASP C 70 -1.85 -24.49 -34.10
N VAL C 71 -0.94 -23.89 -34.86
CA VAL C 71 -0.64 -24.32 -36.23
C VAL C 71 0.67 -23.68 -36.73
N PRO C 72 1.78 -23.78 -35.96
CA PRO C 72 3.06 -23.20 -36.39
C PRO C 72 3.50 -23.63 -37.80
N ASN C 73 3.03 -24.81 -38.21
CA ASN C 73 3.31 -25.42 -39.51
C ASN C 73 2.76 -24.58 -40.66
N ALA C 74 1.72 -23.80 -40.36
CA ALA C 74 1.08 -22.97 -41.35
C ALA C 74 1.96 -21.81 -41.84
N ILE C 75 1.54 -21.19 -42.92
CA ILE C 75 2.23 -20.04 -43.50
C ILE C 75 1.21 -18.92 -43.60
N ASP C 76 1.69 -17.69 -43.61
CA ASP C 76 0.83 -16.51 -43.70
C ASP C 76 1.46 -15.64 -44.77
N THR C 77 0.71 -14.72 -45.37
CA THR C 77 1.26 -13.85 -46.41
C THR C 77 1.01 -12.37 -46.16
N ALA C 78 0.31 -12.08 -45.07
CA ALA C 78 -0.04 -10.70 -44.68
C ALA C 78 1.10 -9.70 -44.68
N GLY C 79 0.78 -8.50 -45.15
CA GLY C 79 1.75 -7.43 -45.21
C GLY C 79 1.33 -6.22 -44.41
N THR C 80 2.27 -5.31 -44.18
CA THR C 80 2.00 -4.12 -43.39
C THR C 80 0.96 -3.21 -44.05
N GLY C 81 0.88 -3.26 -45.37
CA GLY C 81 -0.03 -2.36 -46.05
C GLY C 81 0.61 -1.00 -45.96
N GLY C 82 -0.16 0.06 -46.10
CA GLY C 82 0.41 1.39 -45.98
C GLY C 82 1.11 1.93 -47.22
N ASP C 83 0.92 1.30 -48.37
CA ASP C 83 1.54 1.81 -49.60
C ASP C 83 0.56 2.70 -50.35
N GLY C 84 -0.67 2.75 -49.88
CA GLY C 84 -1.68 3.58 -50.50
C GLY C 84 -1.79 3.53 -52.02
N LEU C 85 -1.74 2.33 -52.59
CA LEU C 85 -1.86 2.17 -54.04
C LEU C 85 -3.18 1.52 -54.40
N GLY C 86 -3.90 1.04 -53.38
CA GLY C 86 -5.17 0.39 -53.61
C GLY C 86 -5.09 -0.72 -54.64
N THR C 87 -4.07 -1.56 -54.53
CA THR C 87 -3.90 -2.67 -55.47
C THR C 87 -4.80 -3.81 -55.03
N VAL C 88 -4.99 -4.75 -55.94
CA VAL C 88 -5.80 -5.93 -55.68
C VAL C 88 -5.17 -6.72 -54.53
N ASN C 89 -6.01 -7.42 -53.77
CA ASN C 89 -5.57 -8.21 -52.64
C ASN C 89 -4.76 -9.46 -52.99
N VAL C 90 -3.53 -9.24 -53.43
CA VAL C 90 -2.62 -10.31 -53.84
C VAL C 90 -2.25 -11.36 -52.80
N SER C 91 -1.73 -10.97 -51.65
CA SER C 91 -1.36 -12.01 -50.71
C SER C 91 -2.59 -12.85 -50.33
N THR C 92 -3.77 -12.23 -50.26
CA THR C 92 -4.96 -13.00 -49.93
C THR C 92 -5.19 -14.00 -51.05
N ALA C 93 -5.10 -13.50 -52.29
CA ALA C 93 -5.29 -14.36 -53.45
C ALA C 93 -4.24 -15.45 -53.34
N SER C 94 -3.00 -15.02 -53.20
CA SER C 94 -1.83 -15.88 -53.07
C SER C 94 -1.99 -16.92 -51.97
N ALA C 95 -2.70 -16.57 -50.91
CA ALA C 95 -2.92 -17.49 -49.81
C ALA C 95 -3.85 -18.61 -50.23
N ILE C 96 -4.71 -18.33 -51.21
CA ILE C 96 -5.61 -19.37 -51.70
C ILE C 96 -4.79 -20.42 -52.44
N LEU C 97 -3.90 -19.97 -53.33
CA LEU C 97 -3.09 -20.92 -54.06
C LEU C 97 -2.29 -21.80 -53.10
N LEU C 98 -1.66 -21.15 -52.13
CA LEU C 98 -0.83 -21.84 -51.15
C LEU C 98 -1.52 -22.96 -50.39
N SER C 99 -2.78 -22.74 -50.05
CA SER C 99 -3.52 -23.75 -49.31
C SER C 99 -3.56 -25.09 -50.04
N LEU C 100 -3.19 -25.06 -51.32
CA LEU C 100 -3.18 -26.26 -52.15
C LEU C 100 -1.98 -27.13 -51.80
N VAL C 101 -0.96 -26.52 -51.19
CA VAL C 101 0.26 -27.26 -50.85
C VAL C 101 0.70 -27.23 -49.39
N ASN C 102 0.21 -26.27 -48.62
CA ASN C 102 0.62 -26.17 -47.23
C ASN C 102 -0.51 -25.55 -46.42
N PRO C 103 -0.65 -25.93 -45.14
CA PRO C 103 -1.72 -25.33 -44.35
C PRO C 103 -1.50 -23.82 -44.35
N VAL C 104 -2.58 -23.06 -44.48
CA VAL C 104 -2.47 -21.61 -44.53
C VAL C 104 -3.33 -20.88 -43.50
N ALA C 105 -2.67 -20.15 -42.60
CA ALA C 105 -3.37 -19.37 -41.57
C ALA C 105 -3.18 -17.88 -41.90
N LYS C 106 -4.09 -17.35 -42.69
CA LYS C 106 -4.03 -15.95 -43.12
C LYS C 106 -4.57 -14.99 -42.07
N HIS C 107 -3.71 -14.04 -41.68
CA HIS C 107 -4.05 -13.03 -40.69
C HIS C 107 -4.44 -11.78 -41.45
N GLY C 108 -5.49 -11.09 -41.01
CA GLY C 108 -5.87 -9.89 -41.74
C GLY C 108 -6.90 -9.02 -41.07
N ASN C 109 -7.19 -7.89 -41.71
CA ASN C 109 -8.14 -6.91 -41.21
C ASN C 109 -8.84 -6.20 -42.36
N ARG C 110 -9.77 -5.30 -42.01
CA ARG C 110 -10.51 -4.54 -43.02
C ARG C 110 -9.66 -3.42 -43.60
N ALA C 111 -10.15 -2.75 -44.63
CA ALA C 111 -9.38 -1.69 -45.25
C ALA C 111 -9.21 -0.42 -44.43
N VAL C 112 -7.96 0.04 -44.36
CA VAL C 112 -7.56 1.26 -43.66
C VAL C 112 -7.42 2.35 -44.73
N SER C 113 -7.10 1.94 -45.96
CA SER C 113 -6.97 2.87 -47.09
C SER C 113 -7.65 2.39 -48.36
N GLY C 114 -8.93 2.71 -48.48
CA GLY C 114 -9.70 2.30 -49.64
C GLY C 114 -10.80 1.37 -49.21
N LYS C 115 -10.65 0.10 -49.57
CA LYS C 115 -11.64 -0.90 -49.22
C LYS C 115 -11.12 -2.23 -49.74
N SER C 116 -9.83 -2.27 -50.01
CA SER C 116 -9.21 -3.49 -50.51
C SER C 116 -8.57 -4.24 -49.36
N GLY C 117 -9.26 -4.31 -48.22
CA GLY C 117 -8.71 -5.04 -47.08
C GLY C 117 -8.92 -6.52 -47.28
N SER C 118 -7.91 -7.34 -46.96
CA SER C 118 -8.03 -8.78 -47.12
C SER C 118 -9.34 -9.30 -46.53
N ALA C 119 -9.69 -8.80 -45.36
CA ALA C 119 -10.93 -9.21 -44.72
C ALA C 119 -12.12 -8.83 -45.60
N ASP C 120 -12.02 -7.68 -46.28
CA ASP C 120 -13.10 -7.22 -47.14
C ASP C 120 -13.31 -8.07 -48.39
N VAL C 121 -12.23 -8.46 -49.06
CA VAL C 121 -12.37 -9.27 -50.26
C VAL C 121 -13.05 -10.55 -49.84
N LEU C 122 -12.45 -11.22 -48.85
CA LEU C 122 -12.96 -12.48 -48.33
C LEU C 122 -14.45 -12.41 -48.08
N GLU C 123 -14.86 -11.34 -47.43
CA GLU C 123 -16.27 -11.13 -47.10
C GLU C 123 -17.08 -11.08 -48.40
N ALA C 124 -16.60 -10.28 -49.34
CA ALA C 124 -17.25 -10.12 -50.63
C ALA C 124 -17.34 -11.45 -51.40
N LEU C 125 -16.38 -12.34 -51.19
CA LEU C 125 -16.37 -13.63 -51.86
C LEU C 125 -17.40 -14.55 -51.24
N GLY C 126 -17.93 -14.19 -50.08
CA GLY C 126 -18.90 -15.04 -49.42
C GLY C 126 -18.34 -15.71 -48.19
N TYR C 127 -17.04 -15.53 -47.97
CA TYR C 127 -16.37 -16.11 -46.83
C TYR C 127 -16.89 -15.50 -45.53
N ASN C 128 -16.94 -16.32 -44.50
CA ASN C 128 -17.39 -15.88 -43.18
C ASN C 128 -16.15 -15.47 -42.36
N ILE C 129 -15.72 -14.22 -42.48
CA ILE C 129 -14.50 -13.76 -41.81
C ILE C 129 -14.36 -13.94 -40.30
N ILE C 130 -15.46 -14.05 -39.57
CA ILE C 130 -15.36 -14.25 -38.12
C ILE C 130 -15.33 -15.75 -37.84
N VAL C 131 -14.13 -16.26 -37.55
CA VAL C 131 -13.93 -17.69 -37.29
C VAL C 131 -13.47 -18.06 -35.87
N PRO C 132 -14.38 -18.63 -35.07
CA PRO C 132 -14.08 -19.04 -33.70
C PRO C 132 -12.85 -19.95 -33.69
N PRO C 133 -11.97 -19.80 -32.68
CA PRO C 133 -10.76 -20.62 -32.57
C PRO C 133 -10.96 -22.13 -32.73
N GLU C 134 -11.98 -22.67 -32.08
CA GLU C 134 -12.26 -24.10 -32.18
C GLU C 134 -12.60 -24.48 -33.63
N ARG C 135 -13.40 -23.66 -34.29
CA ARG C 135 -13.76 -23.92 -35.68
C ARG C 135 -12.58 -23.69 -36.60
N ALA C 136 -11.80 -22.66 -36.31
CA ALA C 136 -10.66 -22.35 -37.15
C ALA C 136 -9.80 -23.57 -37.37
N LYS C 137 -9.42 -24.22 -36.29
CA LYS C 137 -8.58 -25.40 -36.37
C LYS C 137 -9.24 -26.47 -37.24
N GLU C 138 -10.55 -26.59 -37.08
CA GLU C 138 -11.37 -27.53 -37.82
C GLU C 138 -11.29 -27.24 -39.33
N LEU C 139 -11.45 -25.97 -39.71
CA LEU C 139 -11.41 -25.58 -41.10
C LEU C 139 -10.04 -25.78 -41.72
N VAL C 140 -8.99 -25.46 -40.96
CA VAL C 140 -7.65 -25.63 -41.50
C VAL C 140 -7.32 -27.09 -41.75
N ASN C 141 -7.93 -27.98 -40.97
CA ASN C 141 -7.68 -29.42 -41.14
C ASN C 141 -8.42 -29.94 -42.34
N LYS C 142 -9.69 -29.55 -42.47
CA LYS C 142 -10.48 -29.99 -43.59
C LYS C 142 -10.04 -29.32 -44.88
N THR C 143 -10.10 -27.99 -44.96
CA THR C 143 -9.72 -27.26 -46.18
C THR C 143 -8.29 -26.73 -46.26
N ASN C 144 -7.51 -26.88 -45.20
CA ASN C 144 -6.12 -26.41 -45.21
C ASN C 144 -5.98 -24.90 -45.30
N PHE C 145 -7.02 -24.17 -44.90
CA PHE C 145 -7.00 -22.72 -44.95
C PHE C 145 -8.00 -22.13 -43.96
N VAL C 146 -7.65 -20.96 -43.42
CA VAL C 146 -8.54 -20.26 -42.51
C VAL C 146 -8.04 -18.85 -42.49
N PHE C 147 -8.93 -17.91 -42.16
CA PHE C 147 -8.57 -16.50 -42.07
C PHE C 147 -8.76 -16.13 -40.62
N LEU C 148 -7.77 -15.44 -40.06
CA LEU C 148 -7.83 -15.02 -38.67
C LEU C 148 -8.09 -13.53 -38.66
N PHE C 149 -9.32 -13.17 -38.33
CA PHE C 149 -9.75 -11.79 -38.29
C PHE C 149 -9.08 -11.04 -37.12
N ALA C 150 -8.17 -10.13 -37.45
CA ALA C 150 -7.47 -9.38 -36.44
C ALA C 150 -8.40 -8.74 -35.40
N GLN C 151 -9.48 -8.13 -35.85
CA GLN C 151 -10.40 -7.49 -34.91
C GLN C 151 -11.01 -8.48 -33.93
N TYR C 152 -11.06 -9.75 -34.32
CA TYR C 152 -11.63 -10.80 -33.47
C TYR C 152 -10.57 -11.52 -32.62
N TYR C 153 -9.39 -11.75 -33.20
CA TYR C 153 -8.32 -12.45 -32.50
C TYR C 153 -7.47 -11.60 -31.56
N HIS C 154 -7.63 -10.28 -31.64
CA HIS C 154 -6.91 -9.34 -30.79
C HIS C 154 -7.93 -8.44 -30.14
N PRO C 155 -8.94 -9.02 -29.50
CA PRO C 155 -10.01 -8.27 -28.84
C PRO C 155 -9.58 -7.11 -27.94
N ALA C 156 -8.41 -7.22 -27.33
CA ALA C 156 -7.90 -6.17 -26.45
C ALA C 156 -7.59 -4.89 -27.22
N MET C 157 -7.21 -5.06 -28.48
CA MET C 157 -6.88 -3.93 -29.34
C MET C 157 -8.02 -2.92 -29.49
N LYS C 158 -9.21 -3.26 -29.00
CA LYS C 158 -10.32 -2.33 -29.09
C LYS C 158 -10.04 -1.17 -28.13
N ASN C 159 -9.18 -1.43 -27.14
CA ASN C 159 -8.83 -0.40 -26.16
C ASN C 159 -7.93 0.66 -26.80
N VAL C 160 -7.60 0.50 -28.07
CA VAL C 160 -6.75 1.48 -28.74
C VAL C 160 -7.41 1.91 -30.04
N ALA C 161 -8.61 1.42 -30.28
CA ALA C 161 -9.34 1.72 -31.50
C ALA C 161 -9.69 3.20 -31.67
N ASN C 162 -10.26 3.80 -30.63
CA ASN C 162 -10.66 5.19 -30.69
C ASN C 162 -9.49 6.10 -31.03
N VAL C 163 -8.45 6.05 -30.20
CA VAL C 163 -7.27 6.88 -30.41
C VAL C 163 -6.77 6.75 -31.83
N ARG C 164 -6.61 5.51 -32.30
CA ARG C 164 -6.14 5.26 -33.65
C ARG C 164 -7.06 5.86 -34.69
N LYS C 165 -8.35 5.60 -34.54
CA LYS C 165 -9.31 6.12 -35.49
C LYS C 165 -9.25 7.65 -35.51
N THR C 166 -9.40 8.26 -34.34
CA THR C 166 -9.38 9.72 -34.22
C THR C 166 -8.09 10.32 -34.75
N LEU C 167 -6.95 9.67 -34.47
CA LEU C 167 -5.67 10.18 -34.96
C LEU C 167 -5.67 10.21 -36.47
N GLY C 168 -6.12 9.10 -37.08
CA GLY C 168 -6.18 9.04 -38.52
C GLY C 168 -4.85 9.15 -39.23
N ILE C 169 -3.79 8.64 -38.60
CA ILE C 169 -2.45 8.65 -39.19
C ILE C 169 -1.81 7.34 -38.82
N ARG C 170 -0.87 6.89 -39.65
CA ARG C 170 -0.22 5.62 -39.35
C ARG C 170 0.64 5.71 -38.08
N THR C 171 0.51 4.69 -37.23
CA THR C 171 1.30 4.62 -36.01
C THR C 171 2.11 3.34 -36.07
N ILE C 172 2.62 2.90 -34.92
CA ILE C 172 3.43 1.69 -34.86
C ILE C 172 2.55 0.46 -35.05
N PHE C 173 1.31 0.53 -34.61
CA PHE C 173 0.38 -0.58 -34.74
C PHE C 173 0.04 -0.95 -36.19
N ASN C 174 0.31 -0.03 -37.10
CA ASN C 174 0.03 -0.28 -38.49
C ASN C 174 1.16 -1.06 -39.16
N ILE C 175 2.04 -1.66 -38.36
CA ILE C 175 3.13 -2.46 -38.90
C ILE C 175 3.39 -3.69 -38.03
N LEU C 176 2.63 -3.82 -36.95
CA LEU C 176 2.79 -4.93 -36.03
C LEU C 176 1.88 -6.12 -36.31
N GLY C 177 0.77 -5.87 -36.99
CA GLY C 177 -0.17 -6.94 -37.28
C GLY C 177 0.45 -8.18 -37.91
N PRO C 178 1.25 -8.02 -38.97
CA PRO C 178 1.85 -9.19 -39.61
C PRO C 178 2.80 -10.00 -38.75
N LEU C 179 3.29 -9.42 -37.66
CA LEU C 179 4.21 -10.12 -36.77
C LEU C 179 3.45 -10.77 -35.62
N THR C 180 2.13 -10.62 -35.63
CA THR C 180 1.33 -11.16 -34.55
C THR C 180 0.32 -12.23 -35.00
N ASN C 181 0.72 -13.07 -35.95
CA ASN C 181 -0.14 -14.12 -36.47
C ASN C 181 -0.68 -14.92 -35.29
N PRO C 182 -2.02 -14.98 -35.13
CA PRO C 182 -2.66 -15.69 -34.03
C PRO C 182 -2.44 -17.20 -33.97
N ALA C 183 -1.89 -17.77 -35.05
CA ALA C 183 -1.62 -19.21 -35.09
C ALA C 183 -0.13 -19.43 -34.90
N ASN C 184 0.60 -18.33 -34.82
CA ASN C 184 2.03 -18.38 -34.63
C ASN C 184 2.69 -19.07 -35.82
N ALA C 185 2.11 -18.90 -37.01
CA ALA C 185 2.67 -19.52 -38.21
C ALA C 185 4.16 -19.15 -38.21
N LYS C 186 5.00 -20.15 -38.43
CA LYS C 186 6.44 -19.98 -38.41
C LYS C 186 7.04 -19.60 -39.75
N TYR C 187 6.24 -19.72 -40.80
CA TYR C 187 6.71 -19.37 -42.14
C TYR C 187 5.79 -18.27 -42.62
N GLN C 188 6.36 -17.27 -43.25
CA GLN C 188 5.55 -16.17 -43.68
C GLN C 188 6.21 -15.28 -44.71
N LEU C 189 5.41 -14.78 -45.64
CA LEU C 189 5.90 -13.84 -46.65
C LEU C 189 5.34 -12.55 -46.09
N MET C 190 6.21 -11.58 -45.81
CA MET C 190 5.74 -10.32 -45.24
C MET C 190 6.13 -9.13 -46.11
N GLY C 191 5.14 -8.33 -46.49
CA GLY C 191 5.42 -7.18 -47.33
C GLY C 191 5.53 -5.90 -46.53
N VAL C 192 6.54 -5.10 -46.84
CA VAL C 192 6.77 -3.82 -46.16
C VAL C 192 6.67 -2.69 -47.18
N PHE C 193 6.02 -1.60 -46.83
CA PHE C 193 5.84 -0.51 -47.78
C PHE C 193 7.05 0.37 -48.08
N SER C 194 8.09 0.31 -47.25
CA SER C 194 9.28 1.12 -47.51
C SER C 194 10.54 0.28 -47.31
N LYS C 195 11.70 0.78 -47.72
CA LYS C 195 12.95 0.03 -47.53
C LYS C 195 13.48 0.19 -46.11
N ASP C 196 13.26 1.36 -45.53
CA ASP C 196 13.72 1.57 -44.17
C ASP C 196 13.04 0.54 -43.29
N HIS C 197 11.73 0.41 -43.45
CA HIS C 197 10.97 -0.55 -42.67
C HIS C 197 11.35 -2.00 -43.00
N LEU C 198 11.98 -2.21 -44.15
CA LEU C 198 12.40 -3.54 -44.55
C LEU C 198 13.60 -3.96 -43.71
N ASP C 199 14.42 -2.99 -43.32
CA ASP C 199 15.59 -3.27 -42.48
C ASP C 199 15.10 -3.41 -41.04
N LEU C 200 14.31 -2.44 -40.62
CA LEU C 200 13.78 -2.41 -39.26
C LEU C 200 12.99 -3.65 -38.87
N LEU C 201 12.08 -4.06 -39.76
CA LEU C 201 11.24 -5.21 -39.47
C LEU C 201 11.94 -6.54 -39.64
N SER C 202 12.95 -6.60 -40.49
CA SER C 202 13.67 -7.85 -40.65
C SER C 202 14.50 -8.06 -39.38
N LYS C 203 15.22 -7.03 -38.96
CA LYS C 203 16.03 -7.15 -37.75
C LYS C 203 15.18 -7.50 -36.54
N SER C 204 13.93 -7.06 -36.54
CA SER C 204 13.02 -7.37 -35.44
C SER C 204 12.49 -8.78 -35.58
N ALA C 205 12.13 -9.17 -36.80
CA ALA C 205 11.62 -10.51 -37.04
C ALA C 205 12.66 -11.52 -36.58
N TYR C 206 13.93 -11.19 -36.80
CA TYR C 206 15.04 -12.07 -36.42
C TYR C 206 14.88 -12.51 -34.97
N GLU C 207 14.35 -11.62 -34.13
CA GLU C 207 14.14 -11.89 -32.72
C GLU C 207 12.69 -12.21 -32.34
N LEU C 208 11.88 -12.62 -33.31
CA LEU C 208 10.49 -12.96 -33.00
C LEU C 208 10.15 -14.45 -33.11
N ASP C 209 11.19 -15.27 -33.28
CA ASP C 209 11.06 -16.72 -33.35
C ASP C 209 10.29 -17.33 -34.52
N PHE C 210 10.77 -17.06 -35.73
CA PHE C 210 10.16 -17.61 -36.94
C PHE C 210 11.15 -18.64 -37.46
N ASN C 211 10.66 -19.64 -38.20
CA ASN C 211 11.58 -20.59 -38.77
C ASN C 211 12.08 -19.90 -40.02
N LYS C 212 11.14 -19.42 -40.83
CA LYS C 212 11.48 -18.72 -42.07
C LYS C 212 10.45 -17.64 -42.40
N ILE C 213 10.93 -16.41 -42.51
CA ILE C 213 10.08 -15.29 -42.83
C ILE C 213 10.81 -14.43 -43.84
N ILE C 214 10.13 -14.12 -44.93
CA ILE C 214 10.73 -13.31 -45.96
C ILE C 214 9.97 -12.02 -45.96
N LEU C 215 10.69 -10.91 -45.93
CA LEU C 215 10.05 -9.63 -45.97
C LEU C 215 10.40 -9.07 -47.30
N VAL C 216 9.44 -8.40 -47.95
CA VAL C 216 9.71 -7.86 -49.27
C VAL C 216 9.21 -6.43 -49.43
N TYR C 217 9.93 -5.66 -50.23
CA TYR C 217 9.59 -4.30 -50.55
C TYR C 217 9.81 -4.20 -52.05
N GLY C 218 8.75 -3.88 -52.80
CA GLY C 218 8.91 -3.78 -54.24
C GLY C 218 8.70 -2.40 -54.79
N GLU C 219 9.26 -2.14 -55.97
CA GLU C 219 9.07 -0.86 -56.62
C GLU C 219 7.62 -0.80 -57.09
N PRO C 220 7.06 0.42 -57.21
CA PRO C 220 7.70 1.70 -56.94
C PRO C 220 7.33 2.14 -55.52
N GLY C 221 7.25 1.18 -54.61
CA GLY C 221 6.89 1.51 -53.24
C GLY C 221 5.60 0.81 -52.89
N ILE C 222 5.70 -0.52 -52.87
CA ILE C 222 4.58 -1.37 -52.58
C ILE C 222 5.14 -2.49 -51.72
N ASP C 223 4.33 -2.98 -50.79
CA ASP C 223 4.75 -4.05 -49.90
C ASP C 223 4.40 -5.40 -50.49
N GLU C 224 4.84 -5.60 -51.73
CA GLU C 224 4.61 -6.83 -52.48
C GLU C 224 5.81 -7.03 -53.36
N VAL C 225 5.89 -8.22 -53.96
CA VAL C 225 6.95 -8.46 -54.90
C VAL C 225 6.59 -7.46 -56.00
N SER C 226 7.54 -6.66 -56.44
CA SER C 226 7.25 -5.64 -57.45
C SER C 226 6.74 -6.19 -58.76
N PRO C 227 5.58 -5.69 -59.19
CA PRO C 227 5.01 -6.17 -60.45
C PRO C 227 5.61 -5.42 -61.65
N ILE C 228 6.34 -4.34 -61.38
CA ILE C 228 6.95 -3.56 -62.46
C ILE C 228 8.46 -3.64 -62.58
N GLY C 229 9.15 -3.88 -61.47
CA GLY C 229 10.60 -3.96 -61.52
C GLY C 229 11.30 -4.72 -60.40
N ASN C 230 12.13 -4.01 -59.63
CA ASN C 230 12.90 -4.60 -58.56
C ASN C 230 12.19 -4.86 -57.22
N THR C 231 12.55 -5.97 -56.60
CA THR C 231 12.02 -6.34 -55.29
C THR C 231 13.25 -6.59 -54.40
N PHE C 232 13.19 -6.10 -53.17
CA PHE C 232 14.27 -6.28 -52.22
C PHE C 232 13.67 -7.11 -51.12
N MET C 233 14.38 -8.14 -50.68
CA MET C 233 13.84 -8.96 -49.61
C MET C 233 14.87 -9.46 -48.60
N LYS C 234 14.38 -9.71 -47.39
CA LYS C 234 15.22 -10.20 -46.32
C LYS C 234 14.73 -11.58 -45.95
N ILE C 235 15.57 -12.58 -46.14
CA ILE C 235 15.18 -13.92 -45.75
C ILE C 235 15.69 -14.01 -44.32
N VAL C 236 14.77 -14.14 -43.38
CA VAL C 236 15.07 -14.20 -41.95
C VAL C 236 14.87 -15.59 -41.34
N SER C 237 15.94 -16.20 -40.84
CA SER C 237 15.87 -17.54 -40.24
C SER C 237 16.76 -17.61 -39.00
N LYS C 238 16.80 -18.78 -38.38
CA LYS C 238 17.63 -18.98 -37.20
C LYS C 238 19.06 -18.61 -37.53
N ARG C 239 19.54 -19.05 -38.70
CA ARG C 239 20.91 -18.78 -39.11
C ARG C 239 21.23 -17.31 -39.40
N GLY C 240 20.21 -16.46 -39.51
CA GLY C 240 20.48 -15.05 -39.76
C GLY C 240 19.57 -14.29 -40.70
N ILE C 241 20.11 -13.23 -41.31
CA ILE C 241 19.36 -12.39 -42.24
C ILE C 241 20.09 -12.28 -43.57
N GLU C 242 19.52 -12.87 -44.61
CA GLU C 242 20.11 -12.84 -45.93
C GLU C 242 19.35 -11.87 -46.83
N GLU C 243 20.07 -11.00 -47.54
CA GLU C 243 19.47 -10.02 -48.45
C GLU C 243 19.36 -10.64 -49.85
N VAL C 244 18.30 -10.31 -50.59
CA VAL C 244 18.15 -10.87 -51.92
C VAL C 244 17.52 -9.89 -52.90
N LYS C 245 18.28 -9.48 -53.91
CA LYS C 245 17.79 -8.54 -54.92
C LYS C 245 17.08 -9.36 -55.99
N LEU C 246 16.09 -8.75 -56.64
CA LEU C 246 15.31 -9.47 -57.62
C LEU C 246 14.46 -8.59 -58.54
N ASN C 247 14.58 -8.78 -59.86
CA ASN C 247 13.76 -8.01 -60.78
C ASN C 247 12.63 -8.91 -61.30
N VAL C 248 11.48 -8.31 -61.58
CA VAL C 248 10.32 -9.05 -62.04
C VAL C 248 10.60 -10.03 -63.17
N THR C 249 11.34 -9.59 -64.17
CA THR C 249 11.66 -10.44 -65.30
C THR C 249 12.38 -11.72 -64.88
N ASP C 250 12.87 -11.78 -63.64
CA ASP C 250 13.56 -12.99 -63.19
C ASP C 250 12.54 -14.11 -63.08
N PHE C 251 11.29 -13.75 -62.86
CA PHE C 251 10.23 -14.72 -62.75
C PHE C 251 9.95 -15.33 -64.11
N GLY C 252 10.51 -14.71 -65.15
CA GLY C 252 10.30 -15.22 -66.49
C GLY C 252 9.19 -14.51 -67.26
N ILE C 253 8.73 -13.39 -66.74
CA ILE C 253 7.69 -12.62 -67.42
C ILE C 253 8.14 -11.18 -67.64
N SER C 254 7.33 -10.42 -68.36
CA SER C 254 7.63 -9.04 -68.64
C SER C 254 6.96 -8.15 -67.59
N PRO C 255 7.52 -6.96 -67.34
CA PRO C 255 6.89 -6.10 -66.33
C PRO C 255 5.39 -6.04 -66.58
N ILE C 256 4.65 -5.93 -65.51
CA ILE C 256 3.20 -5.85 -65.58
C ILE C 256 2.79 -4.40 -65.38
N PRO C 257 1.83 -3.91 -66.17
CA PRO C 257 1.37 -2.53 -66.03
C PRO C 257 0.59 -2.39 -64.74
N ILE C 258 1.09 -1.55 -63.83
CA ILE C 258 0.48 -1.33 -62.54
C ILE C 258 -0.99 -0.94 -62.64
N GLU C 259 -1.32 -0.11 -63.63
CA GLU C 259 -2.70 0.33 -63.83
C GLU C 259 -3.69 -0.80 -63.83
N LYS C 260 -3.27 -1.97 -64.32
CA LYS C 260 -4.17 -3.10 -64.39
C LYS C 260 -4.31 -3.87 -63.08
N LEU C 261 -3.53 -3.49 -62.07
CA LEU C 261 -3.59 -4.19 -60.80
C LEU C 261 -4.31 -3.43 -59.70
N ILE C 262 -4.80 -2.23 -60.02
CA ILE C 262 -5.51 -1.39 -59.05
C ILE C 262 -7.01 -1.69 -58.96
N VAL C 263 -7.54 -1.69 -57.75
CA VAL C 263 -8.97 -1.92 -57.58
C VAL C 263 -9.58 -0.69 -56.91
N ASN C 264 -10.90 -0.53 -57.00
CA ASN C 264 -11.55 0.59 -56.36
C ASN C 264 -12.67 0.19 -55.42
N SER C 265 -12.71 -1.09 -55.06
CA SER C 265 -13.71 -1.58 -54.11
C SER C 265 -13.46 -3.06 -53.80
N ALA C 266 -13.96 -3.51 -52.65
CA ALA C 266 -13.78 -4.91 -52.24
C ALA C 266 -14.26 -5.90 -53.30
N GLU C 267 -15.46 -5.70 -53.83
CA GLU C 267 -16.00 -6.60 -54.85
C GLU C 267 -15.20 -6.48 -56.15
N ASP C 268 -14.84 -5.25 -56.52
CA ASP C 268 -14.05 -5.04 -57.73
C ASP C 268 -12.80 -5.90 -57.59
N SER C 269 -12.22 -5.90 -56.38
CA SER C 269 -11.03 -6.70 -56.07
C SER C 269 -11.35 -8.19 -56.26
N ALA C 270 -12.46 -8.64 -55.69
CA ALA C 270 -12.88 -10.04 -55.80
C ALA C 270 -13.08 -10.49 -57.26
N ILE C 271 -13.74 -9.67 -58.08
CA ILE C 271 -13.97 -10.01 -59.48
C ILE C 271 -12.63 -10.26 -60.14
N LYS C 272 -11.67 -9.37 -59.88
CA LYS C 272 -10.33 -9.49 -60.44
C LYS C 272 -9.69 -10.83 -60.12
N ILE C 273 -9.77 -11.23 -58.85
CA ILE C 273 -9.18 -12.50 -58.43
C ILE C 273 -9.76 -13.69 -59.17
N VAL C 274 -11.09 -13.85 -59.07
CA VAL C 274 -11.77 -14.94 -59.76
C VAL C 274 -11.45 -14.94 -61.25
N ARG C 275 -11.41 -13.75 -61.86
CA ARG C 275 -11.08 -13.67 -63.27
C ARG C 275 -9.69 -14.26 -63.46
N ALA C 276 -8.79 -13.96 -62.55
CA ALA C 276 -7.42 -14.48 -62.62
C ALA C 276 -7.47 -15.99 -62.51
N PHE C 277 -8.29 -16.48 -61.59
CA PHE C 277 -8.43 -17.92 -61.41
C PHE C 277 -9.10 -18.53 -62.64
N LEU C 278 -9.96 -17.75 -63.29
CA LEU C 278 -10.66 -18.22 -64.48
C LEU C 278 -9.79 -18.14 -65.73
N GLY C 279 -8.61 -17.53 -65.61
CA GLY C 279 -7.74 -17.41 -66.75
C GLY C 279 -8.18 -16.27 -67.64
N LYS C 280 -9.00 -15.37 -67.09
CA LYS C 280 -9.50 -14.23 -67.84
C LYS C 280 -8.80 -12.91 -67.56
N ASP C 281 -7.69 -12.96 -66.81
CA ASP C 281 -6.94 -11.74 -66.49
C ASP C 281 -5.52 -12.10 -66.09
N GLU C 282 -4.66 -12.29 -67.09
CA GLU C 282 -3.29 -12.67 -66.86
C GLU C 282 -2.45 -11.69 -66.06
N HIS C 283 -2.77 -10.40 -66.14
CA HIS C 283 -2.00 -9.43 -65.40
C HIS C 283 -2.18 -9.60 -63.88
N VAL C 284 -3.42 -9.82 -63.46
CA VAL C 284 -3.67 -10.02 -62.05
C VAL C 284 -3.25 -11.42 -61.65
N ALA C 285 -3.21 -12.33 -62.62
CA ALA C 285 -2.81 -13.71 -62.32
C ALA C 285 -1.31 -13.75 -62.17
N GLU C 286 -0.61 -13.03 -63.03
CA GLU C 286 0.84 -12.97 -62.97
C GLU C 286 1.29 -12.31 -61.67
N PHE C 287 0.56 -11.28 -61.25
CA PHE C 287 0.90 -10.59 -60.03
C PHE C 287 0.76 -11.55 -58.86
N ILE C 288 -0.33 -12.30 -58.85
CA ILE C 288 -0.58 -13.29 -57.80
C ILE C 288 0.51 -14.36 -57.80
N LYS C 289 0.99 -14.72 -58.98
CA LYS C 289 2.01 -15.76 -59.13
C LYS C 289 3.42 -15.39 -58.72
N ILE C 290 3.84 -14.16 -58.95
CA ILE C 290 5.19 -13.78 -58.55
C ILE C 290 5.27 -13.73 -57.03
N ASN C 291 4.18 -13.36 -56.36
CA ASN C 291 4.18 -13.32 -54.90
C ASN C 291 4.19 -14.75 -54.39
N THR C 292 3.21 -15.54 -54.83
CA THR C 292 3.15 -16.93 -54.44
C THR C 292 4.55 -17.48 -54.56
N ALA C 293 5.13 -17.30 -55.74
CA ALA C 293 6.48 -17.76 -56.06
C ALA C 293 7.47 -17.61 -54.91
N VAL C 294 7.57 -16.39 -54.36
CA VAL C 294 8.48 -16.16 -53.25
C VAL C 294 8.03 -16.97 -52.05
N ALA C 295 6.76 -16.87 -51.69
CA ALA C 295 6.24 -17.62 -50.55
C ALA C 295 6.62 -19.09 -50.69
N LEU C 296 6.36 -19.62 -51.89
CA LEU C 296 6.67 -21.01 -52.21
C LEU C 296 8.16 -21.28 -51.92
N PHE C 297 8.97 -20.24 -52.08
CA PHE C 297 10.39 -20.33 -51.83
C PHE C 297 10.63 -20.41 -50.33
N ALA C 298 9.83 -19.69 -49.57
CA ALA C 298 9.96 -19.67 -48.11
C ALA C 298 9.63 -21.01 -47.49
N LEU C 299 8.74 -21.77 -48.11
CA LEU C 299 8.36 -23.10 -47.62
C LEU C 299 9.37 -24.10 -48.14
N ASP C 300 10.35 -23.61 -48.89
CA ASP C 300 11.38 -24.45 -49.47
C ASP C 300 10.75 -25.54 -50.35
N ARG C 301 9.82 -25.13 -51.20
CA ARG C 301 9.15 -26.07 -52.10
C ARG C 301 9.79 -26.00 -53.46
N VAL C 302 10.59 -24.95 -53.70
CA VAL C 302 11.25 -24.77 -54.97
C VAL C 302 12.68 -24.27 -54.82
N GLY C 303 13.50 -24.52 -55.84
CA GLY C 303 14.89 -24.11 -55.78
C GLY C 303 15.14 -22.64 -56.07
N ASP C 304 14.33 -22.05 -56.94
CA ASP C 304 14.49 -20.65 -57.27
C ASP C 304 13.16 -19.97 -57.60
N PHE C 305 13.24 -18.67 -57.87
CA PHE C 305 12.05 -17.87 -58.15
C PHE C 305 11.34 -18.17 -59.45
N ARG C 306 12.09 -18.60 -60.46
CA ARG C 306 11.47 -18.92 -61.75
C ARG C 306 10.69 -20.21 -61.58
N GLU C 307 11.19 -21.09 -60.73
CA GLU C 307 10.53 -22.36 -60.47
C GLU C 307 9.26 -22.03 -59.73
N GLY C 308 9.40 -21.24 -58.67
CA GLY C 308 8.25 -20.84 -57.89
C GLY C 308 7.13 -20.33 -58.77
N TYR C 309 7.46 -19.55 -59.79
CA TYR C 309 6.46 -19.01 -60.69
C TYR C 309 5.78 -20.10 -61.50
N GLU C 310 6.58 -20.97 -62.12
CA GLU C 310 6.05 -22.06 -62.91
C GLU C 310 5.23 -22.99 -62.03
N TYR C 311 5.67 -23.15 -60.79
CA TYR C 311 4.97 -24.02 -59.85
C TYR C 311 3.63 -23.36 -59.55
N ALA C 312 3.66 -22.07 -59.22
CA ALA C 312 2.45 -21.33 -58.90
C ALA C 312 1.49 -21.30 -60.09
N ASP C 313 2.04 -21.45 -61.29
CA ASP C 313 1.22 -21.43 -62.49
C ASP C 313 0.21 -22.58 -62.57
N HIS C 314 0.58 -23.73 -62.02
CA HIS C 314 -0.29 -24.90 -62.02
C HIS C 314 -1.34 -24.71 -60.93
N LEU C 315 -0.87 -24.24 -59.77
CA LEU C 315 -1.72 -24.01 -58.62
C LEU C 315 -2.91 -23.10 -58.92
N ILE C 316 -2.65 -22.00 -59.59
CA ILE C 316 -3.71 -21.05 -59.88
C ILE C 316 -4.82 -21.71 -60.73
N GLU C 317 -4.49 -22.82 -61.38
CA GLU C 317 -5.48 -23.50 -62.20
C GLU C 317 -6.50 -24.23 -61.35
N LYS C 318 -6.10 -24.63 -60.15
CA LYS C 318 -6.98 -25.35 -59.24
C LYS C 318 -7.56 -24.43 -58.17
N SER C 319 -7.14 -23.17 -58.17
CA SER C 319 -7.62 -22.23 -57.18
C SER C 319 -9.10 -21.96 -57.09
N LEU C 320 -9.78 -21.76 -58.20
CA LEU C 320 -11.22 -21.50 -58.10
C LEU C 320 -11.90 -22.68 -57.40
N ASP C 321 -11.55 -23.90 -57.79
CA ASP C 321 -12.11 -25.08 -57.13
C ASP C 321 -11.82 -25.02 -55.62
N LYS C 322 -10.55 -24.77 -55.26
CA LYS C 322 -10.15 -24.66 -53.86
C LYS C 322 -10.91 -23.54 -53.16
N LEU C 323 -10.92 -22.38 -53.80
CA LEU C 323 -11.64 -21.24 -53.23
C LEU C 323 -13.09 -21.63 -53.01
N ASN C 324 -13.61 -22.49 -53.88
CA ASN C 324 -15.00 -22.89 -53.75
C ASN C 324 -15.20 -23.77 -52.54
N GLU C 325 -14.28 -24.70 -52.30
CA GLU C 325 -14.45 -25.56 -51.15
C GLU C 325 -14.27 -24.77 -49.85
N ILE C 326 -13.35 -23.81 -49.84
CA ILE C 326 -13.13 -23.01 -48.64
C ILE C 326 -14.42 -22.29 -48.20
N ILE C 327 -15.07 -21.64 -49.15
CA ILE C 327 -16.29 -20.91 -48.87
C ILE C 327 -17.50 -21.82 -48.58
N SER C 328 -17.49 -23.01 -49.16
CA SER C 328 -18.57 -23.98 -48.95
C SER C 328 -18.61 -24.39 -47.48
N MET C 329 -17.44 -24.66 -46.91
CA MET C 329 -17.37 -25.07 -45.52
C MET C 329 -17.45 -23.92 -44.55
N ASN C 330 -17.30 -22.70 -45.04
CA ASN C 330 -17.36 -21.57 -44.15
C ASN C 330 -17.84 -20.26 -44.77
N GLY C 331 -19.14 -20.20 -45.06
CA GLY C 331 -19.71 -19.01 -45.65
C GLY C 331 -20.80 -19.28 -46.67
N ASP C 332 -21.01 -18.33 -47.56
CA ASP C 332 -22.05 -18.47 -48.58
C ASP C 332 -21.46 -18.65 -49.97
N VAL C 333 -21.84 -19.72 -50.64
CA VAL C 333 -21.34 -20.01 -51.97
C VAL C 333 -22.16 -19.35 -53.07
N THR C 334 -23.38 -18.93 -52.73
CA THR C 334 -24.23 -18.27 -53.71
C THR C 334 -23.68 -16.86 -53.84
N LYS C 335 -23.06 -16.38 -52.78
CA LYS C 335 -22.46 -15.05 -52.78
C LYS C 335 -21.23 -15.13 -53.68
N LEU C 336 -20.49 -16.22 -53.57
CA LEU C 336 -19.31 -16.43 -54.37
C LEU C 336 -19.68 -16.57 -55.84
N LYS C 337 -20.77 -17.28 -56.13
CA LYS C 337 -21.18 -17.49 -57.51
C LYS C 337 -21.64 -16.25 -58.24
N THR C 338 -22.24 -15.29 -57.52
CA THR C 338 -22.65 -14.08 -58.19
C THR C 338 -21.36 -13.40 -58.66
N ILE C 339 -20.29 -13.59 -57.89
CA ILE C 339 -18.99 -13.01 -58.23
C ILE C 339 -18.47 -13.71 -59.48
N VAL C 340 -18.69 -15.01 -59.56
CA VAL C 340 -18.26 -15.76 -60.74
C VAL C 340 -19.03 -15.17 -61.93
N VAL C 341 -20.31 -14.86 -61.71
CA VAL C 341 -21.16 -14.30 -62.75
C VAL C 341 -20.58 -12.98 -63.29
N LYS C 342 -20.14 -12.12 -62.39
CA LYS C 342 -19.58 -10.84 -62.78
C LYS C 342 -18.15 -11.00 -63.29
N SER C 343 -17.60 -12.19 -63.13
CA SER C 343 -16.25 -12.48 -63.61
C SER C 343 -16.40 -13.27 -64.89
N SER C 344 -17.66 -13.54 -65.24
CA SER C 344 -18.04 -14.34 -66.42
C SER C 344 -17.93 -15.83 -66.13
N MET D 1 1.28 -28.13 49.14
CA MET D 1 0.71 -27.89 47.78
C MET D 1 -0.49 -26.93 47.81
N ASN D 2 -0.22 -25.64 47.58
CA ASN D 2 -1.23 -24.58 47.58
C ASN D 2 -1.35 -23.95 46.18
N ILE D 3 -2.58 -23.79 45.70
CA ILE D 3 -2.78 -23.22 44.37
C ILE D 3 -2.17 -21.82 44.24
N ASN D 4 -2.37 -21.00 45.28
CA ASN D 4 -1.85 -19.63 45.27
C ASN D 4 -0.33 -19.62 45.21
N GLU D 5 0.30 -20.64 45.80
CA GLU D 5 1.75 -20.73 45.75
C GLU D 5 2.16 -21.16 44.33
N ILE D 6 1.40 -22.08 43.75
CA ILE D 6 1.72 -22.54 42.41
C ILE D 6 1.60 -21.35 41.46
N LEU D 7 0.55 -20.56 41.65
CA LEU D 7 0.35 -19.41 40.79
C LEU D 7 1.48 -18.41 40.91
N LYS D 8 1.89 -18.05 42.14
CA LYS D 8 2.99 -17.11 42.31
C LYS D 8 4.24 -17.67 41.65
N LYS D 9 4.43 -18.97 41.80
CA LYS D 9 5.58 -19.64 41.22
C LYS D 9 5.60 -19.47 39.69
N LEU D 10 4.48 -19.73 39.05
CA LEU D 10 4.39 -19.58 37.60
C LEU D 10 4.48 -18.12 37.20
N ILE D 11 3.79 -17.23 37.90
CA ILE D 11 3.84 -15.80 37.56
C ILE D 11 5.30 -15.37 37.54
N ASN D 12 6.09 -15.97 38.45
CA ASN D 12 7.51 -15.70 38.55
C ASN D 12 8.32 -16.46 37.52
N LYS D 13 7.63 -17.28 36.72
CA LYS D 13 8.28 -18.05 35.68
C LYS D 13 9.25 -19.12 36.14
N SER D 14 8.93 -19.75 37.26
CA SER D 14 9.75 -20.82 37.79
C SER D 14 9.03 -22.12 37.46
N ASP D 15 9.75 -23.08 36.89
CA ASP D 15 9.15 -24.37 36.53
C ASP D 15 8.79 -25.17 37.76
N LEU D 16 7.75 -25.97 37.65
CA LEU D 16 7.30 -26.78 38.77
C LEU D 16 8.08 -28.09 38.87
N GLU D 17 7.96 -28.74 40.03
CA GLU D 17 8.58 -30.03 40.27
C GLU D 17 7.57 -31.02 39.71
N ILE D 18 8.04 -32.13 39.13
CA ILE D 18 7.11 -33.10 38.59
C ILE D 18 5.97 -33.36 39.57
N ASN D 19 6.33 -33.73 40.80
CA ASN D 19 5.33 -34.00 41.83
C ASN D 19 4.32 -32.87 41.92
N GLU D 20 4.80 -31.64 41.89
CA GLU D 20 3.92 -30.47 41.98
C GLU D 20 2.91 -30.43 40.86
N ALA D 21 3.41 -30.53 39.63
CA ALA D 21 2.58 -30.49 38.43
C ALA D 21 1.50 -31.58 38.52
N GLU D 22 1.91 -32.78 38.89
CA GLU D 22 1.00 -33.89 39.03
C GLU D 22 -0.12 -33.60 40.01
N GLU D 23 0.22 -33.01 41.14
CA GLU D 23 -0.80 -32.69 42.14
C GLU D 23 -1.65 -31.53 41.64
N LEU D 24 -1.04 -30.61 40.90
CA LEU D 24 -1.75 -29.46 40.35
C LEU D 24 -2.74 -29.96 39.31
N ALA D 25 -2.23 -30.79 38.40
CA ALA D 25 -3.05 -31.36 37.34
C ALA D 25 -4.17 -32.18 37.97
N LYS D 26 -3.85 -32.91 39.03
CA LYS D 26 -4.88 -33.70 39.69
C LYS D 26 -6.05 -32.86 40.16
N ALA D 27 -5.77 -31.80 40.92
CA ALA D 27 -6.81 -30.93 41.44
C ALA D 27 -7.62 -30.30 40.31
N ILE D 28 -6.93 -29.87 39.27
CA ILE D 28 -7.59 -29.26 38.13
C ILE D 28 -8.51 -30.26 37.45
N ILE D 29 -7.95 -31.41 37.08
CA ILE D 29 -8.73 -32.43 36.40
C ILE D 29 -9.77 -33.04 37.34
N ARG D 30 -9.54 -32.94 38.64
CA ARG D 30 -10.49 -33.46 39.61
C ARG D 30 -11.59 -32.44 39.83
N GLY D 31 -11.43 -31.26 39.23
CA GLY D 31 -12.41 -30.21 39.34
C GLY D 31 -12.51 -29.61 40.73
N GLU D 32 -11.39 -29.49 41.43
CA GLU D 32 -11.41 -28.92 42.77
C GLU D 32 -10.69 -27.57 42.90
N VAL D 33 -10.37 -26.97 41.75
CA VAL D 33 -9.70 -25.67 41.71
C VAL D 33 -10.65 -24.68 41.05
N PRO D 34 -10.81 -23.50 41.65
CA PRO D 34 -11.70 -22.46 41.12
C PRO D 34 -11.36 -22.09 39.68
N GLU D 35 -12.39 -22.04 38.83
CA GLU D 35 -12.20 -21.71 37.42
C GLU D 35 -11.30 -20.51 37.18
N ILE D 36 -11.37 -19.51 38.04
CA ILE D 36 -10.54 -18.31 37.89
C ILE D 36 -9.06 -18.64 37.95
N LEU D 37 -8.67 -19.47 38.91
CA LEU D 37 -7.28 -19.86 39.07
C LEU D 37 -6.86 -20.87 38.00
N VAL D 38 -7.80 -21.70 37.56
CA VAL D 38 -7.47 -22.68 36.54
C VAL D 38 -7.13 -21.93 35.27
N SER D 39 -7.88 -20.86 35.02
CA SER D 39 -7.63 -20.03 33.85
C SER D 39 -6.23 -19.44 33.99
N ALA D 40 -5.99 -18.76 35.12
CA ALA D 40 -4.69 -18.13 35.38
C ALA D 40 -3.53 -19.11 35.29
N ILE D 41 -3.66 -20.27 35.93
CA ILE D 41 -2.59 -21.27 35.90
C ILE D 41 -2.30 -21.74 34.47
N LEU D 42 -3.35 -22.06 33.72
CA LEU D 42 -3.15 -22.50 32.34
C LEU D 42 -2.51 -21.41 31.49
N VAL D 43 -2.93 -20.16 31.69
CA VAL D 43 -2.37 -19.06 30.92
C VAL D 43 -0.90 -18.80 31.24
N ALA D 44 -0.60 -18.74 32.53
CA ALA D 44 0.77 -18.49 32.98
C ALA D 44 1.66 -19.62 32.52
N LEU D 45 1.16 -20.85 32.66
CA LEU D 45 1.93 -22.02 32.28
C LEU D 45 2.27 -21.95 30.80
N ARG D 46 1.41 -21.34 30.01
CA ARG D 46 1.69 -21.24 28.58
C ARG D 46 2.62 -20.08 28.26
N MET D 47 2.46 -18.96 28.96
CA MET D 47 3.30 -17.80 28.69
C MET D 47 4.72 -18.01 29.18
N LYS D 48 4.84 -18.78 30.25
CA LYS D 48 6.14 -19.10 30.82
C LYS D 48 6.80 -20.10 29.87
N GLY D 49 5.98 -20.97 29.30
CA GLY D 49 6.48 -22.00 28.40
C GLY D 49 6.60 -23.25 29.25
N GLU D 50 5.75 -24.25 29.02
CA GLU D 50 5.78 -25.48 29.81
C GLU D 50 7.10 -26.27 29.75
N SER D 51 7.43 -26.91 30.86
CA SER D 51 8.66 -27.67 30.94
C SER D 51 8.43 -29.17 30.89
N LYS D 52 9.46 -29.88 30.44
CA LYS D 52 9.43 -31.32 30.35
C LYS D 52 8.80 -31.89 31.61
N ASN D 53 9.24 -31.40 32.76
CA ASN D 53 8.72 -31.89 34.03
C ASN D 53 7.25 -31.58 34.27
N GLU D 54 6.76 -30.47 33.76
CA GLU D 54 5.35 -30.15 33.95
C GLU D 54 4.51 -31.04 33.03
N ILE D 55 4.98 -31.17 31.78
CA ILE D 55 4.34 -32.03 30.81
C ILE D 55 4.20 -33.42 31.37
N VAL D 56 5.30 -33.93 31.92
CA VAL D 56 5.31 -35.27 32.48
C VAL D 56 4.38 -35.43 33.67
N GLY D 57 4.25 -34.37 34.45
CA GLY D 57 3.40 -34.42 35.61
C GLY D 57 1.94 -34.50 35.21
N PHE D 58 1.53 -33.64 34.29
CA PHE D 58 0.15 -33.64 33.83
C PHE D 58 -0.17 -34.99 33.18
N ALA D 59 0.70 -35.42 32.26
CA ALA D 59 0.50 -36.67 31.56
C ALA D 59 0.23 -37.82 32.55
N ARG D 60 1.02 -37.87 33.62
CA ARG D 60 0.85 -38.92 34.62
C ARG D 60 -0.45 -38.79 35.40
N ALA D 61 -0.88 -37.55 35.64
CA ALA D 61 -2.11 -37.34 36.37
C ALA D 61 -3.26 -37.84 35.47
N MET D 62 -3.27 -37.36 34.23
CA MET D 62 -4.29 -37.76 33.27
C MET D 62 -4.40 -39.24 33.10
N ARG D 63 -3.26 -39.89 32.88
CA ARG D 63 -3.23 -41.33 32.71
C ARG D 63 -3.86 -42.01 33.91
N GLU D 64 -3.55 -41.50 35.10
CA GLU D 64 -4.08 -42.10 36.31
C GLU D 64 -5.60 -42.09 36.42
N LEU D 65 -6.22 -41.02 35.94
CA LEU D 65 -7.67 -40.86 36.02
C LEU D 65 -8.42 -41.33 34.77
N ALA D 66 -7.68 -41.75 33.76
CA ALA D 66 -8.31 -42.22 32.54
C ALA D 66 -8.89 -43.60 32.75
N ILE D 67 -9.78 -43.97 31.83
CA ILE D 67 -10.37 -45.30 31.85
C ILE D 67 -9.42 -46.04 30.95
N LYS D 68 -9.14 -47.29 31.26
CA LYS D 68 -8.15 -48.01 30.47
C LYS D 68 -8.53 -49.39 29.96
N ILE D 69 -7.78 -49.84 28.95
CA ILE D 69 -7.95 -51.15 28.35
C ILE D 69 -6.54 -51.72 28.09
N ASP D 70 -6.40 -53.03 28.18
CA ASP D 70 -5.09 -53.67 28.00
C ASP D 70 -4.71 -54.04 26.57
N VAL D 71 -3.77 -53.29 25.99
CA VAL D 71 -3.26 -53.54 24.64
C VAL D 71 -1.98 -52.70 24.43
N PRO D 72 -0.89 -53.05 25.13
CA PRO D 72 0.41 -52.34 25.03
C PRO D 72 1.14 -52.54 23.70
N ASN D 73 0.99 -53.76 23.15
CA ASN D 73 1.59 -54.17 21.89
C ASN D 73 1.04 -53.35 20.73
N ALA D 74 -0.10 -52.69 20.97
CA ALA D 74 -0.74 -51.87 19.96
C ALA D 74 0.08 -50.62 19.66
N ILE D 75 -0.27 -49.94 18.58
CA ILE D 75 0.40 -48.72 18.17
C ILE D 75 -0.67 -47.64 17.95
N ASP D 76 -0.28 -46.38 18.09
CA ASP D 76 -1.19 -45.25 17.92
C ASP D 76 -0.53 -44.23 16.99
N THR D 77 -1.31 -43.31 16.45
CA THR D 77 -0.74 -42.31 15.56
C THR D 77 -1.27 -40.91 15.81
N ALA D 78 -1.88 -40.69 16.97
CA ALA D 78 -2.41 -39.37 17.29
C ALA D 78 -1.33 -38.29 17.31
N GLY D 79 -1.72 -37.08 16.91
CA GLY D 79 -0.81 -35.95 16.88
C GLY D 79 -1.32 -34.86 17.80
N THR D 80 -0.50 -33.83 18.02
CA THR D 80 -0.88 -32.74 18.91
C THR D 80 -1.95 -31.88 18.27
N GLY D 81 -1.93 -31.81 16.95
CA GLY D 81 -2.90 -30.98 16.25
C GLY D 81 -2.50 -29.53 16.34
N GLY D 82 -3.44 -28.64 16.03
CA GLY D 82 -3.19 -27.21 16.09
C GLY D 82 -2.08 -26.63 15.23
N ASP D 83 -2.05 -26.98 13.94
CA ASP D 83 -1.05 -26.44 13.03
C ASP D 83 -1.78 -25.49 12.08
N GLY D 84 -3.10 -25.40 12.30
CA GLY D 84 -3.96 -24.53 11.54
C GLY D 84 -3.86 -24.58 10.03
N LEU D 85 -4.07 -25.75 9.44
CA LEU D 85 -4.00 -25.88 7.99
C LEU D 85 -5.24 -26.58 7.48
N GLY D 86 -5.91 -27.29 8.38
CA GLY D 86 -7.11 -28.02 8.03
C GLY D 86 -6.83 -29.12 7.05
N THR D 87 -5.69 -29.80 7.21
CA THR D 87 -5.30 -30.90 6.33
C THR D 87 -6.21 -32.11 6.55
N VAL D 88 -6.14 -33.04 5.60
CA VAL D 88 -6.94 -34.26 5.68
C VAL D 88 -6.38 -35.18 6.77
N ASN D 89 -7.29 -35.87 7.45
CA ASN D 89 -6.97 -36.77 8.53
C ASN D 89 -6.07 -37.93 8.15
N VAL D 90 -4.76 -37.66 8.10
CA VAL D 90 -3.77 -38.66 7.73
C VAL D 90 -3.46 -39.78 8.71
N SER D 91 -3.33 -39.48 9.99
CA SER D 91 -3.00 -40.54 10.90
C SER D 91 -4.18 -41.43 11.18
N THR D 92 -5.40 -40.92 11.01
CA THR D 92 -6.57 -41.76 11.22
C THR D 92 -6.52 -42.74 10.05
N ALA D 93 -6.22 -42.20 8.87
CA ALA D 93 -6.14 -42.99 7.66
C ALA D 93 -4.94 -43.92 7.74
N SER D 94 -3.84 -43.41 8.28
CA SER D 94 -2.63 -44.18 8.41
C SER D 94 -2.82 -45.31 9.42
N ALA D 95 -3.82 -45.14 10.28
CA ALA D 95 -4.10 -46.17 11.28
C ALA D 95 -4.80 -47.34 10.60
N ILE D 96 -5.64 -47.06 9.60
CA ILE D 96 -6.36 -48.12 8.89
C ILE D 96 -5.36 -49.10 8.27
N LEU D 97 -4.36 -48.57 7.57
CA LEU D 97 -3.35 -49.41 6.93
C LEU D 97 -2.58 -50.22 7.96
N LEU D 98 -2.35 -49.62 9.13
CA LEU D 98 -1.60 -50.28 10.20
C LEU D 98 -2.28 -51.50 10.80
N SER D 99 -3.59 -51.40 10.99
CA SER D 99 -4.36 -52.49 11.57
C SER D 99 -4.22 -53.69 10.68
N LEU D 100 -3.73 -53.46 9.47
CA LEU D 100 -3.52 -54.51 8.50
C LEU D 100 -2.33 -55.37 8.92
N VAL D 101 -1.52 -54.84 9.83
CA VAL D 101 -0.34 -55.57 10.27
C VAL D 101 -0.14 -55.58 11.79
N ASN D 102 -0.69 -54.58 12.48
CA ASN D 102 -0.50 -54.50 13.92
C ASN D 102 -1.74 -53.93 14.64
N PRO D 103 -2.08 -54.49 15.81
CA PRO D 103 -3.26 -53.95 16.50
C PRO D 103 -3.08 -52.45 16.67
N VAL D 104 -4.14 -51.70 16.41
CA VAL D 104 -4.13 -50.25 16.49
C VAL D 104 -5.10 -49.71 17.52
N ALA D 105 -4.57 -48.96 18.48
CA ALA D 105 -5.37 -48.34 19.51
C ALA D 105 -5.28 -46.82 19.29
N LYS D 106 -6.02 -46.34 18.30
CA LYS D 106 -6.06 -44.93 17.92
C LYS D 106 -6.78 -44.00 18.90
N HIS D 107 -6.03 -43.05 19.47
CA HIS D 107 -6.55 -42.06 20.42
C HIS D 107 -6.92 -40.81 19.62
N GLY D 108 -8.09 -40.23 19.87
CA GLY D 108 -8.49 -39.04 19.13
C GLY D 108 -9.65 -38.26 19.71
N ASN D 109 -9.94 -37.10 19.10
CA ASN D 109 -11.03 -36.25 19.56
C ASN D 109 -11.64 -35.50 18.38
N ARG D 110 -12.73 -34.78 18.65
CA ARG D 110 -13.40 -34.00 17.64
C ARG D 110 -12.55 -32.77 17.40
N ALA D 111 -12.71 -32.16 16.24
CA ALA D 111 -11.92 -31.00 15.88
C ALA D 111 -12.17 -29.74 16.68
N VAL D 112 -11.10 -28.94 16.83
CA VAL D 112 -11.16 -27.66 17.51
C VAL D 112 -10.75 -26.67 16.41
N SER D 113 -10.17 -27.23 15.34
CA SER D 113 -9.71 -26.45 14.20
C SER D 113 -10.30 -26.89 12.84
N GLY D 114 -11.56 -26.53 12.59
CA GLY D 114 -12.17 -26.87 11.32
C GLY D 114 -13.35 -27.84 11.36
N LYS D 115 -13.02 -29.12 11.23
CA LYS D 115 -14.00 -30.21 11.26
C LYS D 115 -13.19 -31.45 10.98
N SER D 116 -11.98 -31.23 10.48
CA SER D 116 -11.06 -32.29 10.17
C SER D 116 -10.57 -33.01 11.42
N GLY D 117 -11.48 -33.26 12.36
CA GLY D 117 -11.10 -33.96 13.57
C GLY D 117 -11.10 -35.46 13.30
N SER D 118 -10.06 -36.17 13.74
CA SER D 118 -10.00 -37.60 13.49
C SER D 118 -11.29 -38.30 13.93
N ALA D 119 -11.87 -37.86 15.04
CA ALA D 119 -13.11 -38.44 15.51
C ALA D 119 -14.27 -38.10 14.58
N ASP D 120 -14.17 -36.94 13.93
CA ASP D 120 -15.23 -36.52 13.02
C ASP D 120 -15.26 -37.36 11.74
N VAL D 121 -14.09 -37.62 11.17
CA VAL D 121 -14.03 -38.42 9.94
C VAL D 121 -14.77 -39.74 10.20
N LEU D 122 -14.28 -40.50 11.17
CA LEU D 122 -14.89 -41.78 11.52
C LEU D 122 -16.40 -41.64 11.64
N GLU D 123 -16.84 -40.64 12.40
CA GLU D 123 -18.27 -40.43 12.54
C GLU D 123 -18.88 -40.35 11.13
N ALA D 124 -18.22 -39.57 10.26
CA ALA D 124 -18.67 -39.39 8.88
C ALA D 124 -18.58 -40.67 8.07
N LEU D 125 -17.52 -41.45 8.26
CA LEU D 125 -17.34 -42.71 7.55
C LEU D 125 -18.36 -43.75 8.02
N GLY D 126 -19.04 -43.48 9.12
CA GLY D 126 -20.02 -44.42 9.63
C GLY D 126 -19.65 -45.08 10.94
N TYR D 127 -18.39 -44.95 11.34
CA TYR D 127 -17.87 -45.52 12.60
C TYR D 127 -18.61 -44.94 13.81
N ASN D 128 -18.77 -45.77 14.84
CA ASN D 128 -19.44 -45.39 16.08
C ASN D 128 -18.34 -44.96 17.07
N ILE D 129 -17.96 -43.67 17.08
CA ILE D 129 -16.86 -43.19 17.92
C ILE D 129 -16.86 -43.47 19.43
N ILE D 130 -18.02 -43.71 20.02
CA ILE D 130 -18.04 -44.01 21.44
C ILE D 130 -18.02 -45.52 21.60
N VAL D 131 -16.88 -46.04 22.04
CA VAL D 131 -16.68 -47.48 22.21
C VAL D 131 -16.40 -47.85 23.65
N PRO D 132 -17.33 -48.57 24.31
CA PRO D 132 -17.12 -48.96 25.71
C PRO D 132 -15.89 -49.89 25.82
N PRO D 133 -15.11 -49.78 26.92
CA PRO D 133 -13.92 -50.60 27.14
C PRO D 133 -14.08 -52.08 26.82
N GLU D 134 -15.17 -52.69 27.26
CA GLU D 134 -15.39 -54.10 26.97
C GLU D 134 -15.54 -54.31 25.45
N ARG D 135 -16.35 -53.48 24.79
CA ARG D 135 -16.53 -53.64 23.35
C ARG D 135 -15.23 -53.37 22.62
N ALA D 136 -14.50 -52.35 23.07
CA ALA D 136 -13.23 -52.01 22.44
C ALA D 136 -12.31 -53.23 22.41
N LYS D 137 -12.23 -53.95 23.53
CA LYS D 137 -11.37 -55.12 23.61
C LYS D 137 -11.73 -56.13 22.50
N GLU D 138 -13.02 -56.37 22.34
CA GLU D 138 -13.53 -57.27 21.32
C GLU D 138 -13.10 -56.82 19.92
N LEU D 139 -13.43 -55.58 19.57
CA LEU D 139 -13.10 -55.01 18.26
C LEU D 139 -11.62 -55.07 17.88
N VAL D 140 -10.74 -54.88 18.85
CA VAL D 140 -9.31 -54.91 18.54
C VAL D 140 -8.83 -56.32 18.24
N ASN D 141 -9.44 -57.32 18.87
CA ASN D 141 -9.04 -58.69 18.63
C ASN D 141 -9.43 -59.10 17.22
N LYS D 142 -10.71 -58.93 16.90
CA LYS D 142 -11.21 -59.28 15.58
C LYS D 142 -10.58 -58.44 14.46
N THR D 143 -10.97 -57.16 14.39
CA THR D 143 -10.48 -56.26 13.35
C THR D 143 -9.11 -55.64 13.53
N ASN D 144 -8.50 -55.84 14.69
CA ASN D 144 -7.15 -55.32 14.95
C ASN D 144 -7.07 -53.79 14.99
N PHE D 145 -8.20 -53.12 15.21
CA PHE D 145 -8.25 -51.67 15.25
C PHE D 145 -9.37 -51.19 16.15
N VAL D 146 -9.15 -50.08 16.85
CA VAL D 146 -10.20 -49.49 17.68
C VAL D 146 -9.96 -48.01 17.93
N PHE D 147 -11.03 -47.24 18.00
CA PHE D 147 -10.91 -45.81 18.23
C PHE D 147 -11.24 -45.48 19.66
N LEU D 148 -10.33 -44.77 20.32
CA LEU D 148 -10.54 -44.37 21.70
C LEU D 148 -10.86 -42.88 21.76
N PHE D 149 -12.14 -42.56 21.85
CA PHE D 149 -12.60 -41.18 21.91
C PHE D 149 -12.15 -40.50 23.21
N ALA D 150 -11.26 -39.52 23.09
CA ALA D 150 -10.73 -38.79 24.23
C ALA D 150 -11.79 -38.27 25.19
N GLN D 151 -12.93 -37.81 24.65
CA GLN D 151 -13.98 -37.28 25.51
C GLN D 151 -14.73 -38.36 26.26
N TYR D 152 -14.39 -39.62 26.01
CA TYR D 152 -15.07 -40.73 26.67
C TYR D 152 -14.12 -41.50 27.58
N TYR D 153 -12.88 -41.66 27.14
CA TYR D 153 -11.89 -42.38 27.94
C TYR D 153 -11.20 -41.47 28.94
N HIS D 154 -11.63 -40.21 28.98
CA HIS D 154 -11.09 -39.24 29.91
C HIS D 154 -12.23 -38.43 30.50
N PRO D 155 -13.20 -39.12 31.11
CA PRO D 155 -14.37 -38.48 31.70
C PRO D 155 -14.14 -37.30 32.66
N ALA D 156 -13.01 -37.30 33.36
CA ALA D 156 -12.71 -36.21 34.30
C ALA D 156 -12.38 -34.92 33.57
N MET D 157 -11.75 -35.02 32.41
CA MET D 157 -11.41 -33.83 31.65
C MET D 157 -12.58 -32.88 31.45
N LYS D 158 -13.80 -33.34 31.71
CA LYS D 158 -14.97 -32.48 31.54
C LYS D 158 -14.93 -31.38 32.59
N ASN D 159 -14.13 -31.59 33.63
CA ASN D 159 -14.00 -30.61 34.70
C ASN D 159 -13.12 -29.43 34.28
N VAL D 160 -12.60 -29.49 33.06
CA VAL D 160 -11.74 -28.43 32.55
C VAL D 160 -12.24 -27.91 31.21
N ALA D 161 -13.33 -28.52 30.72
CA ALA D 161 -13.92 -28.16 29.42
C ALA D 161 -14.43 -26.71 29.34
N ASN D 162 -15.15 -26.28 30.36
CA ASN D 162 -15.69 -24.92 30.37
C ASN D 162 -14.59 -23.86 30.33
N VAL D 163 -13.52 -24.07 31.10
CA VAL D 163 -12.41 -23.12 31.12
C VAL D 163 -11.69 -23.14 29.79
N ARG D 164 -11.45 -24.34 29.27
CA ARG D 164 -10.75 -24.49 28.00
C ARG D 164 -11.52 -23.88 26.84
N LYS D 165 -12.82 -24.13 26.80
CA LYS D 165 -13.65 -23.60 25.74
C LYS D 165 -13.76 -22.09 25.87
N THR D 166 -14.10 -21.63 27.06
CA THR D 166 -14.23 -20.21 27.28
C THR D 166 -12.92 -19.53 26.88
N LEU D 167 -11.78 -20.08 27.31
CA LEU D 167 -10.50 -19.48 26.96
C LEU D 167 -10.41 -19.27 25.46
N GLY D 168 -10.64 -20.35 24.71
CA GLY D 168 -10.59 -20.29 23.27
C GLY D 168 -9.17 -20.10 22.77
N ILE D 169 -8.22 -20.67 23.49
CA ILE D 169 -6.82 -20.62 23.11
C ILE D 169 -6.20 -21.94 23.50
N ARG D 170 -5.08 -22.27 22.88
CA ARG D 170 -4.39 -23.51 23.18
C ARG D 170 -3.67 -23.40 24.51
N THR D 171 -3.66 -24.50 25.24
CA THR D 171 -3.02 -24.56 26.55
C THR D 171 -2.22 -25.83 26.60
N ILE D 172 -1.78 -26.19 27.80
CA ILE D 172 -0.99 -27.40 27.99
C ILE D 172 -1.77 -28.65 27.56
N PHE D 173 -3.03 -28.73 27.95
CA PHE D 173 -3.87 -29.87 27.60
C PHE D 173 -3.97 -30.14 26.10
N ASN D 174 -3.64 -29.17 25.26
CA ASN D 174 -3.69 -29.39 23.82
C ASN D 174 -2.45 -30.09 23.29
N ILE D 175 -1.62 -30.63 24.17
CA ILE D 175 -0.42 -31.34 23.69
C ILE D 175 -0.19 -32.59 24.52
N LEU D 176 -1.01 -32.74 25.55
CA LEU D 176 -0.93 -33.88 26.44
C LEU D 176 -1.67 -35.07 25.86
N GLY D 177 -2.67 -34.77 25.03
CA GLY D 177 -3.49 -35.80 24.41
C GLY D 177 -2.81 -37.09 23.99
N PRO D 178 -1.98 -37.05 22.94
CA PRO D 178 -1.26 -38.23 22.44
C PRO D 178 -0.34 -38.93 23.42
N LEU D 179 -0.05 -38.29 24.54
CA LEU D 179 0.82 -38.91 25.53
C LEU D 179 -0.02 -39.64 26.56
N THR D 180 -1.33 -39.65 26.36
CA THR D 180 -2.22 -40.32 27.30
C THR D 180 -3.13 -41.32 26.61
N ASN D 181 -2.52 -42.19 25.80
CA ASN D 181 -3.27 -43.21 25.08
C ASN D 181 -3.95 -44.13 26.10
N PRO D 182 -5.30 -44.22 26.05
CA PRO D 182 -6.07 -45.04 26.99
C PRO D 182 -5.70 -46.53 27.04
N ALA D 183 -5.16 -47.05 25.95
CA ALA D 183 -4.78 -48.46 25.90
C ALA D 183 -3.31 -48.58 26.28
N ASN D 184 -2.70 -47.45 26.63
CA ASN D 184 -1.30 -47.42 27.03
C ASN D 184 -0.45 -48.12 25.99
N ALA D 185 -0.50 -47.62 24.76
CA ALA D 185 0.26 -48.19 23.66
C ALA D 185 1.73 -47.82 23.85
N LYS D 186 2.60 -48.81 23.67
CA LYS D 186 4.03 -48.60 23.81
C LYS D 186 4.67 -48.16 22.50
N TYR D 187 3.89 -48.14 21.43
CA TYR D 187 4.42 -47.72 20.14
C TYR D 187 3.52 -46.70 19.47
N GLN D 188 4.13 -45.73 18.79
CA GLN D 188 3.35 -44.72 18.08
C GLN D 188 4.17 -43.64 17.41
N LEU D 189 3.55 -42.96 16.45
CA LEU D 189 4.16 -41.86 15.71
C LEU D 189 3.47 -40.58 16.14
N MET D 190 4.11 -39.83 17.03
CA MET D 190 3.52 -38.60 17.55
C MET D 190 3.83 -37.35 16.74
N GLY D 191 2.80 -36.75 16.16
CA GLY D 191 3.00 -35.55 15.37
C GLY D 191 2.98 -34.30 16.23
N VAL D 192 3.82 -33.32 15.88
CA VAL D 192 3.92 -32.07 16.62
C VAL D 192 3.98 -30.86 15.67
N PHE D 193 3.31 -29.76 16.01
CA PHE D 193 3.29 -28.60 15.10
C PHE D 193 4.46 -27.61 15.11
N SER D 194 5.41 -27.74 16.03
CA SER D 194 6.55 -26.82 16.04
C SER D 194 7.81 -27.54 16.47
N LYS D 195 8.95 -27.14 15.92
CA LYS D 195 10.21 -27.79 16.29
C LYS D 195 10.48 -27.62 17.77
N ASP D 196 10.01 -26.52 18.33
CA ASP D 196 10.23 -26.27 19.74
C ASP D 196 9.49 -27.29 20.59
N HIS D 197 8.23 -27.56 20.25
CA HIS D 197 7.45 -28.55 20.98
C HIS D 197 7.98 -29.95 20.68
N LEU D 198 8.63 -30.11 19.53
CA LEU D 198 9.20 -31.39 19.15
C LEU D 198 10.26 -31.78 20.17
N ASP D 199 11.02 -30.79 20.64
CA ASP D 199 12.07 -31.05 21.63
C ASP D 199 11.46 -31.34 23.00
N LEU D 200 10.57 -30.47 23.43
CA LEU D 200 9.91 -30.63 24.73
C LEU D 200 9.19 -31.97 24.87
N LEU D 201 8.40 -32.31 23.86
CA LEU D 201 7.64 -33.56 23.90
C LEU D 201 8.51 -34.80 23.81
N SER D 202 9.56 -34.75 22.99
CA SER D 202 10.44 -35.91 22.87
C SER D 202 11.07 -36.18 24.24
N LYS D 203 11.69 -35.16 24.82
CA LYS D 203 12.32 -35.30 26.12
C LYS D 203 11.34 -35.77 27.20
N SER D 204 10.08 -35.32 27.10
CA SER D 204 9.04 -35.71 28.06
C SER D 204 8.67 -37.17 27.87
N ALA D 205 8.43 -37.56 26.62
CA ALA D 205 8.05 -38.94 26.31
C ALA D 205 9.08 -39.93 26.85
N TYR D 206 10.36 -39.59 26.72
CA TYR D 206 11.44 -40.44 27.19
C TYR D 206 11.15 -40.97 28.58
N GLU D 207 10.54 -40.12 29.40
CA GLU D 207 10.22 -40.47 30.78
C GLU D 207 8.79 -40.97 30.94
N LEU D 208 8.07 -41.09 29.84
CA LEU D 208 6.69 -41.53 29.89
C LEU D 208 6.51 -43.03 29.67
N ASP D 209 7.63 -43.76 29.65
CA ASP D 209 7.66 -45.22 29.51
C ASP D 209 7.09 -45.84 28.23
N PHE D 210 7.76 -45.58 27.11
CA PHE D 210 7.36 -46.13 25.82
C PHE D 210 8.47 -47.05 25.36
N ASN D 211 8.14 -47.96 24.45
CA ASN D 211 9.16 -48.86 23.90
C ASN D 211 9.82 -48.09 22.77
N LYS D 212 9.00 -47.38 22.01
CA LYS D 212 9.49 -46.58 20.90
C LYS D 212 8.37 -45.67 20.40
N ILE D 213 8.64 -44.38 20.39
CA ILE D 213 7.67 -43.41 19.92
C ILE D 213 8.42 -42.41 19.07
N ILE D 214 7.96 -42.17 17.85
CA ILE D 214 8.63 -41.23 16.98
C ILE D 214 7.85 -39.93 16.91
N LEU D 215 8.51 -38.83 17.23
CA LEU D 215 7.83 -37.55 17.17
C LEU D 215 8.30 -36.87 15.88
N VAL D 216 7.37 -36.24 15.17
CA VAL D 216 7.71 -35.58 13.92
C VAL D 216 7.10 -34.18 13.77
N TYR D 217 7.82 -33.32 13.06
CA TYR D 217 7.38 -31.96 12.76
C TYR D 217 7.53 -31.76 11.24
N GLY D 218 6.44 -31.47 10.55
CA GLY D 218 6.49 -31.29 9.11
C GLY D 218 6.87 -29.91 8.62
N GLU D 219 7.81 -29.87 7.68
CA GLU D 219 8.33 -28.61 7.14
C GLU D 219 7.36 -27.46 6.89
N PRO D 220 6.29 -27.69 6.11
CA PRO D 220 5.36 -26.56 5.86
C PRO D 220 4.82 -25.91 7.13
N GLY D 221 4.81 -26.67 8.22
CA GLY D 221 4.29 -26.17 9.48
C GLY D 221 3.19 -27.12 9.93
N ILE D 222 3.27 -28.35 9.43
CA ILE D 222 2.31 -29.43 9.73
C ILE D 222 2.94 -30.35 10.78
N ASP D 223 2.12 -31.11 11.49
CA ASP D 223 2.64 -32.02 12.51
C ASP D 223 2.49 -33.47 12.05
N GLU D 224 3.12 -33.74 10.92
CA GLU D 224 3.14 -35.06 10.30
C GLU D 224 4.39 -35.04 9.50
N VAL D 225 4.60 -36.12 8.76
CA VAL D 225 5.75 -36.19 7.90
C VAL D 225 5.41 -35.16 6.83
N SER D 226 6.38 -34.33 6.47
CA SER D 226 6.14 -33.28 5.48
C SER D 226 5.89 -33.82 4.06
N PRO D 227 4.80 -33.32 3.41
CA PRO D 227 4.37 -33.69 2.07
C PRO D 227 5.03 -32.80 1.01
N ILE D 228 5.67 -31.72 1.45
CA ILE D 228 6.33 -30.80 0.52
C ILE D 228 7.83 -30.64 0.73
N GLY D 229 8.35 -31.09 1.88
CA GLY D 229 9.78 -30.95 2.09
C GLY D 229 10.43 -31.74 3.20
N ASN D 230 10.97 -31.02 4.18
CA ASN D 230 11.67 -31.65 5.30
C ASN D 230 10.78 -32.11 6.47
N THR D 231 11.22 -33.16 7.14
CA THR D 231 10.50 -33.69 8.27
C THR D 231 11.50 -33.89 9.40
N PHE D 232 11.31 -33.17 10.50
CA PHE D 232 12.19 -33.31 11.65
C PHE D 232 11.56 -34.26 12.63
N MET D 233 12.30 -35.29 13.02
CA MET D 233 11.78 -36.27 13.96
C MET D 233 12.78 -36.74 15.01
N LYS D 234 12.24 -37.23 16.11
CA LYS D 234 13.05 -37.76 17.20
C LYS D 234 12.57 -39.16 17.52
N ILE D 235 13.49 -40.11 17.47
CA ILE D 235 13.17 -41.50 17.76
C ILE D 235 13.51 -41.78 19.21
N VAL D 236 12.53 -41.65 20.09
CA VAL D 236 12.74 -41.88 21.50
C VAL D 236 12.32 -43.27 21.94
N SER D 237 13.20 -43.91 22.70
CA SER D 237 12.96 -45.25 23.20
C SER D 237 13.41 -45.29 24.65
N LYS D 238 13.83 -46.46 25.11
CA LYS D 238 14.30 -46.60 26.47
C LYS D 238 15.81 -46.40 26.48
N ARG D 239 16.42 -46.44 25.29
CA ARG D 239 17.86 -46.27 25.19
C ARG D 239 18.28 -44.88 24.73
N GLY D 240 17.33 -43.98 24.56
CA GLY D 240 17.69 -42.63 24.15
C GLY D 240 16.78 -41.97 23.13
N ILE D 241 17.22 -40.80 22.66
CA ILE D 241 16.46 -40.02 21.69
C ILE D 241 17.31 -39.72 20.46
N GLU D 242 17.05 -40.42 19.37
CA GLU D 242 17.78 -40.23 18.13
C GLU D 242 17.29 -39.06 17.29
N GLU D 243 18.22 -38.38 16.63
CA GLU D 243 17.91 -37.24 15.78
C GLU D 243 17.80 -37.70 14.34
N VAL D 244 16.78 -37.24 13.62
CA VAL D 244 16.62 -37.65 12.22
C VAL D 244 15.93 -36.60 11.36
N LYS D 245 16.52 -36.30 10.21
CA LYS D 245 15.94 -35.33 9.30
C LYS D 245 15.62 -35.98 7.94
N LEU D 246 14.40 -35.78 7.47
CA LEU D 246 13.95 -36.35 6.19
C LEU D 246 13.42 -35.32 5.21
N ASN D 247 13.22 -35.77 3.99
CA ASN D 247 12.66 -34.95 2.92
C ASN D 247 11.70 -35.88 2.21
N VAL D 248 10.60 -35.32 1.70
CA VAL D 248 9.60 -36.13 1.01
C VAL D 248 10.26 -37.05 -0.02
N THR D 249 11.36 -36.58 -0.60
CA THR D 249 12.07 -37.36 -1.61
C THR D 249 12.66 -38.66 -1.09
N ASP D 250 13.12 -38.68 0.16
CA ASP D 250 13.71 -39.89 0.71
C ASP D 250 12.71 -41.05 0.74
N PHE D 251 11.49 -40.77 0.31
CA PHE D 251 10.46 -41.80 0.25
C PHE D 251 10.33 -42.19 -1.22
N GLY D 252 11.28 -41.72 -2.03
CA GLY D 252 11.26 -42.01 -3.46
C GLY D 252 10.12 -41.35 -4.20
N ILE D 253 9.49 -40.38 -3.56
CA ILE D 253 8.35 -39.67 -4.12
C ILE D 253 8.76 -38.23 -4.43
N SER D 254 7.80 -37.41 -4.86
CA SER D 254 8.06 -36.01 -5.17
C SER D 254 7.18 -35.11 -4.32
N PRO D 255 7.53 -33.81 -4.19
CA PRO D 255 6.71 -32.91 -3.39
C PRO D 255 5.22 -32.98 -3.74
N ILE D 256 4.39 -33.00 -2.70
CA ILE D 256 2.96 -33.08 -2.89
C ILE D 256 2.34 -31.73 -2.60
N PRO D 257 1.35 -31.32 -3.41
CA PRO D 257 0.67 -30.03 -3.23
C PRO D 257 -0.21 -30.03 -1.98
N ILE D 258 0.14 -29.22 -0.99
CA ILE D 258 -0.65 -29.13 0.25
C ILE D 258 -2.05 -28.64 -0.08
N GLU D 259 -2.16 -27.95 -1.21
CA GLU D 259 -3.42 -27.41 -1.68
C GLU D 259 -4.44 -28.53 -1.88
N LYS D 260 -3.93 -29.72 -2.17
CA LYS D 260 -4.76 -30.90 -2.39
C LYS D 260 -4.89 -31.78 -1.15
N LEU D 261 -4.13 -31.44 -0.11
CA LEU D 261 -4.18 -32.21 1.13
C LEU D 261 -5.08 -31.53 2.13
N ILE D 262 -5.62 -30.37 1.75
CA ILE D 262 -6.49 -29.60 2.62
C ILE D 262 -7.94 -30.01 2.47
N VAL D 263 -8.64 -30.07 3.59
CA VAL D 263 -10.04 -30.45 3.66
C VAL D 263 -10.85 -29.31 4.30
N ASN D 264 -12.13 -29.24 3.97
CA ASN D 264 -12.99 -28.19 4.50
C ASN D 264 -14.19 -28.71 5.28
N SER D 265 -14.14 -29.97 5.68
CA SER D 265 -15.23 -30.57 6.46
C SER D 265 -14.95 -32.03 6.78
N ALA D 266 -15.77 -32.59 7.66
CA ALA D 266 -15.63 -33.98 8.06
C ALA D 266 -15.75 -34.86 6.82
N GLU D 267 -16.78 -34.61 6.02
CA GLU D 267 -17.01 -35.41 4.82
C GLU D 267 -15.98 -35.28 3.72
N ASP D 268 -15.45 -34.08 3.47
CA ASP D 268 -14.45 -33.92 2.43
C ASP D 268 -13.26 -34.78 2.77
N SER D 269 -13.00 -34.88 4.07
CA SER D 269 -11.88 -35.66 4.55
C SER D 269 -12.22 -37.14 4.33
N ALA D 270 -13.46 -37.50 4.63
CA ALA D 270 -13.94 -38.86 4.47
C ALA D 270 -13.94 -39.27 3.01
N ILE D 271 -13.96 -38.28 2.13
CA ILE D 271 -13.97 -38.56 0.70
C ILE D 271 -12.56 -38.61 0.14
N LYS D 272 -11.71 -37.66 0.54
CA LYS D 272 -10.33 -37.66 0.06
C LYS D 272 -9.74 -39.02 0.42
N ILE D 273 -9.98 -39.44 1.66
CA ILE D 273 -9.46 -40.71 2.16
C ILE D 273 -9.94 -41.91 1.37
N VAL D 274 -11.25 -42.11 1.30
CA VAL D 274 -11.80 -43.24 0.57
C VAL D 274 -11.33 -43.17 -0.88
N ARG D 275 -11.23 -41.94 -1.38
CA ARG D 275 -10.81 -41.74 -2.75
C ARG D 275 -9.39 -42.26 -2.96
N ALA D 276 -8.53 -42.10 -1.95
CA ALA D 276 -7.16 -42.59 -2.06
C ALA D 276 -7.13 -44.10 -1.94
N PHE D 277 -8.08 -44.66 -1.18
CA PHE D 277 -8.15 -46.10 -1.00
C PHE D 277 -8.60 -46.74 -2.29
N LEU D 278 -9.42 -45.99 -3.02
CA LEU D 278 -9.93 -46.44 -4.31
C LEU D 278 -8.82 -46.18 -5.32
N GLY D 279 -7.67 -45.71 -4.84
CA GLY D 279 -6.55 -45.42 -5.71
C GLY D 279 -6.88 -44.33 -6.72
N LYS D 280 -7.88 -43.53 -6.39
CA LYS D 280 -8.33 -42.46 -7.27
C LYS D 280 -7.79 -41.08 -6.88
N ASP D 281 -6.95 -41.04 -5.84
CA ASP D 281 -6.38 -39.77 -5.41
C ASP D 281 -4.91 -39.95 -5.06
N GLU D 282 -4.10 -40.05 -6.12
CA GLU D 282 -2.67 -40.22 -6.01
C GLU D 282 -2.04 -39.45 -4.85
N HIS D 283 -2.29 -38.14 -4.79
CA HIS D 283 -1.73 -37.27 -3.78
C HIS D 283 -2.12 -37.58 -2.34
N VAL D 284 -3.41 -37.63 -2.04
CA VAL D 284 -3.85 -37.96 -0.69
C VAL D 284 -3.19 -39.28 -0.29
N ALA D 285 -3.26 -40.26 -1.18
CA ALA D 285 -2.69 -41.58 -0.95
C ALA D 285 -1.19 -41.56 -0.69
N GLU D 286 -0.47 -40.65 -1.34
CA GLU D 286 0.96 -40.57 -1.15
C GLU D 286 1.26 -40.00 0.24
N PHE D 287 0.48 -39.01 0.64
CA PHE D 287 0.62 -38.38 1.95
C PHE D 287 0.41 -39.44 3.03
N ILE D 288 -0.60 -40.29 2.84
CA ILE D 288 -0.88 -41.34 3.79
C ILE D 288 0.29 -42.33 3.89
N LYS D 289 0.72 -42.84 2.74
CA LYS D 289 1.81 -43.82 2.70
C LYS D 289 3.08 -43.38 3.42
N ILE D 290 3.50 -42.13 3.23
CA ILE D 290 4.72 -41.64 3.85
C ILE D 290 4.64 -41.64 5.39
N ASN D 291 3.49 -41.25 5.94
CA ASN D 291 3.31 -41.26 7.39
C ASN D 291 3.31 -42.72 7.83
N THR D 292 2.48 -43.52 7.18
CA THR D 292 2.37 -44.94 7.49
C THR D 292 3.77 -45.55 7.48
N ALA D 293 4.57 -45.14 6.49
CA ALA D 293 5.95 -45.64 6.36
C ALA D 293 6.75 -45.43 7.63
N VAL D 294 6.71 -44.21 8.16
CA VAL D 294 7.46 -43.90 9.39
C VAL D 294 6.91 -44.72 10.55
N ALA D 295 5.60 -44.82 10.61
CA ALA D 295 4.96 -45.57 11.68
C ALA D 295 5.36 -47.05 11.61
N LEU D 296 5.72 -47.52 10.43
CA LEU D 296 6.14 -48.90 10.26
C LEU D 296 7.57 -49.01 10.72
N PHE D 297 8.36 -47.99 10.43
CA PHE D 297 9.75 -47.98 10.86
C PHE D 297 9.72 -48.11 12.37
N ALA D 298 8.73 -47.47 12.99
CA ALA D 298 8.58 -47.51 14.45
C ALA D 298 8.32 -48.93 14.97
N LEU D 299 7.40 -49.64 14.32
CA LEU D 299 7.09 -51.01 14.73
C LEU D 299 8.26 -51.93 14.40
N ASP D 300 9.26 -51.37 13.73
CA ASP D 300 10.46 -52.12 13.35
C ASP D 300 10.16 -53.29 12.43
N ARG D 301 9.27 -53.07 11.47
CA ARG D 301 8.93 -54.10 10.50
C ARG D 301 9.47 -53.63 9.16
N VAL D 302 10.41 -52.70 9.24
CA VAL D 302 11.07 -52.11 8.09
C VAL D 302 12.26 -51.40 8.73
N GLY D 303 13.46 -51.57 8.17
CA GLY D 303 14.62 -50.92 8.75
C GLY D 303 15.08 -49.79 7.86
N ASP D 304 14.20 -49.39 6.95
CA ASP D 304 14.51 -48.34 6.01
C ASP D 304 13.27 -47.49 5.69
N PHE D 305 13.44 -46.18 5.63
CA PHE D 305 12.33 -45.27 5.37
C PHE D 305 11.68 -45.38 4.01
N ARG D 306 12.35 -46.03 3.06
CA ARG D 306 11.75 -46.19 1.74
C ARG D 306 11.12 -47.57 1.67
N GLU D 307 11.66 -48.50 2.46
CA GLU D 307 11.12 -49.85 2.48
C GLU D 307 9.72 -49.75 3.09
N GLY D 308 9.57 -48.84 4.05
CA GLY D 308 8.30 -48.64 4.69
C GLY D 308 7.27 -48.03 3.75
N TYR D 309 7.73 -47.16 2.84
CA TYR D 309 6.83 -46.54 1.88
C TYR D 309 6.35 -47.60 0.91
N GLU D 310 7.24 -48.54 0.61
CA GLU D 310 6.91 -49.64 -0.30
C GLU D 310 5.89 -50.54 0.36
N TYR D 311 6.13 -50.90 1.61
CA TYR D 311 5.22 -51.76 2.35
C TYR D 311 3.86 -51.06 2.42
N ALA D 312 3.88 -49.75 2.68
CA ALA D 312 2.66 -48.97 2.76
C ALA D 312 1.92 -49.07 1.43
N ASP D 313 2.69 -49.12 0.34
CA ASP D 313 2.09 -49.22 -0.99
C ASP D 313 1.21 -50.47 -1.07
N HIS D 314 1.61 -51.52 -0.37
CA HIS D 314 0.81 -52.75 -0.35
C HIS D 314 -0.47 -52.47 0.43
N LEU D 315 -0.29 -52.33 1.73
CA LEU D 315 -1.38 -52.09 2.67
C LEU D 315 -2.55 -51.25 2.18
N ILE D 316 -2.28 -50.19 1.43
CA ILE D 316 -3.39 -49.34 0.99
C ILE D 316 -4.34 -50.06 0.04
N GLU D 317 -3.80 -51.04 -0.67
CA GLU D 317 -4.57 -51.81 -1.62
C GLU D 317 -5.67 -52.63 -0.92
N LYS D 318 -5.41 -53.03 0.32
CA LYS D 318 -6.39 -53.81 1.09
C LYS D 318 -7.11 -52.88 2.06
N SER D 319 -6.73 -51.61 2.05
CA SER D 319 -7.31 -50.63 2.97
C SER D 319 -8.82 -50.48 2.97
N LEU D 320 -9.39 -50.15 1.83
CA LEU D 320 -10.83 -49.99 1.77
C LEU D 320 -11.54 -51.20 2.39
N ASP D 321 -11.12 -52.41 2.02
CA ASP D 321 -11.74 -53.62 2.58
C ASP D 321 -11.63 -53.64 4.10
N LYS D 322 -10.46 -53.24 4.63
CA LYS D 322 -10.29 -53.20 6.07
C LYS D 322 -11.26 -52.21 6.67
N LEU D 323 -11.25 -50.99 6.14
CA LEU D 323 -12.15 -49.95 6.63
C LEU D 323 -13.57 -50.47 6.61
N ASN D 324 -13.91 -51.18 5.55
CA ASN D 324 -15.24 -51.74 5.40
C ASN D 324 -15.59 -52.65 6.57
N GLU D 325 -14.74 -53.63 6.86
CA GLU D 325 -15.01 -54.55 7.97
C GLU D 325 -14.99 -53.83 9.32
N ILE D 326 -14.15 -52.81 9.45
CA ILE D 326 -14.09 -52.06 10.71
C ILE D 326 -15.42 -51.35 10.97
N ILE D 327 -15.98 -50.76 9.93
CA ILE D 327 -17.24 -50.05 10.10
C ILE D 327 -18.45 -50.93 10.32
N SER D 328 -18.53 -52.05 9.63
CA SER D 328 -19.68 -52.91 9.84
C SER D 328 -19.67 -53.66 11.17
N MET D 329 -18.55 -53.64 11.88
CA MET D 329 -18.53 -54.31 13.19
C MET D 329 -18.85 -53.31 14.31
N ASN D 330 -18.49 -52.06 14.11
CA ASN D 330 -18.78 -51.01 15.09
C ASN D 330 -19.22 -49.76 14.33
N GLY D 331 -20.45 -49.78 13.82
CA GLY D 331 -20.93 -48.64 13.08
C GLY D 331 -21.96 -48.94 12.00
N ASP D 332 -22.21 -47.93 11.16
CA ASP D 332 -23.18 -48.03 10.07
C ASP D 332 -22.47 -48.05 8.70
N VAL D 333 -22.42 -49.23 8.10
CA VAL D 333 -21.77 -49.42 6.81
C VAL D 333 -22.42 -48.62 5.68
N THR D 334 -23.69 -48.30 5.87
CA THR D 334 -24.44 -47.53 4.88
C THR D 334 -23.65 -46.27 4.57
N LYS D 335 -23.52 -45.40 5.57
CA LYS D 335 -22.80 -44.16 5.42
C LYS D 335 -21.54 -44.37 4.60
N LEU D 336 -20.73 -45.32 5.02
CA LEU D 336 -19.49 -45.60 4.34
C LEU D 336 -19.66 -45.74 2.83
N LYS D 337 -20.62 -46.55 2.41
CA LYS D 337 -20.82 -46.75 0.99
C LYS D 337 -21.32 -45.52 0.25
N THR D 338 -22.18 -44.71 0.87
CA THR D 338 -22.64 -43.48 0.21
C THR D 338 -21.39 -42.61 -0.02
N ILE D 339 -20.43 -42.69 0.89
CA ILE D 339 -19.19 -41.93 0.73
C ILE D 339 -18.45 -42.54 -0.46
N VAL D 340 -18.44 -43.87 -0.54
CA VAL D 340 -17.78 -44.53 -1.65
C VAL D 340 -18.46 -44.07 -2.95
N VAL D 341 -19.79 -43.98 -2.90
CA VAL D 341 -20.55 -43.52 -4.05
C VAL D 341 -20.13 -42.09 -4.38
N LYS D 342 -19.91 -41.28 -3.35
CA LYS D 342 -19.51 -39.88 -3.54
C LYS D 342 -18.04 -39.74 -3.89
N SER D 343 -17.31 -40.83 -3.85
CA SER D 343 -15.90 -40.81 -4.19
C SER D 343 -15.78 -41.51 -5.53
N SER D 344 -16.90 -42.13 -5.92
CA SER D 344 -17.03 -42.89 -7.16
C SER D 344 -15.99 -44.01 -7.22
MG MG E . 0.58 8.65 48.89
MG MG F . 3.20 6.20 50.72
C1 PRP G . 1.18 7.98 50.94
C2 PRP G . 2.17 8.43 49.85
C3 PRP G . 2.27 7.26 48.88
C4 PRP G . 1.15 6.31 49.25
C5 PRP G . 1.52 4.87 49.41
O1 PRP G . 0.15 8.98 51.19
O2 PRP G . 1.78 9.65 49.24
O3 PRP G . 2.12 7.84 47.55
O4 PRP G . 0.58 6.81 50.50
O5 PRP G . 2.73 4.62 50.14
P PRP G . 2.80 4.27 51.73
O1P PRP G . 2.21 2.88 51.93
O2P PRP G . 4.27 4.36 52.15
O3P PRP G . 1.95 5.35 52.40
PA PRP G . -1.19 8.47 51.93
O1A PRP G . -0.84 7.79 53.19
O2A PRP G . -2.10 9.61 52.09
O3A PRP G . -1.71 7.34 50.93
PB PRP G . -2.26 7.41 49.38
O1B PRP G . -2.34 5.93 49.01
O2B PRP G . -1.26 8.14 48.54
O3B PRP G . -3.59 8.08 49.45
MG MG H . 7.72 38.63 -15.28
MG MG I . 10.80 36.46 -13.80
C1 PRP J . 8.77 38.03 -13.54
C2 PRP J . 9.56 38.50 -14.76
C3 PRP J . 9.62 37.31 -15.67
C4 PRP J . 8.53 36.36 -15.20
C5 PRP J . 8.97 34.97 -15.00
O1 PRP J . 7.81 39.05 -13.12
O2 PRP J . 8.94 39.61 -15.35
O3 PRP J . 9.40 37.82 -17.01
O4 PRP J . 8.09 36.88 -13.92
O5 PRP J . 10.26 34.86 -14.40
P PRP J . 10.55 34.56 -12.83
O1P PRP J . 9.94 33.20 -12.50
O2P PRP J . 12.06 34.64 -12.60
O3P PRP J . 9.81 35.70 -12.11
PA PRP J . 6.54 38.53 -12.26
O1A PRP J . 7.02 37.77 -11.13
O2A PRP J . 5.72 39.70 -11.95
O3A PRP J . 5.88 37.48 -13.27
PB PRP J . 5.13 37.63 -14.74
O1B PRP J . 4.81 36.18 -15.06
O2B PRP J . 6.07 38.22 -15.73
O3B PRP J . 3.93 38.48 -14.46
MG MG K . -0.77 -8.44 -47.69
MG MG L . 0.04 -5.56 -51.06
C1 PRP M . -1.42 -7.59 -49.79
C2 PRP M . 0.06 -7.88 -49.61
C3 PRP M . 0.61 -6.60 -49.06
C4 PRP M . -0.57 -5.93 -48.36
C5 PRP M . -0.68 -4.48 -48.59
O1 PRP M . -2.21 -8.78 -49.52
O2 PRP M . 0.26 -9.00 -48.78
O3 PRP M . 1.67 -6.98 -48.16
O4 PRP M . -1.75 -6.61 -48.88
O5 PRP M . -0.24 -4.06 -49.88
P PRP M . -1.20 -3.70 -51.13
O1P PRP M . -2.01 -2.45 -50.78
O2P PRP M . -0.30 -3.51 -52.35
O3P PRP M . -2.09 -4.95 -51.27
PA PRP M . -3.77 -8.57 -49.16
O1A PRP M . -4.41 -7.78 -50.20
O2A PRP M . -4.35 -9.90 -48.91
O3A PRP M . -3.67 -7.65 -47.83
PB PRP M . -3.06 -7.96 -46.33
O1B PRP M . -3.38 -6.67 -45.55
O2B PRP M . -1.61 -8.20 -46.44
O3B PRP M . -3.81 -9.15 -45.81
MG MG N . -2.75 -36.80 13.83
MG MG O . -1.73 -33.68 11.07
C1 PRP P . -3.21 -36.02 11.90
C2 PRP P . -1.72 -36.30 12.19
C3 PRP P . -1.26 -35.13 13.01
C4 PRP P . -2.51 -34.55 13.65
C5 PRP P . -2.58 -33.08 13.59
O1 PRP P . -4.00 -37.25 11.87
O2 PRP P . -1.53 -37.58 12.81
O3 PRP P . -0.28 -35.67 13.95
O4 PRP P . -3.65 -35.15 12.91
O5 PRP P . -2.17 -32.53 12.34
P PRP P . -3.19 -31.93 11.22
O1P PRP P . -3.96 -30.78 11.88
O2P PRP P . -2.36 -31.48 10.01
O3P PRP P . -4.08 -33.14 10.90
PA PRP P . -5.58 -37.16 12.12
O1A PRP P . -6.18 -36.25 11.14
O2A PRP P . -6.11 -38.54 12.12
O3A PRP P . -5.63 -36.44 13.55
PB PRP P . -5.13 -36.95 15.05
O1B PRP P . -5.56 -35.80 15.97
O2B PRP P . -3.66 -37.13 15.00
O3B PRP P . -5.86 -38.23 15.32
#